data_3QO4
# 
_entry.id   3QO4 
# 
_audit_conform.dict_name       mmcif_pdbx.dic 
_audit_conform.dict_version    5.397 
_audit_conform.dict_location   http://mmcif.pdb.org/dictionaries/ascii/mmcif_pdbx.dic 
# 
loop_
_database_2.database_id 
_database_2.database_code 
_database_2.pdbx_database_accession 
_database_2.pdbx_DOI 
PDB   3QO4         pdb_00003qo4 10.2210/pdb3qo4/pdb 
RCSB  RCSB063889   ?            ?                   
WWPDB D_1000063889 ?            ?                   
# 
loop_
_pdbx_audit_revision_history.ordinal 
_pdbx_audit_revision_history.data_content_type 
_pdbx_audit_revision_history.major_revision 
_pdbx_audit_revision_history.minor_revision 
_pdbx_audit_revision_history.revision_date 
1 'Structure model' 1 0 2011-05-18 
2 'Structure model' 1 1 2011-07-13 
3 'Structure model' 1 2 2012-02-29 
4 'Structure model' 1 3 2024-10-16 
# 
_pdbx_audit_revision_details.ordinal             1 
_pdbx_audit_revision_details.revision_ordinal    1 
_pdbx_audit_revision_details.data_content_type   'Structure model' 
_pdbx_audit_revision_details.provider            repository 
_pdbx_audit_revision_details.type                'Initial release' 
_pdbx_audit_revision_details.description         ? 
_pdbx_audit_revision_details.details             ? 
# 
loop_
_pdbx_audit_revision_group.ordinal 
_pdbx_audit_revision_group.revision_ordinal 
_pdbx_audit_revision_group.data_content_type 
_pdbx_audit_revision_group.group 
1 2 'Structure model' 'Version format compliance' 
2 3 'Structure model' 'Database references'       
3 4 'Structure model' 'Data collection'           
4 4 'Structure model' 'Database references'       
5 4 'Structure model' 'Derived calculations'      
6 4 'Structure model' 'Structure summary'         
# 
loop_
_pdbx_audit_revision_category.ordinal 
_pdbx_audit_revision_category.revision_ordinal 
_pdbx_audit_revision_category.data_content_type 
_pdbx_audit_revision_category.category 
1 4 'Structure model' chem_comp_atom            
2 4 'Structure model' chem_comp_bond            
3 4 'Structure model' database_2                
4 4 'Structure model' pdbx_entry_details        
5 4 'Structure model' pdbx_modification_feature 
6 4 'Structure model' struct_ref_seq_dif        
7 4 'Structure model' struct_site               
# 
loop_
_pdbx_audit_revision_item.ordinal 
_pdbx_audit_revision_item.revision_ordinal 
_pdbx_audit_revision_item.data_content_type 
_pdbx_audit_revision_item.item 
1 4 'Structure model' '_database_2.pdbx_DOI'                
2 4 'Structure model' '_database_2.pdbx_database_accession' 
3 4 'Structure model' '_struct_ref_seq_dif.details'         
4 4 'Structure model' '_struct_site.pdbx_auth_asym_id'      
5 4 'Structure model' '_struct_site.pdbx_auth_comp_id'      
6 4 'Structure model' '_struct_site.pdbx_auth_seq_id'       
# 
_pdbx_database_status.status_code                     REL 
_pdbx_database_status.entry_id                        3QO4 
_pdbx_database_status.recvd_initial_deposition_date   2011-02-09 
_pdbx_database_status.deposit_site                    RCSB 
_pdbx_database_status.process_site                    RCSB 
_pdbx_database_status.status_code_sf                  REL 
_pdbx_database_status.status_code_mr                  ? 
_pdbx_database_status.SG_entry                        ? 
_pdbx_database_status.status_code_cs                  ? 
_pdbx_database_status.pdb_format_compatible           Y 
_pdbx_database_status.status_code_nmr_data            ? 
_pdbx_database_status.methods_development_category    ? 
# 
loop_
_audit_author.name 
_audit_author.pdbx_ordinal 
'Kuester, M.'    1 
'Kemmerzehl, S.' 2 
'Dahms, S.O.'    3 
'Roeser, D.'     4 
'Than, M.E.'     5 
# 
_citation.id                        primary 
_citation.title                     
'The crystal structure of death receptor 6 (DR6): a potential receptor of the amyloid precursor protein (APP).' 
_citation.journal_abbrev            J.Mol.Biol. 
_citation.journal_volume            409 
_citation.page_first                189 
_citation.page_last                 201 
_citation.year                      2011 
_citation.journal_id_ASTM           JMOBAK 
_citation.country                   UK 
_citation.journal_id_ISSN           0022-2836 
_citation.journal_id_CSD            0070 
_citation.book_publisher            ? 
_citation.pdbx_database_id_PubMed   21463639 
_citation.pdbx_database_id_DOI      10.1016/j.jmb.2011.03.048 
# 
loop_
_citation_author.citation_id 
_citation_author.name 
_citation_author.ordinal 
_citation_author.identifier_ORCID 
primary 'Kuester, M.'    1 ? 
primary 'Kemmerzehl, S.' 2 ? 
primary 'Dahms, S.O.'    3 ? 
primary 'Roeser, D.'     4 ? 
primary 'Than, M.E.'     5 ? 
# 
loop_
_entity.id 
_entity.type 
_entity.src_method 
_entity.pdbx_description 
_entity.formula_weight 
_entity.pdbx_number_of_molecules 
_entity.pdbx_ec 
_entity.pdbx_mutation 
_entity.pdbx_fragment 
_entity.details 
1 polymer     man 'Tumor necrosis factor receptor superfamily member 21' 19648.445 1   ? ? 'unp residues 42-218' ? 
2 non-polymer syn 'ACETATE ION'                                          59.044    1   ? ? ?                     ? 
3 non-polymer syn 'SULFATE ION'                                          96.063    1   ? ? ?                     ? 
4 water       nat water                                                  18.015    211 ? ? ?                     ? 
# 
_entity_name_com.entity_id   1 
_entity_name_com.name        'Death receptor 6' 
# 
_entity_poly.entity_id                      1 
_entity_poly.type                           'polypeptide(L)' 
_entity_poly.nstd_linkage                   no 
_entity_poly.nstd_monomer                   no 
_entity_poly.pdbx_seq_one_letter_code       
;GSHMQPEQKASNLIGTYRHVDRATGQVLTCDKCPAGTYVSEHCTNTSLRVCSSCPVGTFTRHENGIEKCHDCSQPCPWPM
IEKLPCAALTDRECTCPPGMFQSNATCAPHTVCPVGWGVRKKGTETEDVRCKQCARGTFSDVPSSVMKCKAYTDCLSQNL
VVIKPGTKETDNVCGTLPSFS
;
_entity_poly.pdbx_seq_one_letter_code_can   
;GSHMQPEQKASNLIGTYRHVDRATGQVLTCDKCPAGTYVSEHCTNTSLRVCSSCPVGTFTRHENGIEKCHDCSQPCPWPM
IEKLPCAALTDRECTCPPGMFQSNATCAPHTVCPVGWGVRKKGTETEDVRCKQCARGTFSDVPSSVMKCKAYTDCLSQNL
VVIKPGTKETDNVCGTLPSFS
;
_entity_poly.pdbx_strand_id                 A 
_entity_poly.pdbx_target_identifier         ? 
# 
loop_
_pdbx_entity_nonpoly.entity_id 
_pdbx_entity_nonpoly.name 
_pdbx_entity_nonpoly.comp_id 
2 'ACETATE ION' ACT 
3 'SULFATE ION' SO4 
4 water         HOH 
# 
loop_
_entity_poly_seq.entity_id 
_entity_poly_seq.num 
_entity_poly_seq.mon_id 
_entity_poly_seq.hetero 
1 1   GLY n 
1 2   SER n 
1 3   HIS n 
1 4   MET n 
1 5   GLN n 
1 6   PRO n 
1 7   GLU n 
1 8   GLN n 
1 9   LYS n 
1 10  ALA n 
1 11  SER n 
1 12  ASN n 
1 13  LEU n 
1 14  ILE n 
1 15  GLY n 
1 16  THR n 
1 17  TYR n 
1 18  ARG n 
1 19  HIS n 
1 20  VAL n 
1 21  ASP n 
1 22  ARG n 
1 23  ALA n 
1 24  THR n 
1 25  GLY n 
1 26  GLN n 
1 27  VAL n 
1 28  LEU n 
1 29  THR n 
1 30  CYS n 
1 31  ASP n 
1 32  LYS n 
1 33  CYS n 
1 34  PRO n 
1 35  ALA n 
1 36  GLY n 
1 37  THR n 
1 38  TYR n 
1 39  VAL n 
1 40  SER n 
1 41  GLU n 
1 42  HIS n 
1 43  CYS n 
1 44  THR n 
1 45  ASN n 
1 46  THR n 
1 47  SER n 
1 48  LEU n 
1 49  ARG n 
1 50  VAL n 
1 51  CYS n 
1 52  SER n 
1 53  SER n 
1 54  CYS n 
1 55  PRO n 
1 56  VAL n 
1 57  GLY n 
1 58  THR n 
1 59  PHE n 
1 60  THR n 
1 61  ARG n 
1 62  HIS n 
1 63  GLU n 
1 64  ASN n 
1 65  GLY n 
1 66  ILE n 
1 67  GLU n 
1 68  LYS n 
1 69  CYS n 
1 70  HIS n 
1 71  ASP n 
1 72  CYS n 
1 73  SER n 
1 74  GLN n 
1 75  PRO n 
1 76  CYS n 
1 77  PRO n 
1 78  TRP n 
1 79  PRO n 
1 80  MET n 
1 81  ILE n 
1 82  GLU n 
1 83  LYS n 
1 84  LEU n 
1 85  PRO n 
1 86  CYS n 
1 87  ALA n 
1 88  ALA n 
1 89  LEU n 
1 90  THR n 
1 91  ASP n 
1 92  ARG n 
1 93  GLU n 
1 94  CYS n 
1 95  THR n 
1 96  CYS n 
1 97  PRO n 
1 98  PRO n 
1 99  GLY n 
1 100 MET n 
1 101 PHE n 
1 102 GLN n 
1 103 SER n 
1 104 ASN n 
1 105 ALA n 
1 106 THR n 
1 107 CYS n 
1 108 ALA n 
1 109 PRO n 
1 110 HIS n 
1 111 THR n 
1 112 VAL n 
1 113 CYS n 
1 114 PRO n 
1 115 VAL n 
1 116 GLY n 
1 117 TRP n 
1 118 GLY n 
1 119 VAL n 
1 120 ARG n 
1 121 LYS n 
1 122 LYS n 
1 123 GLY n 
1 124 THR n 
1 125 GLU n 
1 126 THR n 
1 127 GLU n 
1 128 ASP n 
1 129 VAL n 
1 130 ARG n 
1 131 CYS n 
1 132 LYS n 
1 133 GLN n 
1 134 CYS n 
1 135 ALA n 
1 136 ARG n 
1 137 GLY n 
1 138 THR n 
1 139 PHE n 
1 140 SER n 
1 141 ASP n 
1 142 VAL n 
1 143 PRO n 
1 144 SER n 
1 145 SER n 
1 146 VAL n 
1 147 MET n 
1 148 LYS n 
1 149 CYS n 
1 150 LYS n 
1 151 ALA n 
1 152 TYR n 
1 153 THR n 
1 154 ASP n 
1 155 CYS n 
1 156 LEU n 
1 157 SER n 
1 158 GLN n 
1 159 ASN n 
1 160 LEU n 
1 161 VAL n 
1 162 VAL n 
1 163 ILE n 
1 164 LYS n 
1 165 PRO n 
1 166 GLY n 
1 167 THR n 
1 168 LYS n 
1 169 GLU n 
1 170 THR n 
1 171 ASP n 
1 172 ASN n 
1 173 VAL n 
1 174 CYS n 
1 175 GLY n 
1 176 THR n 
1 177 LEU n 
1 178 PRO n 
1 179 SER n 
1 180 PHE n 
1 181 SER n 
# 
_entity_src_gen.entity_id                          1 
_entity_src_gen.pdbx_src_id                        1 
_entity_src_gen.pdbx_alt_source_flag               sample 
_entity_src_gen.pdbx_seq_type                      ? 
_entity_src_gen.pdbx_beg_seq_num                   ? 
_entity_src_gen.pdbx_end_seq_num                   ? 
_entity_src_gen.gene_src_common_name               human 
_entity_src_gen.gene_src_genus                     ? 
_entity_src_gen.pdbx_gene_src_gene                 'TNFRSF21, DR6, UNQ437/PRO868' 
_entity_src_gen.gene_src_species                   ? 
_entity_src_gen.gene_src_strain                    ? 
_entity_src_gen.gene_src_tissue                    ? 
_entity_src_gen.gene_src_tissue_fraction           ? 
_entity_src_gen.gene_src_details                   ? 
_entity_src_gen.pdbx_gene_src_fragment             ? 
_entity_src_gen.pdbx_gene_src_scientific_name      'Homo sapiens' 
_entity_src_gen.pdbx_gene_src_ncbi_taxonomy_id     9606 
_entity_src_gen.pdbx_gene_src_variant              ? 
_entity_src_gen.pdbx_gene_src_cell_line            ? 
_entity_src_gen.pdbx_gene_src_atcc                 ? 
_entity_src_gen.pdbx_gene_src_organ                ? 
_entity_src_gen.pdbx_gene_src_organelle            ? 
_entity_src_gen.pdbx_gene_src_cell                 ? 
_entity_src_gen.pdbx_gene_src_cellular_location    ? 
_entity_src_gen.host_org_common_name               ? 
_entity_src_gen.pdbx_host_org_scientific_name      'Escherichia coli' 
_entity_src_gen.pdbx_host_org_ncbi_taxonomy_id     562 
_entity_src_gen.host_org_genus                     ? 
_entity_src_gen.pdbx_host_org_gene                 ? 
_entity_src_gen.pdbx_host_org_organ                ? 
_entity_src_gen.host_org_species                   ? 
_entity_src_gen.pdbx_host_org_tissue               ? 
_entity_src_gen.pdbx_host_org_tissue_fraction      ? 
_entity_src_gen.pdbx_host_org_strain               'Origami2(DE3)' 
_entity_src_gen.pdbx_host_org_variant              ? 
_entity_src_gen.pdbx_host_org_cell_line            ? 
_entity_src_gen.pdbx_host_org_atcc                 ? 
_entity_src_gen.pdbx_host_org_culture_collection   ? 
_entity_src_gen.pdbx_host_org_cell                 ? 
_entity_src_gen.pdbx_host_org_organelle            ? 
_entity_src_gen.pdbx_host_org_cellular_location    ? 
_entity_src_gen.pdbx_host_org_vector_type          ? 
_entity_src_gen.pdbx_host_org_vector               ? 
_entity_src_gen.host_org_details                   ? 
_entity_src_gen.expression_system_id               ? 
_entity_src_gen.plasmid_name                       ? 
_entity_src_gen.plasmid_details                    ? 
_entity_src_gen.pdbx_description                   ? 
# 
loop_
_chem_comp.id 
_chem_comp.type 
_chem_comp.mon_nstd_flag 
_chem_comp.name 
_chem_comp.pdbx_synonyms 
_chem_comp.formula 
_chem_comp.formula_weight 
ACT non-polymer         . 'ACETATE ION'   ? 'C2 H3 O2 -1'    59.044  
ALA 'L-peptide linking' y ALANINE         ? 'C3 H7 N O2'     89.093  
ARG 'L-peptide linking' y ARGININE        ? 'C6 H15 N4 O2 1' 175.209 
ASN 'L-peptide linking' y ASPARAGINE      ? 'C4 H8 N2 O3'    132.118 
ASP 'L-peptide linking' y 'ASPARTIC ACID' ? 'C4 H7 N O4'     133.103 
CYS 'L-peptide linking' y CYSTEINE        ? 'C3 H7 N O2 S'   121.158 
GLN 'L-peptide linking' y GLUTAMINE       ? 'C5 H10 N2 O3'   146.144 
GLU 'L-peptide linking' y 'GLUTAMIC ACID' ? 'C5 H9 N O4'     147.129 
GLY 'peptide linking'   y GLYCINE         ? 'C2 H5 N O2'     75.067  
HIS 'L-peptide linking' y HISTIDINE       ? 'C6 H10 N3 O2 1' 156.162 
HOH non-polymer         . WATER           ? 'H2 O'           18.015  
ILE 'L-peptide linking' y ISOLEUCINE      ? 'C6 H13 N O2'    131.173 
LEU 'L-peptide linking' y LEUCINE         ? 'C6 H13 N O2'    131.173 
LYS 'L-peptide linking' y LYSINE          ? 'C6 H15 N2 O2 1' 147.195 
MET 'L-peptide linking' y METHIONINE      ? 'C5 H11 N O2 S'  149.211 
PHE 'L-peptide linking' y PHENYLALANINE   ? 'C9 H11 N O2'    165.189 
PRO 'L-peptide linking' y PROLINE         ? 'C5 H9 N O2'     115.130 
SER 'L-peptide linking' y SERINE          ? 'C3 H7 N O3'     105.093 
SO4 non-polymer         . 'SULFATE ION'   ? 'O4 S -2'        96.063  
THR 'L-peptide linking' y THREONINE       ? 'C4 H9 N O3'     119.119 
TRP 'L-peptide linking' y TRYPTOPHAN      ? 'C11 H12 N2 O2'  204.225 
TYR 'L-peptide linking' y TYROSINE        ? 'C9 H11 N O3'    181.189 
VAL 'L-peptide linking' y VALINE          ? 'C5 H11 N O2'    117.146 
# 
loop_
_pdbx_poly_seq_scheme.asym_id 
_pdbx_poly_seq_scheme.entity_id 
_pdbx_poly_seq_scheme.seq_id 
_pdbx_poly_seq_scheme.mon_id 
_pdbx_poly_seq_scheme.ndb_seq_num 
_pdbx_poly_seq_scheme.pdb_seq_num 
_pdbx_poly_seq_scheme.auth_seq_num 
_pdbx_poly_seq_scheme.pdb_mon_id 
_pdbx_poly_seq_scheme.auth_mon_id 
_pdbx_poly_seq_scheme.pdb_strand_id 
_pdbx_poly_seq_scheme.pdb_ins_code 
_pdbx_poly_seq_scheme.hetero 
A 1 1   GLY 1   38  ?   ?   ?   A . n 
A 1 2   SER 2   39  ?   ?   ?   A . n 
A 1 3   HIS 3   40  ?   ?   ?   A . n 
A 1 4   MET 4   41  ?   ?   ?   A . n 
A 1 5   GLN 5   42  ?   ?   ?   A . n 
A 1 6   PRO 6   43  ?   ?   ?   A . n 
A 1 7   GLU 7   44  ?   ?   ?   A . n 
A 1 8   GLN 8   45  ?   ?   ?   A . n 
A 1 9   LYS 9   46  ?   ?   ?   A . n 
A 1 10  ALA 10  47  ?   ?   ?   A . n 
A 1 11  SER 11  48  ?   ?   ?   A . n 
A 1 12  ASN 12  49  ?   ?   ?   A . n 
A 1 13  LEU 13  50  50  LEU LEU A . n 
A 1 14  ILE 14  51  51  ILE ILE A . n 
A 1 15  GLY 15  52  52  GLY GLY A . n 
A 1 16  THR 16  53  53  THR THR A . n 
A 1 17  TYR 17  54  54  TYR TYR A . n 
A 1 18  ARG 18  55  55  ARG ARG A . n 
A 1 19  HIS 19  56  56  HIS HIS A . n 
A 1 20  VAL 20  57  57  VAL VAL A . n 
A 1 21  ASP 21  58  58  ASP ASP A . n 
A 1 22  ARG 22  59  59  ARG ARG A . n 
A 1 23  ALA 23  60  60  ALA ALA A . n 
A 1 24  THR 24  61  61  THR THR A . n 
A 1 25  GLY 25  62  62  GLY GLY A . n 
A 1 26  GLN 26  63  63  GLN GLN A . n 
A 1 27  VAL 27  64  64  VAL VAL A . n 
A 1 28  LEU 28  65  65  LEU LEU A . n 
A 1 29  THR 29  66  66  THR THR A . n 
A 1 30  CYS 30  67  67  CYS CYS A . n 
A 1 31  ASP 31  68  68  ASP ASP A . n 
A 1 32  LYS 32  69  69  LYS LYS A . n 
A 1 33  CYS 33  70  70  CYS CYS A . n 
A 1 34  PRO 34  71  71  PRO PRO A . n 
A 1 35  ALA 35  72  72  ALA ALA A . n 
A 1 36  GLY 36  73  73  GLY GLY A . n 
A 1 37  THR 37  74  74  THR THR A . n 
A 1 38  TYR 38  75  75  TYR TYR A . n 
A 1 39  VAL 39  76  76  VAL VAL A . n 
A 1 40  SER 40  77  77  SER SER A . n 
A 1 41  GLU 41  78  78  GLU GLU A . n 
A 1 42  HIS 42  79  79  HIS HIS A . n 
A 1 43  CYS 43  80  80  CYS CYS A . n 
A 1 44  THR 44  81  81  THR THR A . n 
A 1 45  ASN 45  82  82  ASN ASN A . n 
A 1 46  THR 46  83  83  THR THR A . n 
A 1 47  SER 47  84  84  SER SER A . n 
A 1 48  LEU 48  85  85  LEU LEU A . n 
A 1 49  ARG 49  86  86  ARG ARG A . n 
A 1 50  VAL 50  87  87  VAL VAL A . n 
A 1 51  CYS 51  88  88  CYS CYS A . n 
A 1 52  SER 52  89  89  SER SER A . n 
A 1 53  SER 53  90  90  SER SER A . n 
A 1 54  CYS 54  91  91  CYS CYS A . n 
A 1 55  PRO 55  92  92  PRO PRO A . n 
A 1 56  VAL 56  93  93  VAL VAL A . n 
A 1 57  GLY 57  94  94  GLY GLY A . n 
A 1 58  THR 58  95  95  THR THR A . n 
A 1 59  PHE 59  96  96  PHE PHE A . n 
A 1 60  THR 60  97  97  THR THR A . n 
A 1 61  ARG 61  98  98  ARG ARG A . n 
A 1 62  HIS 62  99  99  HIS HIS A . n 
A 1 63  GLU 63  100 100 GLU GLU A . n 
A 1 64  ASN 64  101 101 ASN ASN A . n 
A 1 65  GLY 65  102 102 GLY GLY A . n 
A 1 66  ILE 66  103 103 ILE ILE A . n 
A 1 67  GLU 67  104 104 GLU GLU A . n 
A 1 68  LYS 68  105 105 LYS LYS A . n 
A 1 69  CYS 69  106 106 CYS CYS A . n 
A 1 70  HIS 70  107 107 HIS HIS A . n 
A 1 71  ASP 71  108 108 ASP ASP A . n 
A 1 72  CYS 72  109 109 CYS CYS A . n 
A 1 73  SER 73  110 110 SER SER A . n 
A 1 74  GLN 74  111 111 GLN GLN A . n 
A 1 75  PRO 75  112 112 PRO PRO A . n 
A 1 76  CYS 76  113 113 CYS CYS A . n 
A 1 77  PRO 77  114 114 PRO PRO A . n 
A 1 78  TRP 78  115 115 TRP TRP A . n 
A 1 79  PRO 79  116 116 PRO PRO A . n 
A 1 80  MET 80  117 117 MET MET A . n 
A 1 81  ILE 81  118 118 ILE ILE A . n 
A 1 82  GLU 82  119 119 GLU GLU A . n 
A 1 83  LYS 83  120 120 LYS LYS A . n 
A 1 84  LEU 84  121 121 LEU LEU A . n 
A 1 85  PRO 85  122 122 PRO PRO A . n 
A 1 86  CYS 86  123 123 CYS CYS A . n 
A 1 87  ALA 87  124 124 ALA ALA A . n 
A 1 88  ALA 88  125 125 ALA ALA A . n 
A 1 89  LEU 89  126 126 LEU LEU A . n 
A 1 90  THR 90  127 127 THR THR A . n 
A 1 91  ASP 91  128 128 ASP ASP A . n 
A 1 92  ARG 92  129 129 ARG ARG A . n 
A 1 93  GLU 93  130 130 GLU GLU A . n 
A 1 94  CYS 94  131 131 CYS CYS A . n 
A 1 95  THR 95  132 132 THR THR A . n 
A 1 96  CYS 96  133 133 CYS CYS A . n 
A 1 97  PRO 97  134 134 PRO PRO A . n 
A 1 98  PRO 98  135 135 PRO PRO A . n 
A 1 99  GLY 99  136 136 GLY GLY A . n 
A 1 100 MET 100 137 137 MET MET A . n 
A 1 101 PHE 101 138 138 PHE PHE A . n 
A 1 102 GLN 102 139 139 GLN GLN A . n 
A 1 103 SER 103 140 140 SER SER A . n 
A 1 104 ASN 104 141 141 ASN ASN A . n 
A 1 105 ALA 105 142 142 ALA ALA A . n 
A 1 106 THR 106 143 143 THR THR A . n 
A 1 107 CYS 107 144 144 CYS CYS A . n 
A 1 108 ALA 108 145 145 ALA ALA A . n 
A 1 109 PRO 109 146 146 PRO PRO A . n 
A 1 110 HIS 110 147 147 HIS HIS A . n 
A 1 111 THR 111 148 148 THR THR A . n 
A 1 112 VAL 112 149 149 VAL VAL A . n 
A 1 113 CYS 113 150 150 CYS CYS A . n 
A 1 114 PRO 114 151 151 PRO PRO A . n 
A 1 115 VAL 115 152 152 VAL VAL A . n 
A 1 116 GLY 116 153 153 GLY GLY A . n 
A 1 117 TRP 117 154 154 TRP TRP A . n 
A 1 118 GLY 118 155 155 GLY GLY A . n 
A 1 119 VAL 119 156 156 VAL VAL A . n 
A 1 120 ARG 120 157 157 ARG ARG A . n 
A 1 121 LYS 121 158 158 LYS LYS A . n 
A 1 122 LYS 122 159 159 LYS LYS A . n 
A 1 123 GLY 123 160 160 GLY GLY A . n 
A 1 124 THR 124 161 161 THR THR A . n 
A 1 125 GLU 125 162 162 GLU GLU A . n 
A 1 126 THR 126 163 163 THR THR A . n 
A 1 127 GLU 127 164 164 GLU GLU A . n 
A 1 128 ASP 128 165 165 ASP ASP A . n 
A 1 129 VAL 129 166 166 VAL VAL A . n 
A 1 130 ARG 130 167 167 ARG ARG A . n 
A 1 131 CYS 131 168 168 CYS CYS A . n 
A 1 132 LYS 132 169 169 LYS LYS A . n 
A 1 133 GLN 133 170 170 GLN GLN A . n 
A 1 134 CYS 134 171 171 CYS CYS A . n 
A 1 135 ALA 135 172 172 ALA ALA A . n 
A 1 136 ARG 136 173 173 ARG ARG A . n 
A 1 137 GLY 137 174 174 GLY GLY A . n 
A 1 138 THR 138 175 175 THR THR A . n 
A 1 139 PHE 139 176 176 PHE PHE A . n 
A 1 140 SER 140 177 177 SER SER A . n 
A 1 141 ASP 141 178 178 ASP ASP A . n 
A 1 142 VAL 142 179 179 VAL VAL A . n 
A 1 143 PRO 143 180 180 PRO PRO A . n 
A 1 144 SER 144 181 181 SER SER A . n 
A 1 145 SER 145 182 182 SER SER A . n 
A 1 146 VAL 146 183 183 VAL VAL A . n 
A 1 147 MET 147 184 184 MET MET A . n 
A 1 148 LYS 148 185 185 LYS LYS A . n 
A 1 149 CYS 149 186 186 CYS CYS A . n 
A 1 150 LYS 150 187 187 LYS LYS A . n 
A 1 151 ALA 151 188 188 ALA ALA A . n 
A 1 152 TYR 152 189 189 TYR TYR A . n 
A 1 153 THR 153 190 190 THR THR A . n 
A 1 154 ASP 154 191 191 ASP ASP A . n 
A 1 155 CYS 155 192 192 CYS CYS A . n 
A 1 156 LEU 156 193 193 LEU LEU A . n 
A 1 157 SER 157 194 194 SER SER A . n 
A 1 158 GLN 158 195 195 GLN GLN A . n 
A 1 159 ASN 159 196 196 ASN ASN A . n 
A 1 160 LEU 160 197 197 LEU LEU A . n 
A 1 161 VAL 161 198 198 VAL VAL A . n 
A 1 162 VAL 162 199 199 VAL VAL A . n 
A 1 163 ILE 163 200 200 ILE ILE A . n 
A 1 164 LYS 164 201 201 LYS LYS A . n 
A 1 165 PRO 165 202 202 PRO PRO A . n 
A 1 166 GLY 166 203 203 GLY GLY A . n 
A 1 167 THR 167 204 204 THR THR A . n 
A 1 168 LYS 168 205 205 LYS LYS A . n 
A 1 169 GLU 169 206 206 GLU GLU A . n 
A 1 170 THR 170 207 207 THR THR A . n 
A 1 171 ASP 171 208 208 ASP ASP A . n 
A 1 172 ASN 172 209 209 ASN ASN A . n 
A 1 173 VAL 173 210 210 VAL VAL A . n 
A 1 174 CYS 174 211 211 CYS CYS A . n 
A 1 175 GLY 175 212 212 GLY GLY A . n 
A 1 176 THR 176 213 ?   ?   ?   A . n 
A 1 177 LEU 177 214 ?   ?   ?   A . n 
A 1 178 PRO 178 215 ?   ?   ?   A . n 
A 1 179 SER 179 216 ?   ?   ?   A . n 
A 1 180 PHE 180 217 ?   ?   ?   A . n 
A 1 181 SER 181 218 ?   ?   ?   A . n 
# 
loop_
_pdbx_nonpoly_scheme.asym_id 
_pdbx_nonpoly_scheme.entity_id 
_pdbx_nonpoly_scheme.mon_id 
_pdbx_nonpoly_scheme.ndb_seq_num 
_pdbx_nonpoly_scheme.pdb_seq_num 
_pdbx_nonpoly_scheme.auth_seq_num 
_pdbx_nonpoly_scheme.pdb_mon_id 
_pdbx_nonpoly_scheme.auth_mon_id 
_pdbx_nonpoly_scheme.pdb_strand_id 
_pdbx_nonpoly_scheme.pdb_ins_code 
B 2 ACT 1   1   1   ACT ACT A . 
C 3 SO4 1   2   2   SO4 SO4 A . 
D 4 HOH 1   219 219 HOH HOH A . 
D 4 HOH 2   220 220 HOH HOH A . 
D 4 HOH 3   221 221 HOH HOH A . 
D 4 HOH 4   222 222 HOH HOH A . 
D 4 HOH 5   223 223 HOH HOH A . 
D 4 HOH 6   224 224 HOH HOH A . 
D 4 HOH 7   225 225 HOH HOH A . 
D 4 HOH 8   226 226 HOH HOH A . 
D 4 HOH 9   227 227 HOH HOH A . 
D 4 HOH 10  228 228 HOH HOH A . 
D 4 HOH 11  229 229 HOH HOH A . 
D 4 HOH 12  230 230 HOH HOH A . 
D 4 HOH 13  231 231 HOH HOH A . 
D 4 HOH 14  232 232 HOH HOH A . 
D 4 HOH 15  233 233 HOH HOH A . 
D 4 HOH 16  234 234 HOH HOH A . 
D 4 HOH 17  235 235 HOH HOH A . 
D 4 HOH 18  236 236 HOH HOH A . 
D 4 HOH 19  237 237 HOH HOH A . 
D 4 HOH 20  238 238 HOH HOH A . 
D 4 HOH 21  239 239 HOH HOH A . 
D 4 HOH 22  240 240 HOH HOH A . 
D 4 HOH 23  241 241 HOH HOH A . 
D 4 HOH 24  242 242 HOH HOH A . 
D 4 HOH 25  243 243 HOH HOH A . 
D 4 HOH 26  244 244 HOH HOH A . 
D 4 HOH 27  245 245 HOH HOH A . 
D 4 HOH 28  246 246 HOH HOH A . 
D 4 HOH 29  247 247 HOH HOH A . 
D 4 HOH 30  248 248 HOH HOH A . 
D 4 HOH 31  249 249 HOH HOH A . 
D 4 HOH 32  250 250 HOH HOH A . 
D 4 HOH 33  251 251 HOH HOH A . 
D 4 HOH 34  252 252 HOH HOH A . 
D 4 HOH 35  253 253 HOH HOH A . 
D 4 HOH 36  254 254 HOH HOH A . 
D 4 HOH 37  255 255 HOH HOH A . 
D 4 HOH 38  256 256 HOH HOH A . 
D 4 HOH 39  257 257 HOH HOH A . 
D 4 HOH 40  258 258 HOH HOH A . 
D 4 HOH 41  259 259 HOH HOH A . 
D 4 HOH 42  260 260 HOH HOH A . 
D 4 HOH 43  261 261 HOH HOH A . 
D 4 HOH 44  262 262 HOH HOH A . 
D 4 HOH 45  263 263 HOH HOH A . 
D 4 HOH 46  264 264 HOH HOH A . 
D 4 HOH 47  265 265 HOH HOH A . 
D 4 HOH 48  266 266 HOH HOH A . 
D 4 HOH 49  267 267 HOH HOH A . 
D 4 HOH 50  268 268 HOH HOH A . 
D 4 HOH 51  269 269 HOH HOH A . 
D 4 HOH 52  270 270 HOH HOH A . 
D 4 HOH 53  271 271 HOH HOH A . 
D 4 HOH 54  272 272 HOH HOH A . 
D 4 HOH 55  273 273 HOH HOH A . 
D 4 HOH 56  274 274 HOH HOH A . 
D 4 HOH 57  275 275 HOH HOH A . 
D 4 HOH 58  276 276 HOH HOH A . 
D 4 HOH 59  277 277 HOH HOH A . 
D 4 HOH 60  278 278 HOH HOH A . 
D 4 HOH 61  279 279 HOH HOH A . 
D 4 HOH 62  280 280 HOH HOH A . 
D 4 HOH 63  281 281 HOH HOH A . 
D 4 HOH 64  282 282 HOH HOH A . 
D 4 HOH 65  283 283 HOH HOH A . 
D 4 HOH 66  284 284 HOH HOH A . 
D 4 HOH 67  285 285 HOH HOH A . 
D 4 HOH 68  286 286 HOH HOH A . 
D 4 HOH 69  287 287 HOH HOH A . 
D 4 HOH 70  288 288 HOH HOH A . 
D 4 HOH 71  289 289 HOH HOH A . 
D 4 HOH 72  290 290 HOH HOH A . 
D 4 HOH 73  291 291 HOH HOH A . 
D 4 HOH 74  292 292 HOH HOH A . 
D 4 HOH 75  293 293 HOH HOH A . 
D 4 HOH 76  294 294 HOH HOH A . 
D 4 HOH 77  295 295 HOH HOH A . 
D 4 HOH 78  296 296 HOH HOH A . 
D 4 HOH 79  297 297 HOH HOH A . 
D 4 HOH 80  298 298 HOH HOH A . 
D 4 HOH 81  299 299 HOH HOH A . 
D 4 HOH 82  300 300 HOH HOH A . 
D 4 HOH 83  301 301 HOH HOH A . 
D 4 HOH 84  302 302 HOH HOH A . 
D 4 HOH 85  303 303 HOH HOH A . 
D 4 HOH 86  304 304 HOH HOH A . 
D 4 HOH 87  305 305 HOH HOH A . 
D 4 HOH 88  306 306 HOH HOH A . 
D 4 HOH 89  307 307 HOH HOH A . 
D 4 HOH 90  308 308 HOH HOH A . 
D 4 HOH 91  309 309 HOH HOH A . 
D 4 HOH 92  310 310 HOH HOH A . 
D 4 HOH 93  311 311 HOH HOH A . 
D 4 HOH 94  312 312 HOH HOH A . 
D 4 HOH 95  313 313 HOH HOH A . 
D 4 HOH 96  314 314 HOH HOH A . 
D 4 HOH 97  315 315 HOH HOH A . 
D 4 HOH 98  316 316 HOH HOH A . 
D 4 HOH 99  317 317 HOH HOH A . 
D 4 HOH 100 318 318 HOH HOH A . 
D 4 HOH 101 319 319 HOH HOH A . 
D 4 HOH 102 320 320 HOH HOH A . 
D 4 HOH 103 321 321 HOH HOH A . 
D 4 HOH 104 322 322 HOH HOH A . 
D 4 HOH 105 323 323 HOH HOH A . 
D 4 HOH 106 324 324 HOH HOH A . 
D 4 HOH 107 325 325 HOH HOH A . 
D 4 HOH 108 326 326 HOH HOH A . 
D 4 HOH 109 327 327 HOH HOH A . 
D 4 HOH 110 328 328 HOH HOH A . 
D 4 HOH 111 329 329 HOH HOH A . 
D 4 HOH 112 330 330 HOH HOH A . 
D 4 HOH 113 331 331 HOH HOH A . 
D 4 HOH 114 332 332 HOH HOH A . 
D 4 HOH 115 333 333 HOH HOH A . 
D 4 HOH 116 334 334 HOH HOH A . 
D 4 HOH 117 335 335 HOH HOH A . 
D 4 HOH 118 336 336 HOH HOH A . 
D 4 HOH 119 337 337 HOH HOH A . 
D 4 HOH 120 338 338 HOH HOH A . 
D 4 HOH 121 339 339 HOH HOH A . 
D 4 HOH 122 340 340 HOH HOH A . 
D 4 HOH 123 341 341 HOH HOH A . 
D 4 HOH 124 342 342 HOH HOH A . 
D 4 HOH 125 343 343 HOH HOH A . 
D 4 HOH 126 344 344 HOH HOH A . 
D 4 HOH 127 345 345 HOH HOH A . 
D 4 HOH 128 346 346 HOH HOH A . 
D 4 HOH 129 347 347 HOH HOH A . 
D 4 HOH 130 348 348 HOH HOH A . 
D 4 HOH 131 349 349 HOH HOH A . 
D 4 HOH 132 350 350 HOH HOH A . 
D 4 HOH 133 351 351 HOH HOH A . 
D 4 HOH 134 352 352 HOH HOH A . 
D 4 HOH 135 353 353 HOH HOH A . 
D 4 HOH 136 354 354 HOH HOH A . 
D 4 HOH 137 355 355 HOH HOH A . 
D 4 HOH 138 356 356 HOH HOH A . 
D 4 HOH 139 357 357 HOH HOH A . 
D 4 HOH 140 358 358 HOH HOH A . 
D 4 HOH 141 359 359 HOH HOH A . 
D 4 HOH 142 360 360 HOH HOH A . 
D 4 HOH 143 361 361 HOH HOH A . 
D 4 HOH 144 362 362 HOH HOH A . 
D 4 HOH 145 363 363 HOH HOH A . 
D 4 HOH 146 364 364 HOH HOH A . 
D 4 HOH 147 365 365 HOH HOH A . 
D 4 HOH 148 366 366 HOH HOH A . 
D 4 HOH 149 367 367 HOH HOH A . 
D 4 HOH 150 368 368 HOH HOH A . 
D 4 HOH 151 369 369 HOH HOH A . 
D 4 HOH 152 370 370 HOH HOH A . 
D 4 HOH 153 371 371 HOH HOH A . 
D 4 HOH 154 372 372 HOH HOH A . 
D 4 HOH 155 373 373 HOH HOH A . 
D 4 HOH 156 374 374 HOH HOH A . 
D 4 HOH 157 375 375 HOH HOH A . 
D 4 HOH 158 376 376 HOH HOH A . 
D 4 HOH 159 377 377 HOH HOH A . 
D 4 HOH 160 378 378 HOH HOH A . 
D 4 HOH 161 379 379 HOH HOH A . 
D 4 HOH 162 380 380 HOH HOH A . 
D 4 HOH 163 381 381 HOH HOH A . 
D 4 HOH 164 382 382 HOH HOH A . 
D 4 HOH 165 383 383 HOH HOH A . 
D 4 HOH 166 384 384 HOH HOH A . 
D 4 HOH 167 385 385 HOH HOH A . 
D 4 HOH 168 386 386 HOH HOH A . 
D 4 HOH 169 387 387 HOH HOH A . 
D 4 HOH 170 388 388 HOH HOH A . 
D 4 HOH 171 389 389 HOH HOH A . 
D 4 HOH 172 390 390 HOH HOH A . 
D 4 HOH 173 391 391 HOH HOH A . 
D 4 HOH 174 392 392 HOH HOH A . 
D 4 HOH 175 393 393 HOH HOH A . 
D 4 HOH 176 394 394 HOH HOH A . 
D 4 HOH 177 395 395 HOH HOH A . 
D 4 HOH 178 396 396 HOH HOH A . 
D 4 HOH 179 397 397 HOH HOH A . 
D 4 HOH 180 398 398 HOH HOH A . 
D 4 HOH 181 399 399 HOH HOH A . 
D 4 HOH 182 400 400 HOH HOH A . 
D 4 HOH 183 401 401 HOH HOH A . 
D 4 HOH 184 402 402 HOH HOH A . 
D 4 HOH 185 403 403 HOH HOH A . 
D 4 HOH 186 404 404 HOH HOH A . 
D 4 HOH 187 405 405 HOH HOH A . 
D 4 HOH 188 406 406 HOH HOH A . 
D 4 HOH 189 407 407 HOH HOH A . 
D 4 HOH 190 408 408 HOH HOH A . 
D 4 HOH 191 409 409 HOH HOH A . 
D 4 HOH 192 410 410 HOH HOH A . 
D 4 HOH 193 411 411 HOH HOH A . 
D 4 HOH 194 412 412 HOH HOH A . 
D 4 HOH 195 413 413 HOH HOH A . 
D 4 HOH 196 414 414 HOH HOH A . 
D 4 HOH 197 415 415 HOH HOH A . 
D 4 HOH 198 416 416 HOH HOH A . 
D 4 HOH 199 417 417 HOH HOH A . 
D 4 HOH 200 418 418 HOH HOH A . 
D 4 HOH 201 419 419 HOH HOH A . 
D 4 HOH 202 420 420 HOH HOH A . 
D 4 HOH 203 421 421 HOH HOH A . 
D 4 HOH 204 422 422 HOH HOH A . 
D 4 HOH 205 423 423 HOH HOH A . 
D 4 HOH 206 424 424 HOH HOH A . 
D 4 HOH 207 425 425 HOH HOH A . 
D 4 HOH 208 426 426 HOH HOH A . 
D 4 HOH 209 427 427 HOH HOH A . 
D 4 HOH 210 428 428 HOH HOH A . 
D 4 HOH 211 429 429 HOH HOH A . 
# 
loop_
_pdbx_unobs_or_zero_occ_atoms.id 
_pdbx_unobs_or_zero_occ_atoms.PDB_model_num 
_pdbx_unobs_or_zero_occ_atoms.polymer_flag 
_pdbx_unobs_or_zero_occ_atoms.occupancy_flag 
_pdbx_unobs_or_zero_occ_atoms.auth_asym_id 
_pdbx_unobs_or_zero_occ_atoms.auth_comp_id 
_pdbx_unobs_or_zero_occ_atoms.auth_seq_id 
_pdbx_unobs_or_zero_occ_atoms.PDB_ins_code 
_pdbx_unobs_or_zero_occ_atoms.auth_atom_id 
_pdbx_unobs_or_zero_occ_atoms.label_alt_id 
_pdbx_unobs_or_zero_occ_atoms.label_asym_id 
_pdbx_unobs_or_zero_occ_atoms.label_comp_id 
_pdbx_unobs_or_zero_occ_atoms.label_seq_id 
_pdbx_unobs_or_zero_occ_atoms.label_atom_id 
1  1 Y 0 A LYS 105 ? CE  ? A LYS 68  CE  
2  1 Y 0 A LYS 105 ? NZ  ? A LYS 68  NZ  
3  1 Y 0 A LEU 126 ? CG  ? A LEU 89  CG  
4  1 Y 0 A LEU 126 ? CD1 ? A LEU 89  CD1 
5  1 Y 0 A LEU 126 ? CD2 ? A LEU 89  CD2 
6  1 Y 0 A ASN 141 ? CB  ? A ASN 104 CB  
7  1 Y 0 A ASN 141 ? CG  ? A ASN 104 CG  
8  1 Y 0 A ASN 141 ? OD1 ? A ASN 104 OD1 
9  1 Y 0 A ASN 141 ? ND2 ? A ASN 104 ND2 
10 1 Y 0 A LYS 158 ? CE  ? A LYS 121 CE  
11 1 Y 0 A LYS 158 ? NZ  ? A LYS 121 NZ  
12 1 Y 0 A GLU 164 ? CD  ? A GLU 127 CD  
13 1 Y 0 A GLU 164 ? OE1 ? A GLU 127 OE1 
14 1 Y 0 A GLU 164 ? OE2 ? A GLU 127 OE2 
15 1 Y 0 A LYS 169 ? CG  ? A LYS 132 CG  
16 1 Y 0 A LYS 169 ? CD  ? A LYS 132 CD  
17 1 Y 0 A LYS 169 ? CE  ? A LYS 132 CE  
18 1 Y 0 A LYS 169 ? NZ  ? A LYS 132 NZ  
19 1 Y 0 A ARG 173 ? CG  ? A ARG 136 CG  
20 1 Y 0 A ARG 173 ? CD  ? A ARG 136 CD  
21 1 Y 0 A ARG 173 ? NE  ? A ARG 136 NE  
22 1 Y 0 A ARG 173 ? CZ  ? A ARG 136 CZ  
23 1 Y 0 A ARG 173 ? NH1 ? A ARG 136 NH1 
24 1 Y 0 A ARG 173 ? NH2 ? A ARG 136 NH2 
25 1 Y 0 A LYS 185 ? CE  ? A LYS 148 CE  
26 1 Y 0 A LYS 185 ? NZ  ? A LYS 148 NZ  
27 1 Y 0 A LEU 193 ? CD1 ? A LEU 156 CD1 
28 1 Y 0 A LEU 193 ? CD2 ? A LEU 156 CD2 
29 1 Y 0 A VAL 198 ? CG1 ? A VAL 161 CG1 
30 1 Y 0 A VAL 198 ? CG2 ? A VAL 161 CG2 
# 
loop_
_software.name 
_software.classification 
_software.version 
_software.citation_id 
_software.pdbx_ordinal 
SHARP  phasing          . ? 1 
CNS    refinement       . ? 2 
MOSFLM 'data reduction' . ? 3 
SCALA  'data scaling'   . ? 4 
# 
_cell.entry_id           3QO4 
_cell.length_a           77.910 
_cell.length_b           77.910 
_cell.length_c           187.844 
_cell.angle_alpha        90.00 
_cell.angle_beta         90.00 
_cell.angle_gamma        120.00 
_cell.Z_PDB              12 
_cell.pdbx_unique_axis   ? 
_cell.length_a_esd       ? 
_cell.length_b_esd       ? 
_cell.length_c_esd       ? 
_cell.angle_alpha_esd    ? 
_cell.angle_beta_esd     ? 
_cell.angle_gamma_esd    ? 
# 
_symmetry.entry_id                         3QO4 
_symmetry.space_group_name_H-M             'P 61 2 2' 
_symmetry.pdbx_full_space_group_name_H-M   ? 
_symmetry.cell_setting                     ? 
_symmetry.Int_Tables_number                178 
_symmetry.space_group_name_Hall            ? 
# 
_exptl.entry_id          3QO4 
_exptl.method            'X-RAY DIFFRACTION' 
_exptl.crystals_number   1 
# 
_exptl_crystal.id                    1 
_exptl_crystal.density_meas          ? 
_exptl_crystal.density_Matthews      4.19 
_exptl_crystal.density_percent_sol   70.63 
_exptl_crystal.description           ? 
_exptl_crystal.F_000                 ? 
_exptl_crystal.preparation           ? 
# 
_exptl_crystal_grow.crystal_id      1 
_exptl_crystal_grow.method          'VAPOR DIFFUSION, SITTING DROP' 
_exptl_crystal_grow.temp            293 
_exptl_crystal_grow.temp_details    ? 
_exptl_crystal_grow.pH              5.6 
_exptl_crystal_grow.pdbx_details    
;0.1 M Sodium citrate, 30% PEG4000, 0.5 M Ammoniumacetate 
, pH 5.6, VAPOR DIFFUSION, SITTING DROP, temperature 293K
;
_exptl_crystal_grow.pdbx_pH_range   ? 
# 
_diffrn.id                     1 
_diffrn.ambient_temp           100 
_diffrn.ambient_temp_details   ? 
_diffrn.crystal_id             1 
# 
_diffrn_detector.diffrn_id              1 
_diffrn_detector.detector               CCD 
_diffrn_detector.type                   'RAYONIX MX-225' 
_diffrn_detector.pdbx_collection_date   2010-06-03 
_diffrn_detector.details                'double crystal monochromator with two sets of mirrors' 
# 
_diffrn_radiation.diffrn_id                        1 
_diffrn_radiation.wavelength_id                    1 
_diffrn_radiation.pdbx_monochromatic_or_laue_m_l   M 
_diffrn_radiation.monochromator                    'Double Crystal Monochromator' 
_diffrn_radiation.pdbx_diffrn_protocol             MAD 
_diffrn_radiation.pdbx_scattering_type             x-ray 
# 
loop_
_diffrn_radiation_wavelength.id 
_diffrn_radiation_wavelength.wavelength 
_diffrn_radiation_wavelength.wt 
1 0.918   1.0 
2 1.03936 1.0 
3 1.04008 1.0 
4 1.04064 1.0 
# 
_diffrn_source.diffrn_id                   1 
_diffrn_source.source                      SYNCHROTRON 
_diffrn_source.type                        'BESSY BEAMLINE 14.2' 
_diffrn_source.pdbx_synchrotron_site       BESSY 
_diffrn_source.pdbx_synchrotron_beamline   14.2 
_diffrn_source.pdbx_wavelength             ? 
_diffrn_source.pdbx_wavelength_list        '0.918, 1.03936, 1.04008, 1.04064' 
# 
_reflns.entry_id                     3QO4 
_reflns.observed_criterion_sigma_I   ? 
_reflns.observed_criterion_sigma_F   ? 
_reflns.d_resolution_low             29.982 
_reflns.d_resolution_high            2.1 
_reflns.number_obs                   20455 
_reflns.number_all                   ? 
_reflns.percent_possible_obs         99.6 
_reflns.pdbx_Rmerge_I_obs            0.064 
_reflns.pdbx_Rsym_value              0.064 
_reflns.pdbx_netI_over_sigmaI        11.2 
_reflns.B_iso_Wilson_estimate        34.1 
_reflns.pdbx_redundancy              3.2 
_reflns.R_free_details               ? 
_reflns.limit_h_max                  ? 
_reflns.limit_h_min                  ? 
_reflns.limit_k_max                  ? 
_reflns.limit_k_min                  ? 
_reflns.limit_l_max                  ? 
_reflns.limit_l_min                  ? 
_reflns.observed_criterion_F_max     ? 
_reflns.observed_criterion_F_min     ? 
_reflns.pdbx_chi_squared             ? 
_reflns.pdbx_scaling_rejects         ? 
_reflns.pdbx_ordinal                 1 
_reflns.pdbx_diffrn_id               1 
# 
_reflns_shell.d_res_high             2.1 
_reflns_shell.d_res_low              2.21 
_reflns_shell.percent_possible_all   98.2 
_reflns_shell.Rmerge_I_obs           0.325 
_reflns_shell.pdbx_Rsym_value        ? 
_reflns_shell.meanI_over_sigI_obs    3.0 
_reflns_shell.pdbx_redundancy        2.7 
_reflns_shell.percent_possible_obs   ? 
_reflns_shell.number_unique_all      ? 
_reflns_shell.number_measured_all    ? 
_reflns_shell.number_measured_obs    ? 
_reflns_shell.number_unique_obs      ? 
_reflns_shell.pdbx_chi_squared       ? 
_reflns_shell.pdbx_ordinal           1 
_reflns_shell.pdbx_diffrn_id         1 
# 
_refine.entry_id                                 3QO4 
_refine.ls_number_reflns_obs                     17891 
_refine.ls_number_reflns_all                     17933 
_refine.pdbx_ls_sigma_I                          ? 
_refine.pdbx_ls_sigma_F                          ? 
_refine.pdbx_data_cutoff_high_absF               ? 
_refine.pdbx_data_cutoff_low_absF                ? 
_refine.pdbx_data_cutoff_high_rms_absF           ? 
_refine.ls_d_res_low                             29.7 
_refine.ls_d_res_high                            2.2 
_refine.ls_percent_reflns_obs                    99.8 
_refine.ls_R_factor_obs                          ? 
_refine.ls_R_factor_all                          ? 
_refine.ls_R_factor_R_work                       0.215 
_refine.ls_R_factor_R_free                       0.261 
_refine.ls_R_factor_R_free_error                 ? 
_refine.ls_R_factor_R_free_error_details         ? 
_refine.ls_percent_reflns_R_free                 ? 
_refine.ls_number_reflns_R_free                  917 
_refine.ls_number_parameters                     ? 
_refine.ls_number_restraints                     ? 
_refine.occupancy_min                            ? 
_refine.occupancy_max                            ? 
_refine.correlation_coeff_Fo_to_Fc               ? 
_refine.correlation_coeff_Fo_to_Fc_free          ? 
_refine.B_iso_mean                               ? 
_refine.aniso_B[1][1]                            ? 
_refine.aniso_B[2][2]                            ? 
_refine.aniso_B[3][3]                            ? 
_refine.aniso_B[1][2]                            ? 
_refine.aniso_B[1][3]                            ? 
_refine.aniso_B[2][3]                            ? 
_refine.solvent_model_details                    ? 
_refine.solvent_model_param_ksol                 ? 
_refine.solvent_model_param_bsol                 ? 
_refine.pdbx_solvent_vdw_probe_radii             ? 
_refine.pdbx_solvent_ion_probe_radii             ? 
_refine.pdbx_solvent_shrinkage_radii             ? 
_refine.pdbx_ls_cross_valid_method               ? 
_refine.details                                  ? 
_refine.pdbx_starting_model                      ? 
_refine.pdbx_method_to_determine_struct          MAD 
_refine.pdbx_isotropic_thermal_model             ? 
_refine.pdbx_stereochemistry_target_values       'Engh & Huber' 
_refine.pdbx_stereochem_target_val_spec_case     ? 
_refine.pdbx_R_Free_selection_details            RANDOM 
_refine.pdbx_overall_ESU_R_Free                  ? 
_refine.overall_SU_ML                            ? 
_refine.overall_SU_B                             ? 
_refine.overall_SU_R_Cruickshank_DPI             ? 
_refine.ls_redundancy_reflns_obs                 ? 
_refine.B_iso_min                                ? 
_refine.B_iso_max                                ? 
_refine.overall_SU_R_free                        ? 
_refine.ls_wR_factor_R_free                      ? 
_refine.ls_wR_factor_R_work                      ? 
_refine.overall_FOM_free_R_set                   ? 
_refine.overall_FOM_work_R_set                   ? 
_refine.pdbx_overall_phase_error                 ? 
_refine.pdbx_refine_id                           'X-RAY DIFFRACTION' 
_refine.pdbx_diffrn_id                           1 
_refine.pdbx_overall_ESU_R                       ? 
_refine.pdbx_TLS_residual_ADP_flag               ? 
_refine.pdbx_overall_SU_R_free_Cruickshank_DPI   ? 
_refine.pdbx_overall_SU_R_Blow_DPI               ? 
_refine.pdbx_overall_SU_R_free_Blow_DPI          ? 
# 
_refine_hist.pdbx_refine_id                   'X-RAY DIFFRACTION' 
_refine_hist.cycle_id                         LAST 
_refine_hist.pdbx_number_atoms_protein        1222 
_refine_hist.pdbx_number_atoms_nucleic_acid   0 
_refine_hist.pdbx_number_atoms_ligand         9 
_refine_hist.number_atoms_solvent             211 
_refine_hist.number_atoms_total               1442 
_refine_hist.d_res_high                       2.2 
_refine_hist.d_res_low                        29.7 
# 
loop_
_refine_ls_restr.type 
_refine_ls_restr.dev_ideal 
_refine_ls_restr.dev_ideal_target 
_refine_ls_restr.number 
_refine_ls_restr.weight 
_refine_ls_restr.pdbx_refine_id 
_refine_ls_restr.pdbx_restraint_function 
c_bond_d    0.0092 ? ? ? 'X-RAY DIFFRACTION' ? 
c_angle_deg 1.61   ? ? ? 'X-RAY DIFFRACTION' ? 
# 
_refine_ls_shell.pdbx_total_number_of_bins_used   ? 
_refine_ls_shell.d_res_high                       2.2 
_refine_ls_shell.d_res_low                        2.24 
_refine_ls_shell.number_reflns_R_work             ? 
_refine_ls_shell.R_factor_R_work                  0.314 
_refine_ls_shell.percent_reflns_obs               ? 
_refine_ls_shell.R_factor_R_free                  0.361 
_refine_ls_shell.R_factor_R_free_error            ? 
_refine_ls_shell.percent_reflns_R_free            ? 
_refine_ls_shell.number_reflns_R_free             ? 
_refine_ls_shell.number_reflns_all                ? 
_refine_ls_shell.R_factor_all                     ? 
_refine_ls_shell.number_reflns_obs                ? 
_refine_ls_shell.redundancy_reflns_obs            ? 
_refine_ls_shell.pdbx_refine_id                   'X-RAY DIFFRACTION' 
# 
_struct.entry_id                  3QO4 
_struct.title                     'The Crystal Structure of Death Receptor 6' 
_struct.pdbx_model_details        ? 
_struct.pdbx_CASP_flag            ? 
_struct.pdbx_model_type_details   ? 
# 
_struct_keywords.entry_id        3QO4 
_struct_keywords.pdbx_keywords   APOPTOSIS 
_struct_keywords.text            
'Tumor Necrosis Factor Receptor (TNFR), Apoptosis, Alzheimer s Disease, Ligand-Receptor-Recognition' 
# 
loop_
_struct_asym.id 
_struct_asym.pdbx_blank_PDB_chainid_flag 
_struct_asym.pdbx_modified 
_struct_asym.entity_id 
_struct_asym.details 
A N N 1 ? 
B N N 2 ? 
C N N 3 ? 
D N N 4 ? 
# 
_struct_ref.id                         1 
_struct_ref.db_name                    UNP 
_struct_ref.db_code                    TNR21_HUMAN 
_struct_ref.pdbx_db_accession          O75509 
_struct_ref.entity_id                  1 
_struct_ref.pdbx_seq_one_letter_code   
;QPEQKASNLIGTYRHVDRATGQVLTCDKCPAGTYVSEHCTNTSLRVCSSCPVGTFTRHENGIEKCHDCSQPCPWPMIEKL
PCAALTDRECTCPPGMFQSNATCAPHTVCPVGWGVRKKGTETEDVRCKQCARGTFSDVPSSVMKCKAYTDCLSQNLVVIK
PGTKETDNVCGTLPSFS
;
_struct_ref.pdbx_align_begin           42 
_struct_ref.pdbx_db_isoform            ? 
# 
_struct_ref_seq.align_id                      1 
_struct_ref_seq.ref_id                        1 
_struct_ref_seq.pdbx_PDB_id_code              3QO4 
_struct_ref_seq.pdbx_strand_id                A 
_struct_ref_seq.seq_align_beg                 5 
_struct_ref_seq.pdbx_seq_align_beg_ins_code   ? 
_struct_ref_seq.seq_align_end                 181 
_struct_ref_seq.pdbx_seq_align_end_ins_code   ? 
_struct_ref_seq.pdbx_db_accession             O75509 
_struct_ref_seq.db_align_beg                  42 
_struct_ref_seq.pdbx_db_align_beg_ins_code    ? 
_struct_ref_seq.db_align_end                  218 
_struct_ref_seq.pdbx_db_align_end_ins_code    ? 
_struct_ref_seq.pdbx_auth_seq_align_beg       42 
_struct_ref_seq.pdbx_auth_seq_align_end       218 
# 
loop_
_struct_ref_seq_dif.align_id 
_struct_ref_seq_dif.pdbx_pdb_id_code 
_struct_ref_seq_dif.mon_id 
_struct_ref_seq_dif.pdbx_pdb_strand_id 
_struct_ref_seq_dif.seq_num 
_struct_ref_seq_dif.pdbx_pdb_ins_code 
_struct_ref_seq_dif.pdbx_seq_db_name 
_struct_ref_seq_dif.pdbx_seq_db_accession_code 
_struct_ref_seq_dif.db_mon_id 
_struct_ref_seq_dif.pdbx_seq_db_seq_num 
_struct_ref_seq_dif.details 
_struct_ref_seq_dif.pdbx_auth_seq_num 
_struct_ref_seq_dif.pdbx_ordinal 
1 3QO4 GLY A 1 ? UNP O75509 ? ? 'expression tag' 38 1 
1 3QO4 SER A 2 ? UNP O75509 ? ? 'expression tag' 39 2 
1 3QO4 HIS A 3 ? UNP O75509 ? ? 'expression tag' 40 3 
1 3QO4 MET A 4 ? UNP O75509 ? ? 'expression tag' 41 4 
# 
loop_
_pdbx_struct_assembly.id 
_pdbx_struct_assembly.details 
_pdbx_struct_assembly.method_details 
_pdbx_struct_assembly.oligomeric_details 
_pdbx_struct_assembly.oligomeric_count 
1 author_defined_assembly   ?    monomeric 1 
2 software_defined_assembly PISA dimeric   2 
# 
loop_
_pdbx_struct_assembly_prop.biol_id 
_pdbx_struct_assembly_prop.type 
_pdbx_struct_assembly_prop.value 
_pdbx_struct_assembly_prop.details 
2 'ABSA (A^2)' 2120  ? 
2 MORE         -46   ? 
2 'SSA (A^2)'  19900 ? 
# 
loop_
_pdbx_struct_assembly_gen.assembly_id 
_pdbx_struct_assembly_gen.oper_expression 
_pdbx_struct_assembly_gen.asym_id_list 
1 1   A,B,C,D 
2 1,2 A,B,C,D 
# 
loop_
_pdbx_struct_oper_list.id 
_pdbx_struct_oper_list.type 
_pdbx_struct_oper_list.name 
_pdbx_struct_oper_list.symmetry_operation 
_pdbx_struct_oper_list.matrix[1][1] 
_pdbx_struct_oper_list.matrix[1][2] 
_pdbx_struct_oper_list.matrix[1][3] 
_pdbx_struct_oper_list.vector[1] 
_pdbx_struct_oper_list.matrix[2][1] 
_pdbx_struct_oper_list.matrix[2][2] 
_pdbx_struct_oper_list.matrix[2][3] 
_pdbx_struct_oper_list.vector[2] 
_pdbx_struct_oper_list.matrix[3][1] 
_pdbx_struct_oper_list.matrix[3][2] 
_pdbx_struct_oper_list.matrix[3][3] 
_pdbx_struct_oper_list.vector[3] 
1 'identity operation'         1_555  x,y,z        1.0000000000  0.0000000000  0.0000000000  0.0000000000  0.0000000000  1.0000000000  0.0000000000 0.0000000000   0.0000000000  0.0000000000 1.0000000000  0.0000000000  
2 'crystal symmetry operation' 12_555 x,x-y,-z+1/6 -0.2043516417 -0.4081002085 -0.8897722329 16.3766852226 -0.4081002085 -0.7906791632 0.4563777829 -20.5342381714 -0.8897722329 0.4563777829 -0.0049691950 24.0624609283 
# 
_struct_biol.id        1 
_struct_biol.details   
;CONSIDERING A RATHER SMALL INTERFACE AREA OF 709 A2, ONLY 
TWO HYDROGEN BONDS AS ADDITIONAL STABILIZING CONTACTS AND MANY 
CONTACT MEDIATING WATER MOLECULES, WE CONCLUDE HOWEVER, THAT THE 
INTERACTION DETERMINED BY THE PISA SOFTWARE IS NOT OF PHYSIOLOGICAL 
RELEVANCE BUT RATHER IMPORTANT FOR STABILIZING THE DR6-CRD CRYSTALS
;
# 
_struct_conf.conf_type_id            HELX_P 
_struct_conf.id                      HELX_P1 
_struct_conf.pdbx_PDB_helix_id       1 
_struct_conf.beg_label_comp_id       CYS 
_struct_conf.beg_label_asym_id       A 
_struct_conf.beg_label_seq_id        155 
_struct_conf.pdbx_beg_PDB_ins_code   ? 
_struct_conf.end_label_comp_id       GLN 
_struct_conf.end_label_asym_id       A 
_struct_conf.end_label_seq_id        158 
_struct_conf.pdbx_end_PDB_ins_code   ? 
_struct_conf.beg_auth_comp_id        CYS 
_struct_conf.beg_auth_asym_id        A 
_struct_conf.beg_auth_seq_id         192 
_struct_conf.end_auth_comp_id        GLN 
_struct_conf.end_auth_asym_id        A 
_struct_conf.end_auth_seq_id         195 
_struct_conf.pdbx_PDB_helix_class    5 
_struct_conf.details                 ? 
_struct_conf.pdbx_PDB_helix_length   4 
# 
_struct_conf_type.id          HELX_P 
_struct_conf_type.criteria    ? 
_struct_conf_type.reference   ? 
# 
loop_
_struct_conn.id 
_struct_conn.conn_type_id 
_struct_conn.pdbx_leaving_atom_flag 
_struct_conn.pdbx_PDB_id 
_struct_conn.ptnr1_label_asym_id 
_struct_conn.ptnr1_label_comp_id 
_struct_conn.ptnr1_label_seq_id 
_struct_conn.ptnr1_label_atom_id 
_struct_conn.pdbx_ptnr1_label_alt_id 
_struct_conn.pdbx_ptnr1_PDB_ins_code 
_struct_conn.pdbx_ptnr1_standard_comp_id 
_struct_conn.ptnr1_symmetry 
_struct_conn.ptnr2_label_asym_id 
_struct_conn.ptnr2_label_comp_id 
_struct_conn.ptnr2_label_seq_id 
_struct_conn.ptnr2_label_atom_id 
_struct_conn.pdbx_ptnr2_label_alt_id 
_struct_conn.pdbx_ptnr2_PDB_ins_code 
_struct_conn.ptnr1_auth_asym_id 
_struct_conn.ptnr1_auth_comp_id 
_struct_conn.ptnr1_auth_seq_id 
_struct_conn.ptnr2_auth_asym_id 
_struct_conn.ptnr2_auth_comp_id 
_struct_conn.ptnr2_auth_seq_id 
_struct_conn.ptnr2_symmetry 
_struct_conn.pdbx_ptnr3_label_atom_id 
_struct_conn.pdbx_ptnr3_label_seq_id 
_struct_conn.pdbx_ptnr3_label_comp_id 
_struct_conn.pdbx_ptnr3_label_asym_id 
_struct_conn.pdbx_ptnr3_label_alt_id 
_struct_conn.pdbx_ptnr3_PDB_ins_code 
_struct_conn.details 
_struct_conn.pdbx_dist_value 
_struct_conn.pdbx_value_order 
_struct_conn.pdbx_role 
disulf1 disulf ? ? A CYS 30  SG ? ? ? 1_555 A CYS 43  SG ? ? A CYS 67  A CYS 80  1_555 ? ? ? ? ? ? ? 2.049 ? ? 
disulf2 disulf ? ? A CYS 33  SG ? ? ? 1_555 A CYS 51  SG ? ? A CYS 70  A CYS 88  1_555 ? ? ? ? ? ? ? 2.034 ? ? 
disulf3 disulf ? ? A CYS 54  SG ? ? ? 1_555 A CYS 69  SG ? ? A CYS 91  A CYS 106 1_555 ? ? ? ? ? ? ? 2.046 ? ? 
disulf4 disulf ? ? A CYS 72  SG ? ? ? 1_555 A CYS 86  SG ? ? A CYS 109 A CYS 123 1_555 ? ? ? ? ? ? ? 2.021 ? ? 
disulf5 disulf ? ? A CYS 76  SG ? ? ? 1_555 A CYS 94  SG ? ? A CYS 113 A CYS 131 1_555 ? ? ? ? ? ? ? 2.020 ? ? 
disulf6 disulf ? ? A CYS 96  SG ? ? ? 1_555 A CYS 107 SG ? ? A CYS 133 A CYS 144 1_555 ? ? ? ? ? ? ? 2.025 ? ? 
disulf7 disulf ? ? A CYS 113 SG ? ? ? 1_555 A CYS 131 SG ? ? A CYS 150 A CYS 168 1_555 ? ? ? ? ? ? ? 2.029 ? ? 
disulf8 disulf ? ? A CYS 134 SG ? ? ? 1_555 A CYS 149 SG ? ? A CYS 171 A CYS 186 1_555 ? ? ? ? ? ? ? 2.033 ? ? 
disulf9 disulf ? ? A CYS 155 SG ? ? ? 1_555 A CYS 174 SG ? ? A CYS 192 A CYS 211 1_555 ? ? ? ? ? ? ? 2.024 ? ? 
# 
_struct_conn_type.id          disulf 
_struct_conn_type.criteria    ? 
_struct_conn_type.reference   ? 
# 
loop_
_pdbx_modification_feature.ordinal 
_pdbx_modification_feature.label_comp_id 
_pdbx_modification_feature.label_asym_id 
_pdbx_modification_feature.label_seq_id 
_pdbx_modification_feature.label_alt_id 
_pdbx_modification_feature.modified_residue_label_comp_id 
_pdbx_modification_feature.modified_residue_label_asym_id 
_pdbx_modification_feature.modified_residue_label_seq_id 
_pdbx_modification_feature.modified_residue_label_alt_id 
_pdbx_modification_feature.auth_comp_id 
_pdbx_modification_feature.auth_asym_id 
_pdbx_modification_feature.auth_seq_id 
_pdbx_modification_feature.PDB_ins_code 
_pdbx_modification_feature.symmetry 
_pdbx_modification_feature.modified_residue_auth_comp_id 
_pdbx_modification_feature.modified_residue_auth_asym_id 
_pdbx_modification_feature.modified_residue_auth_seq_id 
_pdbx_modification_feature.modified_residue_PDB_ins_code 
_pdbx_modification_feature.modified_residue_symmetry 
_pdbx_modification_feature.comp_id_linking_atom 
_pdbx_modification_feature.modified_residue_id_linking_atom 
_pdbx_modification_feature.modified_residue_id 
_pdbx_modification_feature.ref_pcm_id 
_pdbx_modification_feature.ref_comp_id 
_pdbx_modification_feature.type 
_pdbx_modification_feature.category 
1 CYS A 30  ? CYS A 43  ? CYS A 67  ? 1_555 CYS A 80  ? 1_555 SG SG . . . None 'Disulfide bridge' 
2 CYS A 33  ? CYS A 51  ? CYS A 70  ? 1_555 CYS A 88  ? 1_555 SG SG . . . None 'Disulfide bridge' 
3 CYS A 54  ? CYS A 69  ? CYS A 91  ? 1_555 CYS A 106 ? 1_555 SG SG . . . None 'Disulfide bridge' 
4 CYS A 72  ? CYS A 86  ? CYS A 109 ? 1_555 CYS A 123 ? 1_555 SG SG . . . None 'Disulfide bridge' 
5 CYS A 76  ? CYS A 94  ? CYS A 113 ? 1_555 CYS A 131 ? 1_555 SG SG . . . None 'Disulfide bridge' 
6 CYS A 96  ? CYS A 107 ? CYS A 133 ? 1_555 CYS A 144 ? 1_555 SG SG . . . None 'Disulfide bridge' 
7 CYS A 113 ? CYS A 131 ? CYS A 150 ? 1_555 CYS A 168 ? 1_555 SG SG . . . None 'Disulfide bridge' 
8 CYS A 134 ? CYS A 149 ? CYS A 171 ? 1_555 CYS A 186 ? 1_555 SG SG . . . None 'Disulfide bridge' 
9 CYS A 155 ? CYS A 174 ? CYS A 192 ? 1_555 CYS A 211 ? 1_555 SG SG . . . None 'Disulfide bridge' 
# 
_struct_mon_prot_cis.pdbx_id                1 
_struct_mon_prot_cis.label_comp_id          TRP 
_struct_mon_prot_cis.label_seq_id           78 
_struct_mon_prot_cis.label_asym_id          A 
_struct_mon_prot_cis.label_alt_id           . 
_struct_mon_prot_cis.pdbx_PDB_ins_code      ? 
_struct_mon_prot_cis.auth_comp_id           TRP 
_struct_mon_prot_cis.auth_seq_id            115 
_struct_mon_prot_cis.auth_asym_id           A 
_struct_mon_prot_cis.pdbx_label_comp_id_2   PRO 
_struct_mon_prot_cis.pdbx_label_seq_id_2    79 
_struct_mon_prot_cis.pdbx_label_asym_id_2   A 
_struct_mon_prot_cis.pdbx_PDB_ins_code_2    ? 
_struct_mon_prot_cis.pdbx_auth_comp_id_2    PRO 
_struct_mon_prot_cis.pdbx_auth_seq_id_2     116 
_struct_mon_prot_cis.pdbx_auth_asym_id_2    A 
_struct_mon_prot_cis.pdbx_PDB_model_num     1 
_struct_mon_prot_cis.pdbx_omega_angle       0.16 
# 
loop_
_struct_sheet.id 
_struct_sheet.type 
_struct_sheet.number_strands 
_struct_sheet.details 
A ? 2 ? 
B ? 2 ? 
C ? 2 ? 
D ? 2 ? 
E ? 2 ? 
F ? 2 ? 
# 
loop_
_struct_sheet_order.sheet_id 
_struct_sheet_order.range_id_1 
_struct_sheet_order.range_id_2 
_struct_sheet_order.offset 
_struct_sheet_order.sense 
A 1 2 ? anti-parallel 
B 1 2 ? anti-parallel 
C 1 2 ? anti-parallel 
D 1 2 ? anti-parallel 
E 1 2 ? anti-parallel 
F 1 2 ? anti-parallel 
# 
loop_
_struct_sheet_range.sheet_id 
_struct_sheet_range.id 
_struct_sheet_range.beg_label_comp_id 
_struct_sheet_range.beg_label_asym_id 
_struct_sheet_range.beg_label_seq_id 
_struct_sheet_range.pdbx_beg_PDB_ins_code 
_struct_sheet_range.end_label_comp_id 
_struct_sheet_range.end_label_asym_id 
_struct_sheet_range.end_label_seq_id 
_struct_sheet_range.pdbx_end_PDB_ins_code 
_struct_sheet_range.beg_auth_comp_id 
_struct_sheet_range.beg_auth_asym_id 
_struct_sheet_range.beg_auth_seq_id 
_struct_sheet_range.end_auth_comp_id 
_struct_sheet_range.end_auth_asym_id 
_struct_sheet_range.end_auth_seq_id 
A 1 THR A 16  ? ASP A 21  ? THR A 53  ASP A 58  
A 2 GLY A 25  ? ASP A 31  ? GLY A 62  ASP A 68  
B 1 THR A 37  ? GLU A 41  ? THR A 74  GLU A 78  
B 2 VAL A 50  ? SER A 53  ? VAL A 87  SER A 90  
C 1 ILE A 81  ? LEU A 84  ? ILE A 118 LEU A 121 
C 2 GLU A 93  ? THR A 95  ? GLU A 130 THR A 132 
D 1 MET A 100 ? SER A 103 ? MET A 137 SER A 140 
D 2 THR A 106 ? PRO A 109 ? THR A 143 PRO A 146 
E 1 TRP A 117 ? LYS A 121 ? TRP A 154 LYS A 158 
E 2 ARG A 130 ? GLN A 133 ? ARG A 167 GLN A 170 
F 1 VAL A 161 ? LYS A 164 ? VAL A 198 LYS A 201 
F 2 VAL A 173 ? GLY A 175 ? VAL A 210 GLY A 212 
# 
loop_
_pdbx_struct_sheet_hbond.sheet_id 
_pdbx_struct_sheet_hbond.range_id_1 
_pdbx_struct_sheet_hbond.range_id_2 
_pdbx_struct_sheet_hbond.range_1_label_atom_id 
_pdbx_struct_sheet_hbond.range_1_label_comp_id 
_pdbx_struct_sheet_hbond.range_1_label_asym_id 
_pdbx_struct_sheet_hbond.range_1_label_seq_id 
_pdbx_struct_sheet_hbond.range_1_PDB_ins_code 
_pdbx_struct_sheet_hbond.range_1_auth_atom_id 
_pdbx_struct_sheet_hbond.range_1_auth_comp_id 
_pdbx_struct_sheet_hbond.range_1_auth_asym_id 
_pdbx_struct_sheet_hbond.range_1_auth_seq_id 
_pdbx_struct_sheet_hbond.range_2_label_atom_id 
_pdbx_struct_sheet_hbond.range_2_label_comp_id 
_pdbx_struct_sheet_hbond.range_2_label_asym_id 
_pdbx_struct_sheet_hbond.range_2_label_seq_id 
_pdbx_struct_sheet_hbond.range_2_PDB_ins_code 
_pdbx_struct_sheet_hbond.range_2_auth_atom_id 
_pdbx_struct_sheet_hbond.range_2_auth_comp_id 
_pdbx_struct_sheet_hbond.range_2_auth_asym_id 
_pdbx_struct_sheet_hbond.range_2_auth_seq_id 
A 1 2 N HIS A 19  ? N HIS A 56  O LEU A 28  ? O LEU A 65  
B 1 2 N GLU A 41  ? N GLU A 78  O VAL A 50  ? O VAL A 87  
C 1 2 N LYS A 83  ? N LYS A 120 O GLU A 93  ? O GLU A 130 
D 1 2 N SER A 103 ? N SER A 140 O THR A 106 ? O THR A 143 
E 1 2 N ARG A 120 ? N ARG A 157 O ARG A 130 ? O ARG A 167 
F 1 2 N VAL A 161 ? N VAL A 198 O GLY A 175 ? O GLY A 212 
# 
loop_
_struct_site.id 
_struct_site.pdbx_evidence_code 
_struct_site.pdbx_auth_asym_id 
_struct_site.pdbx_auth_comp_id 
_struct_site.pdbx_auth_seq_id 
_struct_site.pdbx_auth_ins_code 
_struct_site.pdbx_num_residues 
_struct_site.details 
AC1 Software A ACT 1 ? 4 'BINDING SITE FOR RESIDUE ACT A 1' 
AC2 Software A SO4 2 ? 5 'BINDING SITE FOR RESIDUE SO4 A 2' 
# 
loop_
_struct_site_gen.id 
_struct_site_gen.site_id 
_struct_site_gen.pdbx_num_res 
_struct_site_gen.label_comp_id 
_struct_site_gen.label_asym_id 
_struct_site_gen.label_seq_id 
_struct_site_gen.pdbx_auth_ins_code 
_struct_site_gen.auth_comp_id 
_struct_site_gen.auth_asym_id 
_struct_site_gen.auth_seq_id 
_struct_site_gen.label_atom_id 
_struct_site_gen.label_alt_id 
_struct_site_gen.symmetry 
_struct_site_gen.details 
1 AC1 4 TYR A 17  ? TYR A 54  . ? 1_545 ? 
2 AC1 4 ARG A 18  ? ARG A 55  . ? 1_545 ? 
3 AC1 4 LYS A 164 ? LYS A 201 . ? 1_555 ? 
4 AC1 4 HOH D .   ? HOH A 355 . ? 7_645 ? 
5 AC2 5 THR A 60  ? THR A 97  . ? 1_555 ? 
6 AC2 5 ARG A 61  ? ARG A 98  . ? 1_555 ? 
7 AC2 5 HIS A 62  ? HIS A 99  . ? 1_555 ? 
8 AC2 5 HIS A 70  ? HIS A 107 . ? 1_555 ? 
9 AC2 5 HOH D .   ? HOH A 274 . ? 1_555 ? 
# 
_pdbx_entry_details.entry_id                   3QO4 
_pdbx_entry_details.compound_details           ? 
_pdbx_entry_details.source_details             ? 
_pdbx_entry_details.nonpolymer_details         ? 
_pdbx_entry_details.sequence_details           ? 
_pdbx_entry_details.has_ligand_of_interest     ? 
_pdbx_entry_details.has_protein_modification   Y 
# 
loop_
_pdbx_validate_torsion.id 
_pdbx_validate_torsion.PDB_model_num 
_pdbx_validate_torsion.auth_comp_id 
_pdbx_validate_torsion.auth_asym_id 
_pdbx_validate_torsion.auth_seq_id 
_pdbx_validate_torsion.PDB_ins_code 
_pdbx_validate_torsion.label_alt_id 
_pdbx_validate_torsion.phi 
_pdbx_validate_torsion.psi 
1 1 SER A 181 ? ? -173.17 142.72 
2 1 SER A 194 ? ? -61.04  0.76   
# 
_pdbx_struct_special_symmetry.id              1 
_pdbx_struct_special_symmetry.PDB_model_num   1 
_pdbx_struct_special_symmetry.auth_asym_id    A 
_pdbx_struct_special_symmetry.auth_comp_id    HOH 
_pdbx_struct_special_symmetry.auth_seq_id     293 
_pdbx_struct_special_symmetry.PDB_ins_code    ? 
_pdbx_struct_special_symmetry.label_asym_id   D 
_pdbx_struct_special_symmetry.label_comp_id   HOH 
_pdbx_struct_special_symmetry.label_seq_id    . 
# 
loop_
_pdbx_database_remark.id 
_pdbx_database_remark.text 
650 
;HELIX   
DETERMINATION METHOD: AUTHOR DETERMINED BY USING PYMOL'S DSS-FUNCTION 

;
700 
;SHEET   
DETERMINATION METHOD: AUTHOR DETERMINED BY USING PYMOL'S DSS-FUNCTION  

;
# 
loop_
_pdbx_unobs_or_zero_occ_residues.id 
_pdbx_unobs_or_zero_occ_residues.PDB_model_num 
_pdbx_unobs_or_zero_occ_residues.polymer_flag 
_pdbx_unobs_or_zero_occ_residues.occupancy_flag 
_pdbx_unobs_or_zero_occ_residues.auth_asym_id 
_pdbx_unobs_or_zero_occ_residues.auth_comp_id 
_pdbx_unobs_or_zero_occ_residues.auth_seq_id 
_pdbx_unobs_or_zero_occ_residues.PDB_ins_code 
_pdbx_unobs_or_zero_occ_residues.label_asym_id 
_pdbx_unobs_or_zero_occ_residues.label_comp_id 
_pdbx_unobs_or_zero_occ_residues.label_seq_id 
1  1 Y 1 A GLY 38  ? A GLY 1   
2  1 Y 1 A SER 39  ? A SER 2   
3  1 Y 1 A HIS 40  ? A HIS 3   
4  1 Y 1 A MET 41  ? A MET 4   
5  1 Y 1 A GLN 42  ? A GLN 5   
6  1 Y 1 A PRO 43  ? A PRO 6   
7  1 Y 1 A GLU 44  ? A GLU 7   
8  1 Y 1 A GLN 45  ? A GLN 8   
9  1 Y 1 A LYS 46  ? A LYS 9   
10 1 Y 1 A ALA 47  ? A ALA 10  
11 1 Y 1 A SER 48  ? A SER 11  
12 1 Y 1 A ASN 49  ? A ASN 12  
13 1 Y 1 A THR 213 ? A THR 176 
14 1 Y 1 A LEU 214 ? A LEU 177 
15 1 Y 1 A PRO 215 ? A PRO 178 
16 1 Y 1 A SER 216 ? A SER 179 
17 1 Y 1 A PHE 217 ? A PHE 180 
18 1 Y 1 A SER 218 ? A SER 181 
# 
loop_
_chem_comp_atom.comp_id 
_chem_comp_atom.atom_id 
_chem_comp_atom.type_symbol 
_chem_comp_atom.pdbx_aromatic_flag 
_chem_comp_atom.pdbx_stereo_config 
_chem_comp_atom.pdbx_ordinal 
ACT C    C N N 1   
ACT O    O N N 2   
ACT OXT  O N N 3   
ACT CH3  C N N 4   
ACT H1   H N N 5   
ACT H2   H N N 6   
ACT H3   H N N 7   
ALA N    N N N 8   
ALA CA   C N S 9   
ALA C    C N N 10  
ALA O    O N N 11  
ALA CB   C N N 12  
ALA OXT  O N N 13  
ALA H    H N N 14  
ALA H2   H N N 15  
ALA HA   H N N 16  
ALA HB1  H N N 17  
ALA HB2  H N N 18  
ALA HB3  H N N 19  
ALA HXT  H N N 20  
ARG N    N N N 21  
ARG CA   C N S 22  
ARG C    C N N 23  
ARG O    O N N 24  
ARG CB   C N N 25  
ARG CG   C N N 26  
ARG CD   C N N 27  
ARG NE   N N N 28  
ARG CZ   C N N 29  
ARG NH1  N N N 30  
ARG NH2  N N N 31  
ARG OXT  O N N 32  
ARG H    H N N 33  
ARG H2   H N N 34  
ARG HA   H N N 35  
ARG HB2  H N N 36  
ARG HB3  H N N 37  
ARG HG2  H N N 38  
ARG HG3  H N N 39  
ARG HD2  H N N 40  
ARG HD3  H N N 41  
ARG HE   H N N 42  
ARG HH11 H N N 43  
ARG HH12 H N N 44  
ARG HH21 H N N 45  
ARG HH22 H N N 46  
ARG HXT  H N N 47  
ASN N    N N N 48  
ASN CA   C N S 49  
ASN C    C N N 50  
ASN O    O N N 51  
ASN CB   C N N 52  
ASN CG   C N N 53  
ASN OD1  O N N 54  
ASN ND2  N N N 55  
ASN OXT  O N N 56  
ASN H    H N N 57  
ASN H2   H N N 58  
ASN HA   H N N 59  
ASN HB2  H N N 60  
ASN HB3  H N N 61  
ASN HD21 H N N 62  
ASN HD22 H N N 63  
ASN HXT  H N N 64  
ASP N    N N N 65  
ASP CA   C N S 66  
ASP C    C N N 67  
ASP O    O N N 68  
ASP CB   C N N 69  
ASP CG   C N N 70  
ASP OD1  O N N 71  
ASP OD2  O N N 72  
ASP OXT  O N N 73  
ASP H    H N N 74  
ASP H2   H N N 75  
ASP HA   H N N 76  
ASP HB2  H N N 77  
ASP HB3  H N N 78  
ASP HD2  H N N 79  
ASP HXT  H N N 80  
CYS N    N N N 81  
CYS CA   C N R 82  
CYS C    C N N 83  
CYS O    O N N 84  
CYS CB   C N N 85  
CYS SG   S N N 86  
CYS OXT  O N N 87  
CYS H    H N N 88  
CYS H2   H N N 89  
CYS HA   H N N 90  
CYS HB2  H N N 91  
CYS HB3  H N N 92  
CYS HG   H N N 93  
CYS HXT  H N N 94  
GLN N    N N N 95  
GLN CA   C N S 96  
GLN C    C N N 97  
GLN O    O N N 98  
GLN CB   C N N 99  
GLN CG   C N N 100 
GLN CD   C N N 101 
GLN OE1  O N N 102 
GLN NE2  N N N 103 
GLN OXT  O N N 104 
GLN H    H N N 105 
GLN H2   H N N 106 
GLN HA   H N N 107 
GLN HB2  H N N 108 
GLN HB3  H N N 109 
GLN HG2  H N N 110 
GLN HG3  H N N 111 
GLN HE21 H N N 112 
GLN HE22 H N N 113 
GLN HXT  H N N 114 
GLU N    N N N 115 
GLU CA   C N S 116 
GLU C    C N N 117 
GLU O    O N N 118 
GLU CB   C N N 119 
GLU CG   C N N 120 
GLU CD   C N N 121 
GLU OE1  O N N 122 
GLU OE2  O N N 123 
GLU OXT  O N N 124 
GLU H    H N N 125 
GLU H2   H N N 126 
GLU HA   H N N 127 
GLU HB2  H N N 128 
GLU HB3  H N N 129 
GLU HG2  H N N 130 
GLU HG3  H N N 131 
GLU HE2  H N N 132 
GLU HXT  H N N 133 
GLY N    N N N 134 
GLY CA   C N N 135 
GLY C    C N N 136 
GLY O    O N N 137 
GLY OXT  O N N 138 
GLY H    H N N 139 
GLY H2   H N N 140 
GLY HA2  H N N 141 
GLY HA3  H N N 142 
GLY HXT  H N N 143 
HIS N    N N N 144 
HIS CA   C N S 145 
HIS C    C N N 146 
HIS O    O N N 147 
HIS CB   C N N 148 
HIS CG   C Y N 149 
HIS ND1  N Y N 150 
HIS CD2  C Y N 151 
HIS CE1  C Y N 152 
HIS NE2  N Y N 153 
HIS OXT  O N N 154 
HIS H    H N N 155 
HIS H2   H N N 156 
HIS HA   H N N 157 
HIS HB2  H N N 158 
HIS HB3  H N N 159 
HIS HD1  H N N 160 
HIS HD2  H N N 161 
HIS HE1  H N N 162 
HIS HE2  H N N 163 
HIS HXT  H N N 164 
HOH O    O N N 165 
HOH H1   H N N 166 
HOH H2   H N N 167 
ILE N    N N N 168 
ILE CA   C N S 169 
ILE C    C N N 170 
ILE O    O N N 171 
ILE CB   C N S 172 
ILE CG1  C N N 173 
ILE CG2  C N N 174 
ILE CD1  C N N 175 
ILE OXT  O N N 176 
ILE H    H N N 177 
ILE H2   H N N 178 
ILE HA   H N N 179 
ILE HB   H N N 180 
ILE HG12 H N N 181 
ILE HG13 H N N 182 
ILE HG21 H N N 183 
ILE HG22 H N N 184 
ILE HG23 H N N 185 
ILE HD11 H N N 186 
ILE HD12 H N N 187 
ILE HD13 H N N 188 
ILE HXT  H N N 189 
LEU N    N N N 190 
LEU CA   C N S 191 
LEU C    C N N 192 
LEU O    O N N 193 
LEU CB   C N N 194 
LEU CG   C N N 195 
LEU CD1  C N N 196 
LEU CD2  C N N 197 
LEU OXT  O N N 198 
LEU H    H N N 199 
LEU H2   H N N 200 
LEU HA   H N N 201 
LEU HB2  H N N 202 
LEU HB3  H N N 203 
LEU HG   H N N 204 
LEU HD11 H N N 205 
LEU HD12 H N N 206 
LEU HD13 H N N 207 
LEU HD21 H N N 208 
LEU HD22 H N N 209 
LEU HD23 H N N 210 
LEU HXT  H N N 211 
LYS N    N N N 212 
LYS CA   C N S 213 
LYS C    C N N 214 
LYS O    O N N 215 
LYS CB   C N N 216 
LYS CG   C N N 217 
LYS CD   C N N 218 
LYS CE   C N N 219 
LYS NZ   N N N 220 
LYS OXT  O N N 221 
LYS H    H N N 222 
LYS H2   H N N 223 
LYS HA   H N N 224 
LYS HB2  H N N 225 
LYS HB3  H N N 226 
LYS HG2  H N N 227 
LYS HG3  H N N 228 
LYS HD2  H N N 229 
LYS HD3  H N N 230 
LYS HE2  H N N 231 
LYS HE3  H N N 232 
LYS HZ1  H N N 233 
LYS HZ2  H N N 234 
LYS HZ3  H N N 235 
LYS HXT  H N N 236 
MET N    N N N 237 
MET CA   C N S 238 
MET C    C N N 239 
MET O    O N N 240 
MET CB   C N N 241 
MET CG   C N N 242 
MET SD   S N N 243 
MET CE   C N N 244 
MET OXT  O N N 245 
MET H    H N N 246 
MET H2   H N N 247 
MET HA   H N N 248 
MET HB2  H N N 249 
MET HB3  H N N 250 
MET HG2  H N N 251 
MET HG3  H N N 252 
MET HE1  H N N 253 
MET HE2  H N N 254 
MET HE3  H N N 255 
MET HXT  H N N 256 
PHE N    N N N 257 
PHE CA   C N S 258 
PHE C    C N N 259 
PHE O    O N N 260 
PHE CB   C N N 261 
PHE CG   C Y N 262 
PHE CD1  C Y N 263 
PHE CD2  C Y N 264 
PHE CE1  C Y N 265 
PHE CE2  C Y N 266 
PHE CZ   C Y N 267 
PHE OXT  O N N 268 
PHE H    H N N 269 
PHE H2   H N N 270 
PHE HA   H N N 271 
PHE HB2  H N N 272 
PHE HB3  H N N 273 
PHE HD1  H N N 274 
PHE HD2  H N N 275 
PHE HE1  H N N 276 
PHE HE2  H N N 277 
PHE HZ   H N N 278 
PHE HXT  H N N 279 
PRO N    N N N 280 
PRO CA   C N S 281 
PRO C    C N N 282 
PRO O    O N N 283 
PRO CB   C N N 284 
PRO CG   C N N 285 
PRO CD   C N N 286 
PRO OXT  O N N 287 
PRO H    H N N 288 
PRO HA   H N N 289 
PRO HB2  H N N 290 
PRO HB3  H N N 291 
PRO HG2  H N N 292 
PRO HG3  H N N 293 
PRO HD2  H N N 294 
PRO HD3  H N N 295 
PRO HXT  H N N 296 
SER N    N N N 297 
SER CA   C N S 298 
SER C    C N N 299 
SER O    O N N 300 
SER CB   C N N 301 
SER OG   O N N 302 
SER OXT  O N N 303 
SER H    H N N 304 
SER H2   H N N 305 
SER HA   H N N 306 
SER HB2  H N N 307 
SER HB3  H N N 308 
SER HG   H N N 309 
SER HXT  H N N 310 
SO4 S    S N N 311 
SO4 O1   O N N 312 
SO4 O2   O N N 313 
SO4 O3   O N N 314 
SO4 O4   O N N 315 
THR N    N N N 316 
THR CA   C N S 317 
THR C    C N N 318 
THR O    O N N 319 
THR CB   C N R 320 
THR OG1  O N N 321 
THR CG2  C N N 322 
THR OXT  O N N 323 
THR H    H N N 324 
THR H2   H N N 325 
THR HA   H N N 326 
THR HB   H N N 327 
THR HG1  H N N 328 
THR HG21 H N N 329 
THR HG22 H N N 330 
THR HG23 H N N 331 
THR HXT  H N N 332 
TRP N    N N N 333 
TRP CA   C N S 334 
TRP C    C N N 335 
TRP O    O N N 336 
TRP CB   C N N 337 
TRP CG   C Y N 338 
TRP CD1  C Y N 339 
TRP CD2  C Y N 340 
TRP NE1  N Y N 341 
TRP CE2  C Y N 342 
TRP CE3  C Y N 343 
TRP CZ2  C Y N 344 
TRP CZ3  C Y N 345 
TRP CH2  C Y N 346 
TRP OXT  O N N 347 
TRP H    H N N 348 
TRP H2   H N N 349 
TRP HA   H N N 350 
TRP HB2  H N N 351 
TRP HB3  H N N 352 
TRP HD1  H N N 353 
TRP HE1  H N N 354 
TRP HE3  H N N 355 
TRP HZ2  H N N 356 
TRP HZ3  H N N 357 
TRP HH2  H N N 358 
TRP HXT  H N N 359 
TYR N    N N N 360 
TYR CA   C N S 361 
TYR C    C N N 362 
TYR O    O N N 363 
TYR CB   C N N 364 
TYR CG   C Y N 365 
TYR CD1  C Y N 366 
TYR CD2  C Y N 367 
TYR CE1  C Y N 368 
TYR CE2  C Y N 369 
TYR CZ   C Y N 370 
TYR OH   O N N 371 
TYR OXT  O N N 372 
TYR H    H N N 373 
TYR H2   H N N 374 
TYR HA   H N N 375 
TYR HB2  H N N 376 
TYR HB3  H N N 377 
TYR HD1  H N N 378 
TYR HD2  H N N 379 
TYR HE1  H N N 380 
TYR HE2  H N N 381 
TYR HH   H N N 382 
TYR HXT  H N N 383 
VAL N    N N N 384 
VAL CA   C N S 385 
VAL C    C N N 386 
VAL O    O N N 387 
VAL CB   C N N 388 
VAL CG1  C N N 389 
VAL CG2  C N N 390 
VAL OXT  O N N 391 
VAL H    H N N 392 
VAL H2   H N N 393 
VAL HA   H N N 394 
VAL HB   H N N 395 
VAL HG11 H N N 396 
VAL HG12 H N N 397 
VAL HG13 H N N 398 
VAL HG21 H N N 399 
VAL HG22 H N N 400 
VAL HG23 H N N 401 
VAL HXT  H N N 402 
# 
loop_
_chem_comp_bond.comp_id 
_chem_comp_bond.atom_id_1 
_chem_comp_bond.atom_id_2 
_chem_comp_bond.value_order 
_chem_comp_bond.pdbx_aromatic_flag 
_chem_comp_bond.pdbx_stereo_config 
_chem_comp_bond.pdbx_ordinal 
ACT C   O    doub N N 1   
ACT C   OXT  sing N N 2   
ACT C   CH3  sing N N 3   
ACT CH3 H1   sing N N 4   
ACT CH3 H2   sing N N 5   
ACT CH3 H3   sing N N 6   
ALA N   CA   sing N N 7   
ALA N   H    sing N N 8   
ALA N   H2   sing N N 9   
ALA CA  C    sing N N 10  
ALA CA  CB   sing N N 11  
ALA CA  HA   sing N N 12  
ALA C   O    doub N N 13  
ALA C   OXT  sing N N 14  
ALA CB  HB1  sing N N 15  
ALA CB  HB2  sing N N 16  
ALA CB  HB3  sing N N 17  
ALA OXT HXT  sing N N 18  
ARG N   CA   sing N N 19  
ARG N   H    sing N N 20  
ARG N   H2   sing N N 21  
ARG CA  C    sing N N 22  
ARG CA  CB   sing N N 23  
ARG CA  HA   sing N N 24  
ARG C   O    doub N N 25  
ARG C   OXT  sing N N 26  
ARG CB  CG   sing N N 27  
ARG CB  HB2  sing N N 28  
ARG CB  HB3  sing N N 29  
ARG CG  CD   sing N N 30  
ARG CG  HG2  sing N N 31  
ARG CG  HG3  sing N N 32  
ARG CD  NE   sing N N 33  
ARG CD  HD2  sing N N 34  
ARG CD  HD3  sing N N 35  
ARG NE  CZ   sing N N 36  
ARG NE  HE   sing N N 37  
ARG CZ  NH1  sing N N 38  
ARG CZ  NH2  doub N N 39  
ARG NH1 HH11 sing N N 40  
ARG NH1 HH12 sing N N 41  
ARG NH2 HH21 sing N N 42  
ARG NH2 HH22 sing N N 43  
ARG OXT HXT  sing N N 44  
ASN N   CA   sing N N 45  
ASN N   H    sing N N 46  
ASN N   H2   sing N N 47  
ASN CA  C    sing N N 48  
ASN CA  CB   sing N N 49  
ASN CA  HA   sing N N 50  
ASN C   O    doub N N 51  
ASN C   OXT  sing N N 52  
ASN CB  CG   sing N N 53  
ASN CB  HB2  sing N N 54  
ASN CB  HB3  sing N N 55  
ASN CG  OD1  doub N N 56  
ASN CG  ND2  sing N N 57  
ASN ND2 HD21 sing N N 58  
ASN ND2 HD22 sing N N 59  
ASN OXT HXT  sing N N 60  
ASP N   CA   sing N N 61  
ASP N   H    sing N N 62  
ASP N   H2   sing N N 63  
ASP CA  C    sing N N 64  
ASP CA  CB   sing N N 65  
ASP CA  HA   sing N N 66  
ASP C   O    doub N N 67  
ASP C   OXT  sing N N 68  
ASP CB  CG   sing N N 69  
ASP CB  HB2  sing N N 70  
ASP CB  HB3  sing N N 71  
ASP CG  OD1  doub N N 72  
ASP CG  OD2  sing N N 73  
ASP OD2 HD2  sing N N 74  
ASP OXT HXT  sing N N 75  
CYS N   CA   sing N N 76  
CYS N   H    sing N N 77  
CYS N   H2   sing N N 78  
CYS CA  C    sing N N 79  
CYS CA  CB   sing N N 80  
CYS CA  HA   sing N N 81  
CYS C   O    doub N N 82  
CYS C   OXT  sing N N 83  
CYS CB  SG   sing N N 84  
CYS CB  HB2  sing N N 85  
CYS CB  HB3  sing N N 86  
CYS SG  HG   sing N N 87  
CYS OXT HXT  sing N N 88  
GLN N   CA   sing N N 89  
GLN N   H    sing N N 90  
GLN N   H2   sing N N 91  
GLN CA  C    sing N N 92  
GLN CA  CB   sing N N 93  
GLN CA  HA   sing N N 94  
GLN C   O    doub N N 95  
GLN C   OXT  sing N N 96  
GLN CB  CG   sing N N 97  
GLN CB  HB2  sing N N 98  
GLN CB  HB3  sing N N 99  
GLN CG  CD   sing N N 100 
GLN CG  HG2  sing N N 101 
GLN CG  HG3  sing N N 102 
GLN CD  OE1  doub N N 103 
GLN CD  NE2  sing N N 104 
GLN NE2 HE21 sing N N 105 
GLN NE2 HE22 sing N N 106 
GLN OXT HXT  sing N N 107 
GLU N   CA   sing N N 108 
GLU N   H    sing N N 109 
GLU N   H2   sing N N 110 
GLU CA  C    sing N N 111 
GLU CA  CB   sing N N 112 
GLU CA  HA   sing N N 113 
GLU C   O    doub N N 114 
GLU C   OXT  sing N N 115 
GLU CB  CG   sing N N 116 
GLU CB  HB2  sing N N 117 
GLU CB  HB3  sing N N 118 
GLU CG  CD   sing N N 119 
GLU CG  HG2  sing N N 120 
GLU CG  HG3  sing N N 121 
GLU CD  OE1  doub N N 122 
GLU CD  OE2  sing N N 123 
GLU OE2 HE2  sing N N 124 
GLU OXT HXT  sing N N 125 
GLY N   CA   sing N N 126 
GLY N   H    sing N N 127 
GLY N   H2   sing N N 128 
GLY CA  C    sing N N 129 
GLY CA  HA2  sing N N 130 
GLY CA  HA3  sing N N 131 
GLY C   O    doub N N 132 
GLY C   OXT  sing N N 133 
GLY OXT HXT  sing N N 134 
HIS N   CA   sing N N 135 
HIS N   H    sing N N 136 
HIS N   H2   sing N N 137 
HIS CA  C    sing N N 138 
HIS CA  CB   sing N N 139 
HIS CA  HA   sing N N 140 
HIS C   O    doub N N 141 
HIS C   OXT  sing N N 142 
HIS CB  CG   sing N N 143 
HIS CB  HB2  sing N N 144 
HIS CB  HB3  sing N N 145 
HIS CG  ND1  sing Y N 146 
HIS CG  CD2  doub Y N 147 
HIS ND1 CE1  doub Y N 148 
HIS ND1 HD1  sing N N 149 
HIS CD2 NE2  sing Y N 150 
HIS CD2 HD2  sing N N 151 
HIS CE1 NE2  sing Y N 152 
HIS CE1 HE1  sing N N 153 
HIS NE2 HE2  sing N N 154 
HIS OXT HXT  sing N N 155 
HOH O   H1   sing N N 156 
HOH O   H2   sing N N 157 
ILE N   CA   sing N N 158 
ILE N   H    sing N N 159 
ILE N   H2   sing N N 160 
ILE CA  C    sing N N 161 
ILE CA  CB   sing N N 162 
ILE CA  HA   sing N N 163 
ILE C   O    doub N N 164 
ILE C   OXT  sing N N 165 
ILE CB  CG1  sing N N 166 
ILE CB  CG2  sing N N 167 
ILE CB  HB   sing N N 168 
ILE CG1 CD1  sing N N 169 
ILE CG1 HG12 sing N N 170 
ILE CG1 HG13 sing N N 171 
ILE CG2 HG21 sing N N 172 
ILE CG2 HG22 sing N N 173 
ILE CG2 HG23 sing N N 174 
ILE CD1 HD11 sing N N 175 
ILE CD1 HD12 sing N N 176 
ILE CD1 HD13 sing N N 177 
ILE OXT HXT  sing N N 178 
LEU N   CA   sing N N 179 
LEU N   H    sing N N 180 
LEU N   H2   sing N N 181 
LEU CA  C    sing N N 182 
LEU CA  CB   sing N N 183 
LEU CA  HA   sing N N 184 
LEU C   O    doub N N 185 
LEU C   OXT  sing N N 186 
LEU CB  CG   sing N N 187 
LEU CB  HB2  sing N N 188 
LEU CB  HB3  sing N N 189 
LEU CG  CD1  sing N N 190 
LEU CG  CD2  sing N N 191 
LEU CG  HG   sing N N 192 
LEU CD1 HD11 sing N N 193 
LEU CD1 HD12 sing N N 194 
LEU CD1 HD13 sing N N 195 
LEU CD2 HD21 sing N N 196 
LEU CD2 HD22 sing N N 197 
LEU CD2 HD23 sing N N 198 
LEU OXT HXT  sing N N 199 
LYS N   CA   sing N N 200 
LYS N   H    sing N N 201 
LYS N   H2   sing N N 202 
LYS CA  C    sing N N 203 
LYS CA  CB   sing N N 204 
LYS CA  HA   sing N N 205 
LYS C   O    doub N N 206 
LYS C   OXT  sing N N 207 
LYS CB  CG   sing N N 208 
LYS CB  HB2  sing N N 209 
LYS CB  HB3  sing N N 210 
LYS CG  CD   sing N N 211 
LYS CG  HG2  sing N N 212 
LYS CG  HG3  sing N N 213 
LYS CD  CE   sing N N 214 
LYS CD  HD2  sing N N 215 
LYS CD  HD3  sing N N 216 
LYS CE  NZ   sing N N 217 
LYS CE  HE2  sing N N 218 
LYS CE  HE3  sing N N 219 
LYS NZ  HZ1  sing N N 220 
LYS NZ  HZ2  sing N N 221 
LYS NZ  HZ3  sing N N 222 
LYS OXT HXT  sing N N 223 
MET N   CA   sing N N 224 
MET N   H    sing N N 225 
MET N   H2   sing N N 226 
MET CA  C    sing N N 227 
MET CA  CB   sing N N 228 
MET CA  HA   sing N N 229 
MET C   O    doub N N 230 
MET C   OXT  sing N N 231 
MET CB  CG   sing N N 232 
MET CB  HB2  sing N N 233 
MET CB  HB3  sing N N 234 
MET CG  SD   sing N N 235 
MET CG  HG2  sing N N 236 
MET CG  HG3  sing N N 237 
MET SD  CE   sing N N 238 
MET CE  HE1  sing N N 239 
MET CE  HE2  sing N N 240 
MET CE  HE3  sing N N 241 
MET OXT HXT  sing N N 242 
PHE N   CA   sing N N 243 
PHE N   H    sing N N 244 
PHE N   H2   sing N N 245 
PHE CA  C    sing N N 246 
PHE CA  CB   sing N N 247 
PHE CA  HA   sing N N 248 
PHE C   O    doub N N 249 
PHE C   OXT  sing N N 250 
PHE CB  CG   sing N N 251 
PHE CB  HB2  sing N N 252 
PHE CB  HB3  sing N N 253 
PHE CG  CD1  doub Y N 254 
PHE CG  CD2  sing Y N 255 
PHE CD1 CE1  sing Y N 256 
PHE CD1 HD1  sing N N 257 
PHE CD2 CE2  doub Y N 258 
PHE CD2 HD2  sing N N 259 
PHE CE1 CZ   doub Y N 260 
PHE CE1 HE1  sing N N 261 
PHE CE2 CZ   sing Y N 262 
PHE CE2 HE2  sing N N 263 
PHE CZ  HZ   sing N N 264 
PHE OXT HXT  sing N N 265 
PRO N   CA   sing N N 266 
PRO N   CD   sing N N 267 
PRO N   H    sing N N 268 
PRO CA  C    sing N N 269 
PRO CA  CB   sing N N 270 
PRO CA  HA   sing N N 271 
PRO C   O    doub N N 272 
PRO C   OXT  sing N N 273 
PRO CB  CG   sing N N 274 
PRO CB  HB2  sing N N 275 
PRO CB  HB3  sing N N 276 
PRO CG  CD   sing N N 277 
PRO CG  HG2  sing N N 278 
PRO CG  HG3  sing N N 279 
PRO CD  HD2  sing N N 280 
PRO CD  HD3  sing N N 281 
PRO OXT HXT  sing N N 282 
SER N   CA   sing N N 283 
SER N   H    sing N N 284 
SER N   H2   sing N N 285 
SER CA  C    sing N N 286 
SER CA  CB   sing N N 287 
SER CA  HA   sing N N 288 
SER C   O    doub N N 289 
SER C   OXT  sing N N 290 
SER CB  OG   sing N N 291 
SER CB  HB2  sing N N 292 
SER CB  HB3  sing N N 293 
SER OG  HG   sing N N 294 
SER OXT HXT  sing N N 295 
SO4 S   O1   doub N N 296 
SO4 S   O2   doub N N 297 
SO4 S   O3   sing N N 298 
SO4 S   O4   sing N N 299 
THR N   CA   sing N N 300 
THR N   H    sing N N 301 
THR N   H2   sing N N 302 
THR CA  C    sing N N 303 
THR CA  CB   sing N N 304 
THR CA  HA   sing N N 305 
THR C   O    doub N N 306 
THR C   OXT  sing N N 307 
THR CB  OG1  sing N N 308 
THR CB  CG2  sing N N 309 
THR CB  HB   sing N N 310 
THR OG1 HG1  sing N N 311 
THR CG2 HG21 sing N N 312 
THR CG2 HG22 sing N N 313 
THR CG2 HG23 sing N N 314 
THR OXT HXT  sing N N 315 
TRP N   CA   sing N N 316 
TRP N   H    sing N N 317 
TRP N   H2   sing N N 318 
TRP CA  C    sing N N 319 
TRP CA  CB   sing N N 320 
TRP CA  HA   sing N N 321 
TRP C   O    doub N N 322 
TRP C   OXT  sing N N 323 
TRP CB  CG   sing N N 324 
TRP CB  HB2  sing N N 325 
TRP CB  HB3  sing N N 326 
TRP CG  CD1  doub Y N 327 
TRP CG  CD2  sing Y N 328 
TRP CD1 NE1  sing Y N 329 
TRP CD1 HD1  sing N N 330 
TRP CD2 CE2  doub Y N 331 
TRP CD2 CE3  sing Y N 332 
TRP NE1 CE2  sing Y N 333 
TRP NE1 HE1  sing N N 334 
TRP CE2 CZ2  sing Y N 335 
TRP CE3 CZ3  doub Y N 336 
TRP CE3 HE3  sing N N 337 
TRP CZ2 CH2  doub Y N 338 
TRP CZ2 HZ2  sing N N 339 
TRP CZ3 CH2  sing Y N 340 
TRP CZ3 HZ3  sing N N 341 
TRP CH2 HH2  sing N N 342 
TRP OXT HXT  sing N N 343 
TYR N   CA   sing N N 344 
TYR N   H    sing N N 345 
TYR N   H2   sing N N 346 
TYR CA  C    sing N N 347 
TYR CA  CB   sing N N 348 
TYR CA  HA   sing N N 349 
TYR C   O    doub N N 350 
TYR C   OXT  sing N N 351 
TYR CB  CG   sing N N 352 
TYR CB  HB2  sing N N 353 
TYR CB  HB3  sing N N 354 
TYR CG  CD1  doub Y N 355 
TYR CG  CD2  sing Y N 356 
TYR CD1 CE1  sing Y N 357 
TYR CD1 HD1  sing N N 358 
TYR CD2 CE2  doub Y N 359 
TYR CD2 HD2  sing N N 360 
TYR CE1 CZ   doub Y N 361 
TYR CE1 HE1  sing N N 362 
TYR CE2 CZ   sing Y N 363 
TYR CE2 HE2  sing N N 364 
TYR CZ  OH   sing N N 365 
TYR OH  HH   sing N N 366 
TYR OXT HXT  sing N N 367 
VAL N   CA   sing N N 368 
VAL N   H    sing N N 369 
VAL N   H2   sing N N 370 
VAL CA  C    sing N N 371 
VAL CA  CB   sing N N 372 
VAL CA  HA   sing N N 373 
VAL C   O    doub N N 374 
VAL C   OXT  sing N N 375 
VAL CB  CG1  sing N N 376 
VAL CB  CG2  sing N N 377 
VAL CB  HB   sing N N 378 
VAL CG1 HG11 sing N N 379 
VAL CG1 HG12 sing N N 380 
VAL CG1 HG13 sing N N 381 
VAL CG2 HG21 sing N N 382 
VAL CG2 HG22 sing N N 383 
VAL CG2 HG23 sing N N 384 
VAL OXT HXT  sing N N 385 
# 
_atom_sites.entry_id                    3QO4 
_atom_sites.fract_transf_matrix[1][1]   0.00934770 
_atom_sites.fract_transf_matrix[1][2]   -0.00479439 
_atom_sites.fract_transf_matrix[1][3]   -0.01045369 
_atom_sites.fract_transf_matrix[2][1]   0.00661519 
_atom_sites.fract_transf_matrix[2][2]   -0.01318266 
_atom_sites.fract_transf_matrix[2][3]   0.00145556 
_atom_sites.fract_transf_matrix[3][1]   -0.00405220 
_atom_sites.fract_transf_matrix[3][2]   -0.00231623 
_atom_sites.fract_transf_matrix[3][3]   -0.00256119 
_atom_sites.fract_transf_vector[1]      0.831250 
_atom_sites.fract_transf_vector[2]      0.208611 
_atom_sites.fract_transf_vector[3]      0.123554 
# 
loop_
_atom_type.symbol 
C 
N 
O 
S 
# 
loop_
_atom_site.group_PDB 
_atom_site.id 
_atom_site.type_symbol 
_atom_site.label_atom_id 
_atom_site.label_alt_id 
_atom_site.label_comp_id 
_atom_site.label_asym_id 
_atom_site.label_entity_id 
_atom_site.label_seq_id 
_atom_site.pdbx_PDB_ins_code 
_atom_site.Cartn_x 
_atom_site.Cartn_y 
_atom_site.Cartn_z 
_atom_site.occupancy 
_atom_site.B_iso_or_equiv 
_atom_site.pdbx_formal_charge 
_atom_site.auth_seq_id 
_atom_site.auth_comp_id 
_atom_site.auth_asym_id 
_atom_site.auth_atom_id 
_atom_site.pdbx_PDB_model_num 
ATOM   1    N N   . LEU A 1 13  ? 10.070  -16.960 25.800  1.00 63.94 ? 50  LEU A N   1 
ATOM   2    C CA  . LEU A 1 13  ? 9.443   -15.892 24.964  1.00 62.81 ? 50  LEU A CA  1 
ATOM   3    C C   . LEU A 1 13  ? 8.750   -16.465 23.723  1.00 57.49 ? 50  LEU A C   1 
ATOM   4    O O   . LEU A 1 13  ? 7.534   -16.361 23.576  1.00 59.84 ? 50  LEU A O   1 
ATOM   5    C CB  . LEU A 1 13  ? 10.506  -14.868 24.543  1.00 65.65 ? 50  LEU A CB  1 
ATOM   6    C CG  . LEU A 1 13  ? 10.079  -13.728 23.612  1.00 67.94 ? 50  LEU A CG  1 
ATOM   7    C CD1 . LEU A 1 13  ? 9.997   -14.224 22.173  1.00 69.24 ? 50  LEU A CD1 1 
ATOM   8    C CD2 . LEU A 1 13  ? 8.745   -13.160 24.085  1.00 70.13 ? 50  LEU A CD2 1 
ATOM   9    N N   . ILE A 1 14  ? 9.520   -17.069 22.829  1.00 50.05 ? 51  ILE A N   1 
ATOM   10   C CA  . ILE A 1 14  ? 8.937   -17.637 21.620  1.00 46.88 ? 51  ILE A CA  1 
ATOM   11   C C   . ILE A 1 14  ? 8.062   -18.836 22.009  1.00 38.97 ? 51  ILE A C   1 
ATOM   12   O O   . ILE A 1 14  ? 8.323   -19.492 23.014  1.00 34.12 ? 51  ILE A O   1 
ATOM   13   C CB  . ILE A 1 14  ? 10.055  -18.038 20.633  1.00 45.53 ? 51  ILE A CB  1 
ATOM   14   C CG1 . ILE A 1 14  ? 9.454   -18.360 19.269  1.00 46.87 ? 51  ILE A CG1 1 
ATOM   15   C CG2 . ILE A 1 14  ? 10.851  -19.202 21.190  1.00 43.07 ? 51  ILE A CG2 1 
ATOM   16   C CD1 . ILE A 1 14  ? 10.480  -18.405 18.169  1.00 39.90 ? 51  ILE A CD1 1 
ATOM   17   N N   . GLY A 1 15  ? 7.009   -19.101 21.235  1.00 38.53 ? 52  GLY A N   1 
ATOM   18   C CA  . GLY A 1 15  ? 6.109   -20.205 21.550  1.00 33.01 ? 52  GLY A CA  1 
ATOM   19   C C   . GLY A 1 15  ? 6.670   -21.616 21.382  1.00 31.81 ? 52  GLY A C   1 
ATOM   20   O O   . GLY A 1 15  ? 7.855   -21.799 21.129  1.00 25.10 ? 52  GLY A O   1 
ATOM   21   N N   . THR A 1 16  ? 5.815   -22.627 21.523  1.00 28.30 ? 53  THR A N   1 
ATOM   22   C CA  . THR A 1 16  ? 6.265   -24.015 21.372  1.00 28.81 ? 53  THR A CA  1 
ATOM   23   C C   . THR A 1 16  ? 5.239   -24.821 20.582  1.00 28.84 ? 53  THR A C   1 
ATOM   24   O O   . THR A 1 16  ? 4.102   -24.375 20.381  1.00 26.02 ? 53  THR A O   1 
ATOM   25   C CB  . THR A 1 16  ? 6.429   -24.710 22.750  1.00 24.62 ? 53  THR A CB  1 
ATOM   26   O OG1 . THR A 1 16  ? 5.174   -24.680 23.440  1.00 25.96 ? 53  THR A OG1 1 
ATOM   27   C CG2 . THR A 1 16  ? 7.454   -24.003 23.608  1.00 27.29 ? 53  THR A CG2 1 
ATOM   28   N N   . TYR A 1 17  ? 5.639   -26.004 20.126  1.00 26.73 ? 54  TYR A N   1 
ATOM   29   C CA  . TYR A 1 17  ? 4.718   -26.889 19.403  1.00 28.19 ? 54  TYR A CA  1 
ATOM   30   C C   . TYR A 1 17  ? 5.081   -28.328 19.776  1.00 26.09 ? 54  TYR A C   1 
ATOM   31   O O   . TYR A 1 17  ? 6.210   -28.595 20.184  1.00 27.49 ? 54  TYR A O   1 
ATOM   32   C CB  . TYR A 1 17  ? 4.832   -26.667 17.885  1.00 20.49 ? 54  TYR A CB  1 
ATOM   33   C CG  . TYR A 1 17  ? 6.161   -27.095 17.277  1.00 26.32 ? 54  TYR A CG  1 
ATOM   34   C CD1 . TYR A 1 17  ? 6.306   -28.353 16.687  1.00 23.43 ? 54  TYR A CD1 1 
ATOM   35   C CD2 . TYR A 1 17  ? 7.283   -26.262 17.333  1.00 19.07 ? 54  TYR A CD2 1 
ATOM   36   C CE1 . TYR A 1 17  ? 7.532   -28.779 16.173  1.00 18.77 ? 54  TYR A CE1 1 
ATOM   37   C CE2 . TYR A 1 17  ? 8.529   -26.680 16.821  1.00 19.12 ? 54  TYR A CE2 1 
ATOM   38   C CZ  . TYR A 1 17  ? 8.641   -27.940 16.248  1.00 24.88 ? 54  TYR A CZ  1 
ATOM   39   O OH  . TYR A 1 17  ? 9.871   -28.388 15.793  1.00 18.67 ? 54  TYR A OH  1 
ATOM   40   N N   . ARG A 1 18  ? 4.123   -29.247 19.662  1.00 26.28 ? 55  ARG A N   1 
ATOM   41   C CA  . ARG A 1 18  ? 4.373   -30.647 19.991  1.00 25.65 ? 55  ARG A CA  1 
ATOM   42   C C   . ARG A 1 18  ? 4.832   -31.422 18.764  1.00 27.06 ? 55  ARG A C   1 
ATOM   43   O O   . ARG A 1 18  ? 4.336   -31.216 17.656  1.00 25.61 ? 55  ARG A O   1 
ATOM   44   C CB  . ARG A 1 18  ? 3.110   -31.280 20.576  1.00 25.68 ? 55  ARG A CB  1 
ATOM   45   C CG  . ARG A 1 18  ? 2.714   -30.675 21.918  1.00 24.53 ? 55  ARG A CG  1 
ATOM   46   C CD  . ARG A 1 18  ? 1.428   -31.261 22.478  1.00 23.89 ? 55  ARG A CD  1 
ATOM   47   N NE  . ARG A 1 18  ? 1.136   -30.593 23.732  1.00 44.42 ? 55  ARG A NE  1 
ATOM   48   C CZ  . ARG A 1 18  ? 0.319   -29.556 23.857  1.00 43.42 ? 55  ARG A CZ  1 
ATOM   49   N NH1 . ARG A 1 18  ? -0.310  -29.081 22.796  1.00 38.83 ? 55  ARG A NH1 1 
ATOM   50   N NH2 . ARG A 1 18  ? 0.173   -28.970 25.041  1.00 50.70 ? 55  ARG A NH2 1 
ATOM   51   N N   . HIS A 1 19  ? 5.779   -32.325 18.963  1.00 22.99 ? 56  HIS A N   1 
ATOM   52   C CA  . HIS A 1 19  ? 6.310   -33.109 17.859  1.00 21.02 ? 56  HIS A CA  1 
ATOM   53   C C   . HIS A 1 19  ? 6.535   -34.541 18.310  1.00 24.52 ? 56  HIS A C   1 
ATOM   54   O O   . HIS A 1 19  ? 7.083   -34.774 19.386  1.00 18.21 ? 56  HIS A O   1 
ATOM   55   C CB  . HIS A 1 19  ? 7.655   -32.537 17.397  1.00 21.84 ? 56  HIS A CB  1 
ATOM   56   C CG  . HIS A 1 19  ? 8.312   -33.345 16.318  1.00 19.52 ? 56  HIS A CG  1 
ATOM   57   N ND1 . HIS A 1 19  ? 7.823   -33.397 15.032  1.00 17.38 ? 56  HIS A ND1 1 
ATOM   58   C CD2 . HIS A 1 19  ? 9.389   -34.170 16.344  1.00 18.37 ? 56  HIS A CD2 1 
ATOM   59   C CE1 . HIS A 1 19  ? 8.570   -34.219 14.310  1.00 23.04 ? 56  HIS A CE1 1 
ATOM   60   N NE2 . HIS A 1 19  ? 9.527   -34.702 15.081  1.00 18.12 ? 56  HIS A NE2 1 
ATOM   61   N N   . VAL A 1 20  ? 6.119   -35.491 17.481  1.00 20.14 ? 57  VAL A N   1 
ATOM   62   C CA  . VAL A 1 20  ? 6.332   -36.901 17.774  1.00 21.98 ? 57  VAL A CA  1 
ATOM   63   C C   . VAL A 1 20  ? 7.712   -37.239 17.229  1.00 22.39 ? 57  VAL A C   1 
ATOM   64   O O   . VAL A 1 20  ? 7.938   -37.150 16.024  1.00 21.09 ? 57  VAL A O   1 
ATOM   65   C CB  . VAL A 1 20  ? 5.323   -37.797 17.040  1.00 23.33 ? 57  VAL A CB  1 
ATOM   66   C CG1 . VAL A 1 20  ? 5.700   -39.261 17.240  1.00 20.05 ? 57  VAL A CG1 1 
ATOM   67   C CG2 . VAL A 1 20  ? 3.928   -37.529 17.548  1.00 16.93 ? 57  VAL A CG2 1 
ATOM   68   N N   . ASP A 1 21  ? 8.631   -37.623 18.105  1.00 18.06 ? 58  ASP A N   1 
ATOM   69   C CA  . ASP A 1 21  ? 9.983   -37.968 17.668  1.00 15.89 ? 58  ASP A CA  1 
ATOM   70   C C   . ASP A 1 21  ? 9.939   -39.279 16.901  1.00 20.48 ? 58  ASP A C   1 
ATOM   71   O O   . ASP A 1 21  ? 9.421   -40.275 17.405  1.00 16.44 ? 58  ASP A O   1 
ATOM   72   C CB  . ASP A 1 21  ? 10.901  -38.117 18.882  1.00 16.34 ? 58  ASP A CB  1 
ATOM   73   C CG  . ASP A 1 21  ? 12.303  -38.515 18.495  1.00 27.21 ? 58  ASP A CG  1 
ATOM   74   O OD1 . ASP A 1 21  ? 12.934  -37.762 17.711  1.00 24.12 ? 58  ASP A OD1 1 
ATOM   75   O OD2 . ASP A 1 21  ? 12.764  -39.580 18.970  1.00 25.87 ? 58  ASP A OD2 1 
ATOM   76   N N   . ARG A 1 22  ? 10.491  -39.288 15.692  1.00 19.61 ? 59  ARG A N   1 
ATOM   77   C CA  . ARG A 1 22  ? 10.467  -40.481 14.864  1.00 23.23 ? 59  ARG A CA  1 
ATOM   78   C C   . ARG A 1 22  ? 11.089  -41.716 15.484  1.00 26.03 ? 59  ARG A C   1 
ATOM   79   O O   . ARG A 1 22  ? 10.472  -42.769 15.524  1.00 23.28 ? 59  ARG A O   1 
ATOM   80   C CB  . ARG A 1 22  ? 11.166  -40.247 13.517  1.00 24.33 ? 59  ARG A CB  1 
ATOM   81   C CG  . ARG A 1 22  ? 11.268  -41.537 12.666  1.00 19.53 ? 59  ARG A CG  1 
ATOM   82   C CD  . ARG A 1 22  ? 12.008  -41.333 11.333  1.00 18.69 ? 59  ARG A CD  1 
ATOM   83   N NE  . ARG A 1 22  ? 13.402  -40.919 11.524  1.00 23.22 ? 59  ARG A NE  1 
ATOM   84   C CZ  . ARG A 1 22  ? 14.358  -41.705 12.017  1.00 28.70 ? 59  ARG A CZ  1 
ATOM   85   N NH1 . ARG A 1 22  ? 14.084  -42.953 12.364  1.00 23.93 ? 59  ARG A NH1 1 
ATOM   86   N NH2 . ARG A 1 22  ? 15.585  -41.237 12.182  1.00 32.40 ? 59  ARG A NH2 1 
ATOM   87   N N   . ALA A 1 23  ? 12.326  -41.595 15.938  1.00 21.78 ? 60  ALA A N   1 
ATOM   88   C CA  . ALA A 1 23  ? 13.023  -42.743 16.490  1.00 24.59 ? 60  ALA A CA  1 
ATOM   89   C C   . ALA A 1 23  ? 12.433  -43.350 17.761  1.00 24.35 ? 60  ALA A C   1 
ATOM   90   O O   . ALA A 1 23  ? 12.411  -44.560 17.907  1.00 27.70 ? 60  ALA A O   1 
ATOM   91   C CB  . ALA A 1 23  ? 14.497  -42.384 16.722  1.00 24.93 ? 60  ALA A CB  1 
ATOM   92   N N   . THR A 1 24  ? 11.942  -42.518 18.672  1.00 26.11 ? 61  THR A N   1 
ATOM   93   C CA  . THR A 1 24  ? 11.424  -43.018 19.938  1.00 19.91 ? 61  THR A CA  1 
ATOM   94   C C   . THR A 1 24  ? 9.904   -42.985 20.111  1.00 21.69 ? 61  THR A C   1 
ATOM   95   O O   . THR A 1 24  ? 9.369   -43.683 20.955  1.00 24.85 ? 61  THR A O   1 
ATOM   96   C CB  . THR A 1 24  ? 12.017  -42.217 21.085  1.00 20.56 ? 61  THR A CB  1 
ATOM   97   O OG1 . THR A 1 24  ? 11.583  -40.861 20.958  1.00 18.67 ? 61  THR A OG1 1 
ATOM   98   C CG2 . THR A 1 24  ? 13.562  -42.270 21.055  1.00 20.61 ? 61  THR A CG2 1 
ATOM   99   N N   . GLY A 1 25  ? 9.212   -42.179 19.325  1.00 19.82 ? 62  GLY A N   1 
ATOM   100  C CA  . GLY A 1 25  ? 7.780   -42.066 19.482  1.00 17.57 ? 62  GLY A CA  1 
ATOM   101  C C   . GLY A 1 25  ? 7.461   -41.096 20.621  1.00 22.74 ? 62  GLY A C   1 
ATOM   102  O O   . GLY A 1 25  ? 6.301   -40.899 20.979  1.00 19.72 ? 62  GLY A O   1 
ATOM   103  N N   . GLN A 1 26  ? 8.493   -40.487 21.201  1.00 18.41 ? 63  GLN A N   1 
ATOM   104  C CA  . GLN A 1 26  ? 8.291   -39.529 22.284  1.00 12.85 ? 63  GLN A CA  1 
ATOM   105  C C   . GLN A 1 26  ? 7.590   -38.275 21.767  1.00 17.88 ? 63  GLN A C   1 
ATOM   106  O O   . GLN A 1 26  ? 7.882   -37.791 20.670  1.00 22.15 ? 63  GLN A O   1 
ATOM   107  C CB  . GLN A 1 26  ? 9.639   -39.134 22.921  1.00 16.38 ? 63  GLN A CB  1 
ATOM   108  C CG  . GLN A 1 26  ? 9.499   -38.092 24.072  1.00 16.24 ? 63  GLN A CG  1 
ATOM   109  C CD  . GLN A 1 26  ? 10.831  -37.723 24.743  1.00 23.11 ? 63  GLN A CD  1 
ATOM   110  O OE1 . GLN A 1 26  ? 11.911  -37.972 24.202  1.00 27.69 ? 63  GLN A OE1 1 
ATOM   111  N NE2 . GLN A 1 26  ? 10.750  -37.111 25.919  1.00 21.82 ? 63  GLN A NE2 1 
ATOM   112  N N   . VAL A 1 27  ? 6.636   -37.771 22.541  1.00 17.63 ? 64  VAL A N   1 
ATOM   113  C CA  . VAL A 1 27  ? 5.928   -36.552 22.169  1.00 21.37 ? 64  VAL A CA  1 
ATOM   114  C C   . VAL A 1 27  ? 6.684   -35.422 22.871  1.00 25.41 ? 64  VAL A C   1 
ATOM   115  O O   . VAL A 1 27  ? 6.684   -35.313 24.110  1.00 23.07 ? 64  VAL A O   1 
ATOM   116  C CB  . VAL A 1 27  ? 4.471   -36.570 22.652  1.00 21.44 ? 64  VAL A CB  1 
ATOM   117  C CG1 . VAL A 1 27  ? 3.847   -35.202 22.420  1.00 20.58 ? 64  VAL A CG1 1 
ATOM   118  C CG2 . VAL A 1 27  ? 3.685   -37.653 21.884  1.00 16.06 ? 64  VAL A CG2 1 
ATOM   119  N N   . LEU A 1 28  ? 7.329   -34.589 22.069  1.00 22.53 ? 65  LEU A N   1 
ATOM   120  C CA  . LEU A 1 28  ? 8.145   -33.496 22.572  1.00 23.73 ? 65  LEU A CA  1 
ATOM   121  C C   . LEU A 1 28  ? 7.524   -32.113 22.442  1.00 25.11 ? 65  LEU A C   1 
ATOM   122  O O   . LEU A 1 28  ? 6.680   -31.880 21.584  1.00 26.67 ? 65  LEU A O   1 
ATOM   123  C CB  . LEU A 1 28  ? 9.468   -33.499 21.807  1.00 24.27 ? 65  LEU A CB  1 
ATOM   124  C CG  . LEU A 1 28  ? 10.314  -34.767 21.867  1.00 22.54 ? 65  LEU A CG  1 
ATOM   125  C CD1 . LEU A 1 28  ? 11.210  -34.864 20.653  1.00 26.88 ? 65  LEU A CD1 1 
ATOM   126  C CD2 . LEU A 1 28  ? 11.124  -34.754 23.161  1.00 20.26 ? 65  LEU A CD2 1 
ATOM   127  N N   . THR A 1 29  ? 7.953   -31.196 23.306  1.00 28.73 ? 66  THR A N   1 
ATOM   128  C CA  . THR A 1 29  ? 7.518   -29.797 23.230  1.00 23.66 ? 66  THR A CA  1 
ATOM   129  C C   . THR A 1 29  ? 8.746   -29.070 22.657  1.00 28.39 ? 66  THR A C   1 
ATOM   130  O O   . THR A 1 29  ? 9.754   -28.907 23.341  1.00 28.04 ? 66  THR A O   1 
ATOM   131  C CB  . THR A 1 29  ? 7.172   -29.235 24.618  1.00 31.13 ? 66  THR A CB  1 
ATOM   132  O OG1 . THR A 1 29  ? 5.910   -29.777 25.043  1.00 26.15 ? 66  THR A OG1 1 
ATOM   133  C CG2 . THR A 1 29  ? 7.079   -27.703 24.581  1.00 28.80 ? 66  THR A CG2 1 
ATOM   134  N N   . CYS A 1 30  ? 8.693   -28.686 21.385  1.00 24.09 ? 67  CYS A N   1 
ATOM   135  C CA  . CYS A 1 30  ? 9.836   -28.014 20.778  1.00 26.28 ? 67  CYS A CA  1 
ATOM   136  C C   . CYS A 1 30  ? 9.578   -26.514 20.681  1.00 25.68 ? 67  CYS A C   1 
ATOM   137  O O   . CYS A 1 30  ? 8.433   -26.055 20.791  1.00 22.98 ? 67  CYS A O   1 
ATOM   138  C CB  . CYS A 1 30  ? 10.110  -28.557 19.367  1.00 25.84 ? 67  CYS A CB  1 
ATOM   139  S SG  . CYS A 1 30  ? 10.474  -30.338 19.164  1.00 26.70 ? 67  CYS A SG  1 
ATOM   140  N N   . ASP A 1 31  ? 10.644  -25.744 20.474  1.00 26.56 ? 68  ASP A N   1 
ATOM   141  C CA  . ASP A 1 31  ? 10.478  -24.300 20.350  1.00 25.58 ? 68  ASP A CA  1 
ATOM   142  C C   . ASP A 1 31  ? 10.065  -23.948 18.942  1.00 24.67 ? 68  ASP A C   1 
ATOM   143  O O   . ASP A 1 31  ? 10.637  -24.457 17.976  1.00 24.37 ? 68  ASP A O   1 
ATOM   144  C CB  . ASP A 1 31  ? 11.783  -23.565 20.635  1.00 27.63 ? 68  ASP A CB  1 
ATOM   145  C CG  . ASP A 1 31  ? 12.244  -23.740 22.042  1.00 32.97 ? 68  ASP A CG  1 
ATOM   146  O OD1 . ASP A 1 31  ? 13.390  -24.212 22.231  1.00 37.37 ? 68  ASP A OD1 1 
ATOM   147  O OD2 . ASP A 1 31  ? 11.453  -23.411 22.949  1.00 28.99 ? 68  ASP A OD2 1 
ATOM   148  N N   . LYS A 1 32  ? 9.071   -23.080 18.817  1.00 25.03 ? 69  LYS A N   1 
ATOM   149  C CA  . LYS A 1 32  ? 8.689   -22.635 17.493  1.00 26.98 ? 69  LYS A CA  1 
ATOM   150  C C   . LYS A 1 32  ? 9.858   -21.852 16.892  1.00 27.79 ? 69  LYS A C   1 
ATOM   151  O O   . LYS A 1 32  ? 10.802  -21.451 17.592  1.00 25.86 ? 69  LYS A O   1 
ATOM   152  C CB  . LYS A 1 32  ? 7.467   -21.731 17.557  1.00 26.76 ? 69  LYS A CB  1 
ATOM   153  C CG  . LYS A 1 32  ? 6.159   -22.478 17.631  1.00 30.38 ? 69  LYS A CG  1 
ATOM   154  C CD  . LYS A 1 32  ? 4.993   -21.509 17.635  1.00 33.76 ? 69  LYS A CD  1 
ATOM   155  C CE  . LYS A 1 32  ? 3.673   -22.262 17.616  1.00 36.63 ? 69  LYS A CE  1 
ATOM   156  N NZ  . LYS A 1 32  ? 2.512   -21.329 17.688  1.00 49.36 ? 69  LYS A NZ  1 
ATOM   157  N N   . CYS A 1 33  ? 9.801   -21.676 15.580  1.00 27.87 ? 70  CYS A N   1 
ATOM   158  C CA  . CYS A 1 33  ? 10.802  -20.931 14.843  1.00 24.64 ? 70  CYS A CA  1 
ATOM   159  C C   . CYS A 1 33  ? 10.173  -19.575 14.494  1.00 25.47 ? 70  CYS A C   1 
ATOM   160  O O   . CYS A 1 33  ? 8.984   -19.496 14.174  1.00 26.83 ? 70  CYS A O   1 
ATOM   161  C CB  . CYS A 1 33  ? 11.168  -21.662 13.561  1.00 24.23 ? 70  CYS A CB  1 
ATOM   162  S SG  . CYS A 1 33  ? 12.342  -23.025 13.787  1.00 28.87 ? 70  CYS A SG  1 
ATOM   163  N N   . PRO A 1 34  ? 10.966  -18.498 14.538  1.00 27.93 ? 71  PRO A N   1 
ATOM   164  C CA  . PRO A 1 34  ? 10.446  -17.162 14.222  1.00 28.33 ? 71  PRO A CA  1 
ATOM   165  C C   . PRO A 1 34  ? 10.025  -17.004 12.759  1.00 25.06 ? 71  PRO A C   1 
ATOM   166  O O   . PRO A 1 34  ? 10.502  -17.734 11.879  1.00 27.04 ? 71  PRO A O   1 
ATOM   167  C CB  . PRO A 1 34  ? 11.626  -16.258 14.571  1.00 29.65 ? 71  PRO A CB  1 
ATOM   168  C CG  . PRO A 1 34  ? 12.796  -17.095 14.122  1.00 31.68 ? 71  PRO A CG  1 
ATOM   169  C CD  . PRO A 1 34  ? 12.436  -18.464 14.698  1.00 29.63 ? 71  PRO A CD  1 
ATOM   170  N N   . ALA A 1 35  ? 9.129   -16.049 12.518  1.00 24.54 ? 72  ALA A N   1 
ATOM   171  C CA  . ALA A 1 35  ? 8.650   -15.728 11.175  1.00 24.74 ? 72  ALA A CA  1 
ATOM   172  C C   . ALA A 1 35  ? 9.848   -15.445 10.301  1.00 30.67 ? 72  ALA A C   1 
ATOM   173  O O   . ALA A 1 35  ? 10.818  -14.844 10.758  1.00 32.66 ? 72  ALA A O   1 
ATOM   174  C CB  . ALA A 1 35  ? 7.767   -14.513 11.228  1.00 29.04 ? 72  ALA A CB  1 
ATOM   175  N N   . GLY A 1 36  ? 9.792   -15.868 9.045   1.00 26.23 ? 73  GLY A N   1 
ATOM   176  C CA  . GLY A 1 36  ? 10.919  -15.648 8.163   1.00 19.42 ? 73  GLY A CA  1 
ATOM   177  C C   . GLY A 1 36  ? 11.787  -16.887 8.100   1.00 26.29 ? 73  GLY A C   1 
ATOM   178  O O   . GLY A 1 36  ? 12.725  -16.977 7.298   1.00 26.36 ? 73  GLY A O   1 
ATOM   179  N N   . THR A 1 37  ? 11.480  -17.852 8.959   1.00 24.16 ? 74  THR A N   1 
ATOM   180  C CA  . THR A 1 37  ? 12.229  -19.106 8.975   1.00 26.36 ? 74  THR A CA  1 
ATOM   181  C C   . THR A 1 37  ? 11.278  -20.290 9.124   1.00 26.50 ? 74  THR A C   1 
ATOM   182  O O   . THR A 1 37  ? 10.066  -20.131 9.327   1.00 23.66 ? 74  THR A O   1 
ATOM   183  C CB  . THR A 1 37  ? 13.189  -19.169 10.170  1.00 28.19 ? 74  THR A CB  1 
ATOM   184  O OG1 . THR A 1 37  ? 12.421  -19.310 11.373  1.00 24.67 ? 74  THR A OG1 1 
ATOM   185  C CG2 . THR A 1 37  ? 14.033  -17.872 10.264  1.00 28.66 ? 74  THR A CG2 1 
ATOM   186  N N   . TYR A 1 38  ? 11.845  -21.481 9.040   1.00 28.94 ? 75  TYR A N   1 
ATOM   187  C CA  . TYR A 1 38  ? 11.073  -22.698 9.223   1.00 31.57 ? 75  TYR A CA  1 
ATOM   188  C C   . TYR A 1 38  ? 11.961  -23.673 9.995   1.00 31.32 ? 75  TYR A C   1 
ATOM   189  O O   . TYR A 1 38  ? 13.178  -23.451 10.135  1.00 25.00 ? 75  TYR A O   1 
ATOM   190  C CB  . TYR A 1 38  ? 10.675  -23.299 7.873   1.00 23.44 ? 75  TYR A CB  1 
ATOM   191  C CG  . TYR A 1 38  ? 11.842  -23.862 7.115   1.00 26.46 ? 75  TYR A CG  1 
ATOM   192  C CD1 . TYR A 1 38  ? 12.102  -25.240 7.099   1.00 22.49 ? 75  TYR A CD1 1 
ATOM   193  C CD2 . TYR A 1 38  ? 12.704  -23.018 6.421   1.00 25.02 ? 75  TYR A CD2 1 
ATOM   194  C CE1 . TYR A 1 38  ? 13.195  -25.753 6.402   1.00 21.91 ? 75  TYR A CE1 1 
ATOM   195  C CE2 . TYR A 1 38  ? 13.792  -23.521 5.726   1.00 19.84 ? 75  TYR A CE2 1 
ATOM   196  C CZ  . TYR A 1 38  ? 14.039  -24.878 5.714   1.00 32.06 ? 75  TYR A CZ  1 
ATOM   197  O OH  . TYR A 1 38  ? 15.143  -25.341 5.012   1.00 29.33 ? 75  TYR A OH  1 
ATOM   198  N N   . VAL A 1 39  ? 11.344  -24.741 10.495  1.00 30.25 ? 76  VAL A N   1 
ATOM   199  C CA  . VAL A 1 39  ? 12.047  -25.776 11.246  1.00 25.00 ? 76  VAL A CA  1 
ATOM   200  C C   . VAL A 1 39  ? 12.786  -26.695 10.302  1.00 23.64 ? 76  VAL A C   1 
ATOM   201  O O   . VAL A 1 39  ? 12.158  -27.497 9.615   1.00 24.46 ? 76  VAL A O   1 
ATOM   202  C CB  . VAL A 1 39  ? 11.052  -26.651 12.075  1.00 29.77 ? 76  VAL A CB  1 
ATOM   203  C CG1 . VAL A 1 39  ? 11.811  -27.790 12.796  1.00 18.94 ? 76  VAL A CG1 1 
ATOM   204  C CG2 . VAL A 1 39  ? 10.305  -25.781 13.079  1.00 20.44 ? 76  VAL A CG2 1 
ATOM   205  N N   . SER A 1 40  ? 14.112  -26.603 10.258  1.00 24.64 ? 77  SER A N   1 
ATOM   206  C CA  . SER A 1 40  ? 14.850  -27.500 9.381   1.00 26.90 ? 77  SER A CA  1 
ATOM   207  C C   . SER A 1 40  ? 15.191  -28.792 10.134  1.00 28.17 ? 77  SER A C   1 
ATOM   208  O O   . SER A 1 40  ? 15.550  -29.793 9.519   1.00 26.86 ? 77  SER A O   1 
ATOM   209  C CB  . SER A 1 40  ? 16.128  -26.829 8.848   1.00 28.88 ? 77  SER A CB  1 
ATOM   210  O OG  . SER A 1 40  ? 16.875  -26.238 9.895   1.00 25.59 ? 77  SER A OG  1 
ATOM   211  N N   . GLU A 1 41  ? 15.085  -28.756 11.464  1.00 28.38 ? 78  GLU A N   1 
ATOM   212  C CA  . GLU A 1 41  ? 15.329  -29.931 12.312  1.00 26.67 ? 78  GLU A CA  1 
ATOM   213  C C   . GLU A 1 41  ? 14.497  -29.806 13.577  1.00 25.36 ? 78  GLU A C   1 
ATOM   214  O O   . GLU A 1 41  ? 14.625  -28.825 14.314  1.00 27.68 ? 78  GLU A O   1 
ATOM   215  C CB  . GLU A 1 41  ? 16.785  -30.035 12.758  1.00 32.72 ? 78  GLU A CB  1 
ATOM   216  C CG  . GLU A 1 41  ? 17.811  -30.269 11.694  1.00 40.80 ? 78  GLU A CG  1 
ATOM   217  C CD  . GLU A 1 41  ? 19.222  -30.120 12.258  1.00 53.35 ? 78  GLU A CD  1 
ATOM   218  O OE1 . GLU A 1 41  ? 19.975  -29.230 11.770  1.00 47.72 ? 78  GLU A OE1 1 
ATOM   219  O OE2 . GLU A 1 41  ? 19.562  -30.888 13.197  1.00 48.49 ? 78  GLU A OE2 1 
ATOM   220  N N   . HIS A 1 42  ? 13.642  -30.789 13.835  1.00 16.45 ? 79  HIS A N   1 
ATOM   221  C CA  . HIS A 1 42  ? 12.840  -30.757 15.046  1.00 22.21 ? 79  HIS A CA  1 
ATOM   222  C C   . HIS A 1 42  ? 13.745  -31.050 16.232  1.00 19.78 ? 79  HIS A C   1 
ATOM   223  O O   . HIS A 1 42  ? 14.845  -31.588 16.072  1.00 22.48 ? 79  HIS A O   1 
ATOM   224  C CB  . HIS A 1 42  ? 11.746  -31.819 14.975  1.00 26.17 ? 79  HIS A CB  1 
ATOM   225  C CG  . HIS A 1 42  ? 10.677  -31.501 13.982  1.00 25.08 ? 79  HIS A CG  1 
ATOM   226  N ND1 . HIS A 1 42  ? 9.685   -30.580 14.235  1.00 22.05 ? 79  HIS A ND1 1 
ATOM   227  C CD2 . HIS A 1 42  ? 10.441  -31.982 12.738  1.00 20.23 ? 79  HIS A CD2 1 
ATOM   228  C CE1 . HIS A 1 42  ? 8.875   -30.514 13.191  1.00 23.12 ? 79  HIS A CE1 1 
ATOM   229  N NE2 . HIS A 1 42  ? 9.311   -31.356 12.270  1.00 22.01 ? 79  HIS A NE2 1 
ATOM   230  N N   . CYS A 1 43  ? 13.296  -30.678 17.419  1.00 23.71 ? 80  CYS A N   1 
ATOM   231  C CA  . CYS A 1 43  ? 14.076  -30.966 18.613  1.00 23.87 ? 80  CYS A CA  1 
ATOM   232  C C   . CYS A 1 43  ? 13.967  -32.467 18.896  1.00 26.74 ? 80  CYS A C   1 
ATOM   233  O O   . CYS A 1 43  ? 13.154  -33.155 18.269  1.00 23.71 ? 80  CYS A O   1 
ATOM   234  C CB  . CYS A 1 43  ? 13.506  -30.192 19.798  1.00 17.05 ? 80  CYS A CB  1 
ATOM   235  S SG  . CYS A 1 43  ? 11.924  -30.743 20.554  1.00 26.27 ? 80  CYS A SG  1 
ATOM   236  N N   . THR A 1 44  ? 14.831  -32.968 19.780  1.00 26.83 ? 81  THR A N   1 
ATOM   237  C CA  . THR A 1 44  ? 14.791  -34.356 20.248  1.00 27.25 ? 81  THR A CA  1 
ATOM   238  C C   . THR A 1 44  ? 14.978  -34.155 21.751  1.00 31.81 ? 81  THR A C   1 
ATOM   239  O O   . THR A 1 44  ? 15.153  -33.024 22.224  1.00 28.39 ? 81  THR A O   1 
ATOM   240  C CB  . THR A 1 44  ? 15.967  -35.252 19.784  1.00 25.85 ? 81  THR A CB  1 
ATOM   241  O OG1 . THR A 1 44  ? 17.196  -34.716 20.293  1.00 29.81 ? 81  THR A OG1 1 
ATOM   242  C CG2 . THR A 1 44  ? 16.009  -35.380 18.280  1.00 20.63 ? 81  THR A CG2 1 
ATOM   243  N N   . ASN A 1 45  ? 14.971  -35.246 22.494  1.00 29.26 ? 82  ASN A N   1 
ATOM   244  C CA  . ASN A 1 45  ? 15.115  -35.168 23.936  1.00 32.15 ? 82  ASN A CA  1 
ATOM   245  C C   . ASN A 1 45  ? 16.467  -34.590 24.361  1.00 29.54 ? 82  ASN A C   1 
ATOM   246  O O   . ASN A 1 45  ? 16.600  -34.092 25.470  1.00 34.81 ? 82  ASN A O   1 
ATOM   247  C CB  . ASN A 1 45  ? 14.936  -36.563 24.548  1.00 30.62 ? 82  ASN A CB  1 
ATOM   248  C CG  . ASN A 1 45  ? 14.778  -36.515 26.043  1.00 37.72 ? 82  ASN A CG  1 
ATOM   249  O OD1 . ASN A 1 45  ? 13.851  -35.879 26.556  1.00 33.05 ? 82  ASN A OD1 1 
ATOM   250  N ND2 . ASN A 1 45  ? 15.682  -37.179 26.760  1.00 33.05 ? 82  ASN A ND2 1 
ATOM   251  N N   . THR A 1 46  ? 17.456  -34.646 23.472  1.00 27.93 ? 83  THR A N   1 
ATOM   252  C CA  . THR A 1 46  ? 18.790  -34.150 23.780  1.00 34.15 ? 83  THR A CA  1 
ATOM   253  C C   . THR A 1 46  ? 19.281  -33.011 22.876  1.00 33.89 ? 83  THR A C   1 
ATOM   254  O O   . THR A 1 46  ? 20.443  -32.621 22.950  1.00 36.04 ? 83  THR A O   1 
ATOM   255  C CB  . THR A 1 46  ? 19.821  -35.280 23.664  1.00 30.71 ? 83  THR A CB  1 
ATOM   256  O OG1 . THR A 1 46  ? 19.756  -35.827 22.346  1.00 40.17 ? 83  THR A OG1 1 
ATOM   257  C CG2 . THR A 1 46  ? 19.542  -36.381 24.689  1.00 36.97 ? 83  THR A CG2 1 
ATOM   258  N N   . SER A 1 47  ? 18.422  -32.495 22.009  1.00 32.06 ? 84  SER A N   1 
ATOM   259  C CA  . SER A 1 47  ? 18.855  -31.434 21.119  1.00 30.98 ? 84  SER A CA  1 
ATOM   260  C C   . SER A 1 47  ? 17.775  -30.408 20.790  1.00 31.09 ? 84  SER A C   1 
ATOM   261  O O   . SER A 1 47  ? 16.575  -30.712 20.719  1.00 30.90 ? 84  SER A O   1 
ATOM   262  C CB  . SER A 1 47  ? 19.431  -32.040 19.832  1.00 32.49 ? 84  SER A CB  1 
ATOM   263  O OG  . SER A 1 47  ? 18.435  -32.703 19.076  1.00 38.29 ? 84  SER A OG  1 
ATOM   264  N N   . LEU A 1 48  ? 18.210  -29.168 20.618  1.00 27.10 ? 85  LEU A N   1 
ATOM   265  C CA  . LEU A 1 48  ? 17.300  -28.093 20.284  1.00 25.20 ? 85  LEU A CA  1 
ATOM   266  C C   . LEU A 1 48  ? 16.863  -28.217 18.824  1.00 19.58 ? 85  LEU A C   1 
ATOM   267  O O   . LEU A 1 48  ? 17.607  -28.704 17.977  1.00 24.71 ? 85  LEU A O   1 
ATOM   268  C CB  . LEU A 1 48  ? 18.000  -26.741 20.459  1.00 29.21 ? 85  LEU A CB  1 
ATOM   269  C CG  . LEU A 1 48  ? 18.493  -26.320 21.842  1.00 33.13 ? 85  LEU A CG  1 
ATOM   270  C CD1 . LEU A 1 48  ? 19.152  -24.956 21.736  1.00 31.85 ? 85  LEU A CD1 1 
ATOM   271  C CD2 . LEU A 1 48  ? 17.319  -26.269 22.824  1.00 27.00 ? 85  LEU A CD2 1 
ATOM   272  N N   . ARG A 1 49  ? 15.650  -27.775 18.534  1.00 22.11 ? 86  ARG A N   1 
ATOM   273  C CA  . ARG A 1 49  ? 15.180  -27.760 17.153  1.00 20.89 ? 86  ARG A CA  1 
ATOM   274  C C   . ARG A 1 49  ? 16.071  -26.710 16.458  1.00 25.02 ? 86  ARG A C   1 
ATOM   275  O O   . ARG A 1 49  ? 16.604  -25.807 17.110  1.00 20.85 ? 86  ARG A O   1 
ATOM   276  C CB  . ARG A 1 49  ? 13.721  -27.300 17.118  1.00 17.40 ? 86  ARG A CB  1 
ATOM   277  C CG  . ARG A 1 49  ? 13.498  -25.882 17.683  1.00 24.55 ? 86  ARG A CG  1 
ATOM   278  C CD  . ARG A 1 49  ? 13.549  -24.773 16.582  1.00 24.69 ? 86  ARG A CD  1 
ATOM   279  N NE  . ARG A 1 49  ? 13.198  -23.468 17.140  1.00 23.13 ? 86  ARG A NE  1 
ATOM   280  C CZ  . ARG A 1 49  ? 14.061  -22.631 17.722  1.00 26.70 ? 86  ARG A CZ  1 
ATOM   281  N NH1 . ARG A 1 49  ? 15.348  -22.942 17.814  1.00 19.08 ? 86  ARG A NH1 1 
ATOM   282  N NH2 . ARG A 1 49  ? 13.627  -21.492 18.257  1.00 23.52 ? 86  ARG A NH2 1 
ATOM   283  N N   . VAL A 1 50  ? 16.237  -26.835 15.148  1.00 22.00 ? 87  VAL A N   1 
ATOM   284  C CA  . VAL A 1 50  ? 17.030  -25.890 14.392  1.00 27.75 ? 87  VAL A CA  1 
ATOM   285  C C   . VAL A 1 50  ? 16.127  -25.188 13.376  1.00 29.09 ? 87  VAL A C   1 
ATOM   286  O O   . VAL A 1 50  ? 15.269  -25.825 12.757  1.00 27.72 ? 87  VAL A O   1 
ATOM   287  C CB  . VAL A 1 50  ? 18.166  -26.588 13.639  1.00 24.92 ? 87  VAL A CB  1 
ATOM   288  C CG1 . VAL A 1 50  ? 18.912  -25.574 12.765  1.00 26.76 ? 87  VAL A CG1 1 
ATOM   289  C CG2 . VAL A 1 50  ? 19.125  -27.251 14.641  1.00 24.95 ? 87  VAL A CG2 1 
ATOM   290  N N   . CYS A 1 51  ? 16.303  -23.874 13.237  1.00 29.58 ? 88  CYS A N   1 
ATOM   291  C CA  . CYS A 1 51  ? 15.530  -23.081 12.277  1.00 28.07 ? 88  CYS A CA  1 
ATOM   292  C C   . CYS A 1 51  ? 16.425  -22.649 11.124  1.00 31.54 ? 88  CYS A C   1 
ATOM   293  O O   . CYS A 1 51  ? 17.643  -22.496 11.287  1.00 33.66 ? 88  CYS A O   1 
ATOM   294  C CB  . CYS A 1 51  ? 14.971  -21.821 12.917  1.00 23.22 ? 88  CYS A CB  1 
ATOM   295  S SG  . CYS A 1 51  ? 14.026  -22.081 14.427  1.00 29.38 ? 88  CYS A SG  1 
ATOM   296  N N   . SER A 1 52  ? 15.821  -22.466 9.956   1.00 29.54 ? 89  SER A N   1 
ATOM   297  C CA  . SER A 1 52  ? 16.552  -22.016 8.781   1.00 29.54 ? 89  SER A CA  1 
ATOM   298  C C   . SER A 1 52  ? 15.725  -20.947 8.096   1.00 33.62 ? 89  SER A C   1 
ATOM   299  O O   . SER A 1 52  ? 14.497  -20.955 8.182   1.00 30.00 ? 89  SER A O   1 
ATOM   300  C CB  . SER A 1 52  ? 16.819  -23.162 7.818   1.00 34.64 ? 89  SER A CB  1 
ATOM   301  O OG  . SER A 1 52  ? 17.814  -24.019 8.342   1.00 40.98 ? 89  SER A OG  1 
ATOM   302  N N   . SER A 1 53  ? 16.397  -20.016 7.425   1.00 33.63 ? 90  SER A N   1 
ATOM   303  C CA  . SER A 1 53  ? 15.691  -18.927 6.765   1.00 34.48 ? 90  SER A CA  1 
ATOM   304  C C   . SER A 1 53  ? 14.929  -19.418 5.547   1.00 28.06 ? 90  SER A C   1 
ATOM   305  O O   . SER A 1 53  ? 15.375  -20.315 4.835   1.00 36.63 ? 90  SER A O   1 
ATOM   306  C CB  . SER A 1 53  ? 16.685  -17.819 6.378   1.00 34.65 ? 90  SER A CB  1 
ATOM   307  O OG  . SER A 1 53  ? 17.808  -18.362 5.714   1.00 41.58 ? 90  SER A OG  1 
ATOM   308  N N   . CYS A 1 54  ? 13.751  -18.857 5.333   1.00 32.67 ? 91  CYS A N   1 
ATOM   309  C CA  . CYS A 1 54  ? 12.934  -19.223 4.180   1.00 31.53 ? 91  CYS A CA  1 
ATOM   310  C C   . CYS A 1 54  ? 13.702  -18.974 2.892   1.00 28.43 ? 91  CYS A C   1 
ATOM   311  O O   . CYS A 1 54  ? 14.243  -17.900 2.691   1.00 38.22 ? 91  CYS A O   1 
ATOM   312  C CB  . CYS A 1 54  ? 11.676  -18.373 4.147   1.00 23.27 ? 91  CYS A CB  1 
ATOM   313  S SG  . CYS A 1 54  ? 10.461  -18.824 5.405   1.00 32.65 ? 91  CYS A SG  1 
ATOM   314  N N   . PRO A 1 55  ? 13.759  -19.962 2.000   1.00 33.44 ? 92  PRO A N   1 
ATOM   315  C CA  . PRO A 1 55  ? 14.495  -19.717 0.756   1.00 34.85 ? 92  PRO A CA  1 
ATOM   316  C C   . PRO A 1 55  ? 13.804  -18.655 -0.122  1.00 35.67 ? 92  PRO A C   1 
ATOM   317  O O   . PRO A 1 55  ? 12.604  -18.393 0.008   1.00 28.45 ? 92  PRO A O   1 
ATOM   318  C CB  . PRO A 1 55  ? 14.526  -21.093 0.097   1.00 36.01 ? 92  PRO A CB  1 
ATOM   319  C CG  . PRO A 1 55  ? 13.262  -21.730 0.583   1.00 36.79 ? 92  PRO A CG  1 
ATOM   320  C CD  . PRO A 1 55  ? 13.155  -21.308 2.021   1.00 28.83 ? 92  PRO A CD  1 
ATOM   321  N N   . VAL A 1 56  ? 14.573  -18.031 -1.001  1.00 37.88 ? 93  VAL A N   1 
ATOM   322  C CA  . VAL A 1 56  ? 14.024  -17.014 -1.884  1.00 35.11 ? 93  VAL A CA  1 
ATOM   323  C C   . VAL A 1 56  ? 12.742  -17.551 -2.519  1.00 31.12 ? 93  VAL A C   1 
ATOM   324  O O   . VAL A 1 56  ? 12.698  -18.700 -2.932  1.00 33.10 ? 93  VAL A O   1 
ATOM   325  C CB  . VAL A 1 56  ? 15.031  -16.680 -2.985  1.00 40.32 ? 93  VAL A CB  1 
ATOM   326  C CG1 . VAL A 1 56  ? 16.311  -16.146 -2.366  1.00 42.24 ? 93  VAL A CG1 1 
ATOM   327  C CG2 . VAL A 1 56  ? 15.348  -17.925 -3.783  1.00 43.88 ? 93  VAL A CG2 1 
ATOM   328  N N   . GLY A 1 57  ? 11.693  -16.738 -2.560  1.00 27.38 ? 94  GLY A N   1 
ATOM   329  C CA  . GLY A 1 57  ? 10.450  -17.176 -3.181  1.00 23.40 ? 94  GLY A CA  1 
ATOM   330  C C   . GLY A 1 57  ? 9.420   -17.702 -2.210  1.00 27.66 ? 94  GLY A C   1 
ATOM   331  O O   . GLY A 1 57  ? 8.283   -17.992 -2.600  1.00 30.40 ? 94  GLY A O   1 
ATOM   332  N N   . THR A 1 58  ? 9.804   -17.795 -0.938  1.00 30.17 ? 95  THR A N   1 
ATOM   333  C CA  . THR A 1 58  ? 8.918   -18.327 0.099   1.00 29.18 ? 95  THR A CA  1 
ATOM   334  C C   . THR A 1 58  ? 8.896   -17.444 1.346   1.00 31.17 ? 95  THR A C   1 
ATOM   335  O O   . THR A 1 58  ? 9.772   -16.593 1.540   1.00 30.36 ? 95  THR A O   1 
ATOM   336  C CB  . THR A 1 58  ? 9.371   -19.747 0.502   1.00 30.40 ? 95  THR A CB  1 
ATOM   337  O OG1 . THR A 1 58  ? 10.601  -19.670 1.232   1.00 31.00 ? 95  THR A OG1 1 
ATOM   338  C CG2 . THR A 1 58  ? 9.617   -20.598 -0.753  1.00 25.35 ? 95  THR A CG2 1 
ATOM   339  N N   . PHE A 1 59  ? 7.902   -17.670 2.199   1.00 25.94 ? 96  PHE A N   1 
ATOM   340  C CA  . PHE A 1 59  ? 7.748   -16.887 3.401   1.00 30.90 ? 96  PHE A CA  1 
ATOM   341  C C   . PHE A 1 59  ? 6.948   -17.612 4.484   1.00 34.74 ? 96  PHE A C   1 
ATOM   342  O O   . PHE A 1 59  ? 6.298   -18.621 4.227   1.00 31.22 ? 96  PHE A O   1 
ATOM   343  C CB  . PHE A 1 59  ? 6.977   -15.624 3.050   1.00 32.83 ? 96  PHE A CB  1 
ATOM   344  C CG  . PHE A 1 59  ? 5.509   -15.871 2.781   1.00 28.61 ? 96  PHE A CG  1 
ATOM   345  C CD1 . PHE A 1 59  ? 4.567   -15.692 3.783   1.00 30.66 ? 96  PHE A CD1 1 
ATOM   346  C CD2 . PHE A 1 59  ? 5.078   -16.313 1.533   1.00 31.68 ? 96  PHE A CD2 1 
ATOM   347  C CE1 . PHE A 1 59  ? 3.216   -15.945 3.554   1.00 28.91 ? 96  PHE A CE1 1 
ATOM   348  C CE2 . PHE A 1 59  ? 3.727   -16.568 1.294   1.00 29.39 ? 96  PHE A CE2 1 
ATOM   349  C CZ  . PHE A 1 59  ? 2.801   -16.386 2.301   1.00 29.99 ? 96  PHE A CZ  1 
ATOM   350  N N   . THR A 1 60  ? 7.003   -17.059 5.695   1.00 31.19 ? 97  THR A N   1 
ATOM   351  C CA  . THR A 1 60  ? 6.200   -17.524 6.820   1.00 31.79 ? 97  THR A CA  1 
ATOM   352  C C   . THR A 1 60  ? 5.951   -16.226 7.556   1.00 30.69 ? 97  THR A C   1 
ATOM   353  O O   . THR A 1 60  ? 6.894   -15.487 7.857   1.00 32.50 ? 97  THR A O   1 
ATOM   354  C CB  . THR A 1 60  ? 6.913   -18.545 7.750   1.00 32.68 ? 97  THR A CB  1 
ATOM   355  O OG1 . THR A 1 60  ? 8.218   -18.067 8.118   1.00 29.32 ? 97  THR A OG1 1 
ATOM   356  C CG2 . THR A 1 60  ? 7.018   -19.900 7.044   1.00 28.87 ? 97  THR A CG2 1 
ATOM   357  N N   . ARG A 1 61  ? 4.681   -15.939 7.815   1.00 32.49 ? 98  ARG A N   1 
ATOM   358  C CA  . ARG A 1 61  ? 4.282   -14.704 8.473   1.00 35.46 ? 98  ARG A CA  1 
ATOM   359  C C   . ARG A 1 61  ? 4.345   -14.736 9.992   1.00 39.19 ? 98  ARG A C   1 
ATOM   360  O O   . ARG A 1 61  ? 4.316   -13.680 10.617  1.00 36.43 ? 98  ARG A O   1 
ATOM   361  C CB  . ARG A 1 61  ? 2.854   -14.319 8.068   1.00 37.10 ? 98  ARG A CB  1 
ATOM   362  C CG  . ARG A 1 61  ? 2.561   -14.225 6.573   1.00 41.30 ? 98  ARG A CG  1 
ATOM   363  C CD  . ARG A 1 61  ? 1.125   -13.744 6.389   1.00 47.23 ? 98  ARG A CD  1 
ATOM   364  N NE  . ARG A 1 61  ? 0.595   -13.875 5.026   1.00 56.14 ? 98  ARG A NE  1 
ATOM   365  C CZ  . ARG A 1 61  ? 0.870   -13.062 4.002   1.00 56.36 ? 98  ARG A CZ  1 
ATOM   366  N NH1 . ARG A 1 61  ? 0.311   -13.302 2.818   1.00 54.75 ? 98  ARG A NH1 1 
ATOM   367  N NH2 . ARG A 1 61  ? 1.699   -12.022 4.150   1.00 40.46 ? 98  ARG A NH2 1 
ATOM   368  N N   . HIS A 1 62  ? 4.422   -15.925 10.593  1.00 38.85 ? 99  HIS A N   1 
ATOM   369  C CA  . HIS A 1 62  ? 4.456   -16.014 12.053  1.00 37.95 ? 99  HIS A CA  1 
ATOM   370  C C   . HIS A 1 62  ? 5.366   -17.091 12.615  1.00 34.28 ? 99  HIS A C   1 
ATOM   371  O O   . HIS A 1 62  ? 5.934   -17.884 11.872  1.00 35.74 ? 99  HIS A O   1 
ATOM   372  C CB  . HIS A 1 62  ? 3.055   -16.276 12.606  1.00 39.89 ? 99  HIS A CB  1 
ATOM   373  C CG  . HIS A 1 62  ? 2.012   -15.346 12.083  1.00 48.31 ? 99  HIS A CG  1 
ATOM   374  N ND1 . HIS A 1 62  ? 1.373   -15.547 10.879  1.00 48.05 ? 99  HIS A ND1 1 
ATOM   375  C CD2 . HIS A 1 62  ? 1.516   -14.191 12.587  1.00 48.99 ? 99  HIS A CD2 1 
ATOM   376  C CE1 . HIS A 1 62  ? 0.528   -14.555 10.662  1.00 49.69 ? 99  HIS A CE1 1 
ATOM   377  N NE2 . HIS A 1 62  ? 0.595   -13.718 11.682  1.00 49.40 ? 99  HIS A NE2 1 
ATOM   378  N N   . GLU A 1 63  ? 5.506   -17.086 13.943  1.00 34.34 ? 100 GLU A N   1 
ATOM   379  C CA  . GLU A 1 63  ? 6.284   -18.099 14.645  1.00 37.02 ? 100 GLU A CA  1 
ATOM   380  C C   . GLU A 1 63  ? 5.614   -19.376 14.170  1.00 37.23 ? 100 GLU A C   1 
ATOM   381  O O   . GLU A 1 63  ? 4.391   -19.442 14.088  1.00 33.96 ? 100 GLU A O   1 
ATOM   382  C CB  . GLU A 1 63  ? 6.086   -18.012 16.150  1.00 38.44 ? 100 GLU A CB  1 
ATOM   383  C CG  . GLU A 1 63  ? 6.828   -16.913 16.838  1.00 47.49 ? 100 GLU A CG  1 
ATOM   384  C CD  . GLU A 1 63  ? 6.583   -16.941 18.330  1.00 51.54 ? 100 GLU A CD  1 
ATOM   385  O OE1 . GLU A 1 63  ? 7.103   -16.052 19.036  1.00 61.27 ? 100 GLU A OE1 1 
ATOM   386  O OE2 . GLU A 1 63  ? 5.863   -17.857 18.793  1.00 53.64 ? 100 GLU A OE2 1 
ATOM   387  N N   . ASN A 1 64  ? 6.398   -20.393 13.873  1.00 30.87 ? 101 ASN A N   1 
ATOM   388  C CA  . ASN A 1 64  ? 5.798   -21.615 13.371  1.00 34.93 ? 101 ASN A CA  1 
ATOM   389  C C   . ASN A 1 64  ? 6.601   -22.843 13.763  1.00 31.60 ? 101 ASN A C   1 
ATOM   390  O O   . ASN A 1 64  ? 7.691   -22.747 14.329  1.00 26.59 ? 101 ASN A O   1 
ATOM   391  C CB  . ASN A 1 64  ? 5.777   -21.542 11.857  1.00 27.55 ? 101 ASN A CB  1 
ATOM   392  C CG  . ASN A 1 64  ? 7.165   -21.536 11.293  1.00 27.78 ? 101 ASN A CG  1 
ATOM   393  O OD1 . ASN A 1 64  ? 7.776   -22.586 11.141  1.00 31.58 ? 101 ASN A OD1 1 
ATOM   394  N ND2 . ASN A 1 64  ? 7.703   -20.342 11.021  1.00 26.99 ? 101 ASN A ND2 1 
ATOM   395  N N   . GLY A 1 65  ? 6.033   -23.994 13.430  1.00 33.49 ? 102 GLY A N   1 
ATOM   396  C CA  . GLY A 1 65  ? 6.685   -25.256 13.669  1.00 33.22 ? 102 GLY A CA  1 
ATOM   397  C C   . GLY A 1 65  ? 6.621   -26.035 12.372  1.00 34.73 ? 102 GLY A C   1 
ATOM   398  O O   . GLY A 1 65  ? 6.654   -27.264 12.388  1.00 31.76 ? 102 GLY A O   1 
ATOM   399  N N   . ILE A 1 66  ? 6.550   -25.334 11.236  1.00 32.84 ? 103 ILE A N   1 
ATOM   400  C CA  . ILE A 1 66  ? 6.441   -26.031 9.957   1.00 31.26 ? 103 ILE A CA  1 
ATOM   401  C C   . ILE A 1 66  ? 7.777   -26.348 9.320   1.00 32.37 ? 103 ILE A C   1 
ATOM   402  O O   . ILE A 1 66  ? 8.781   -25.690 9.604   1.00 27.62 ? 103 ILE A O   1 
ATOM   403  C CB  . ILE A 1 66  ? 5.592   -25.247 8.950   1.00 39.09 ? 103 ILE A CB  1 
ATOM   404  C CG1 . ILE A 1 66  ? 6.223   -23.878 8.697   1.00 43.15 ? 103 ILE A CG1 1 
ATOM   405  C CG2 . ILE A 1 66  ? 4.171   -25.124 9.466   1.00 39.19 ? 103 ILE A CG2 1 
ATOM   406  C CD1 . ILE A 1 66  ? 5.511   -23.093 7.606   1.00 59.82 ? 103 ILE A CD1 1 
ATOM   407  N N   . GLU A 1 67  ? 7.758   -27.344 8.435   1.00 24.48 ? 104 GLU A N   1 
ATOM   408  C CA  . GLU A 1 67  ? 8.948   -27.850 7.753   1.00 28.81 ? 104 GLU A CA  1 
ATOM   409  C C   . GLU A 1 67  ? 9.292   -27.241 6.411   1.00 29.87 ? 104 GLU A C   1 
ATOM   410  O O   . GLU A 1 67  ? 10.316  -27.585 5.817   1.00 28.40 ? 104 GLU A O   1 
ATOM   411  C CB  . GLU A 1 67  ? 8.833   -29.366 7.580   1.00 26.78 ? 104 GLU A CB  1 
ATOM   412  C CG  . GLU A 1 67  ? 8.984   -30.124 8.895   1.00 41.18 ? 104 GLU A CG  1 
ATOM   413  C CD  . GLU A 1 67  ? 7.709   -30.794 9.339   1.00 44.64 ? 104 GLU A CD  1 
ATOM   414  O OE1 . GLU A 1 67  ? 6.624   -30.236 9.067   1.00 50.14 ? 104 GLU A OE1 1 
ATOM   415  O OE2 . GLU A 1 67  ? 7.793   -31.868 9.972   1.00 41.45 ? 104 GLU A OE2 1 
ATOM   416  N N   . LYS A 1 68  ? 8.443   -26.341 5.934   1.00 31.68 ? 105 LYS A N   1 
ATOM   417  C CA  . LYS A 1 68  ? 8.663   -25.686 4.647   1.00 34.53 ? 105 LYS A CA  1 
ATOM   418  C C   . LYS A 1 68  ? 7.955   -24.337 4.707   1.00 33.43 ? 105 LYS A C   1 
ATOM   419  O O   . LYS A 1 68  ? 6.935   -24.197 5.375   1.00 33.79 ? 105 LYS A O   1 
ATOM   420  C CB  . LYS A 1 68  ? 8.062   -26.541 3.523   1.00 35.81 ? 105 LYS A CB  1 
ATOM   421  C CG  . LYS A 1 68  ? 8.536   -26.193 2.125   1.00 49.06 ? 105 LYS A CG  1 
ATOM   422  C CD  . LYS A 1 68  ? 7.973   -27.163 1.087   1.00 51.02 ? 105 LYS A CD  1 
ATOM   423  C CE  . LYS A 1 68  ? 8.472   -26.841 -0.312  0.00 50.15 ? 105 LYS A CE  1 
ATOM   424  N NZ  . LYS A 1 68  ? 7.925   -27.785 -1.325  0.00 50.28 ? 105 LYS A NZ  1 
ATOM   425  N N   . CYS A 1 69  ? 8.505   -23.340 4.027   1.00 36.32 ? 106 CYS A N   1 
ATOM   426  C CA  . CYS A 1 69  ? 7.886   -22.020 4.010   1.00 38.02 ? 106 CYS A CA  1 
ATOM   427  C C   . CYS A 1 69  ? 6.876   -22.023 2.864   1.00 37.26 ? 106 CYS A C   1 
ATOM   428  O O   . CYS A 1 69  ? 6.947   -22.878 1.968   1.00 37.03 ? 106 CYS A O   1 
ATOM   429  C CB  . CYS A 1 69  ? 8.950   -20.947 3.776   1.00 36.06 ? 106 CYS A CB  1 
ATOM   430  S SG  . CYS A 1 69  ? 10.235  -20.831 5.075   1.00 35.11 ? 106 CYS A SG  1 
ATOM   431  N N   . HIS A 1 70  ? 5.941   -21.080 2.886   1.00 36.73 ? 107 HIS A N   1 
ATOM   432  C CA  . HIS A 1 70  ? 4.931   -20.996 1.828   1.00 38.04 ? 107 HIS A CA  1 
ATOM   433  C C   . HIS A 1 70  ? 5.497   -20.318 0.585   1.00 36.63 ? 107 HIS A C   1 
ATOM   434  O O   . HIS A 1 70  ? 6.261   -19.368 0.698   1.00 38.22 ? 107 HIS A O   1 
ATOM   435  C CB  . HIS A 1 70  ? 3.747   -20.177 2.297   1.00 30.91 ? 107 HIS A CB  1 
ATOM   436  C CG  . HIS A 1 70  ? 3.285   -20.516 3.674   1.00 33.70 ? 107 HIS A CG  1 
ATOM   437  N ND1 . HIS A 1 70  ? 2.641   -21.697 3.974   1.00 37.34 ? 107 HIS A ND1 1 
ATOM   438  C CD2 . HIS A 1 70  ? 3.333   -19.808 4.826   1.00 37.08 ? 107 HIS A CD2 1 
ATOM   439  C CE1 . HIS A 1 70  ? 2.308   -21.699 5.254   1.00 36.07 ? 107 HIS A CE1 1 
ATOM   440  N NE2 . HIS A 1 70  ? 2.717   -20.564 5.793   1.00 33.75 ? 107 HIS A NE2 1 
ATOM   441  N N   . ASP A 1 71  ? 5.126   -20.799 -0.596  1.00 36.81 ? 108 ASP A N   1 
ATOM   442  C CA  . ASP A 1 71  ? 5.591   -20.169 -1.827  1.00 38.91 ? 108 ASP A CA  1 
ATOM   443  C C   . ASP A 1 71  ? 4.850   -18.847 -1.981  1.00 36.18 ? 108 ASP A C   1 
ATOM   444  O O   . ASP A 1 71  ? 3.663   -18.745 -1.656  1.00 30.25 ? 108 ASP A O   1 
ATOM   445  C CB  . ASP A 1 71  ? 5.274   -21.017 -3.054  1.00 41.80 ? 108 ASP A CB  1 
ATOM   446  C CG  . ASP A 1 71  ? 5.981   -22.340 -3.045  1.00 45.41 ? 108 ASP A CG  1 
ATOM   447  O OD1 . ASP A 1 71  ? 7.204   -22.368 -2.801  1.00 46.36 ? 108 ASP A OD1 1 
ATOM   448  O OD2 . ASP A 1 71  ? 5.307   -23.355 -3.303  1.00 55.76 ? 108 ASP A OD2 1 
ATOM   449  N N   . CYS A 1 72  ? 5.540   -17.832 -2.475  1.00 35.42 ? 109 CYS A N   1 
ATOM   450  C CA  . CYS A 1 72  ? 4.883   -16.552 -2.678  1.00 37.39 ? 109 CYS A CA  1 
ATOM   451  C C   . CYS A 1 72  ? 3.960   -16.678 -3.882  1.00 38.67 ? 109 CYS A C   1 
ATOM   452  O O   . CYS A 1 72  ? 4.148   -17.567 -4.715  1.00 32.87 ? 109 CYS A O   1 
ATOM   453  C CB  . CYS A 1 72  ? 5.904   -15.475 -2.986  1.00 36.53 ? 109 CYS A CB  1 
ATOM   454  S SG  . CYS A 1 72  ? 6.889   -14.888 -1.580  1.00 30.05 ? 109 CYS A SG  1 
ATOM   455  N N   . SER A 1 73  ? 2.985   -15.776 -3.981  1.00 40.45 ? 110 SER A N   1 
ATOM   456  C CA  . SER A 1 73  ? 2.073   -15.779 -5.118  1.00 36.73 ? 110 SER A CA  1 
ATOM   457  C C   . SER A 1 73  ? 2.860   -15.391 -6.355  1.00 36.52 ? 110 SER A C   1 
ATOM   458  O O   . SER A 1 73  ? 4.012   -14.961 -6.269  1.00 36.52 ? 110 SER A O   1 
ATOM   459  C CB  . SER A 1 73  ? 0.952   -14.774 -4.909  1.00 35.74 ? 110 SER A CB  1 
ATOM   460  O OG  . SER A 1 73  ? 0.483   -14.845 -3.581  1.00 39.15 ? 110 SER A OG  1 
ATOM   461  N N   . GLN A 1 74  ? 2.226   -15.548 -7.508  1.00 39.95 ? 111 GLN A N   1 
ATOM   462  C CA  . GLN A 1 74  ? 2.826   -15.231 -8.795  1.00 37.49 ? 111 GLN A CA  1 
ATOM   463  C C   . GLN A 1 74  ? 3.127   -13.742 -8.927  1.00 35.22 ? 111 GLN A C   1 
ATOM   464  O O   . GLN A 1 74  ? 2.526   -12.915 -8.244  1.00 30.31 ? 111 GLN A O   1 
ATOM   465  C CB  . GLN A 1 74  ? 1.863   -15.640 -9.915  1.00 46.07 ? 111 GLN A CB  1 
ATOM   466  C CG  . GLN A 1 74  ? 1.496   -17.112 -9.910  1.00 49.83 ? 111 GLN A CG  1 
ATOM   467  C CD  . GLN A 1 74  ? 2.710   -18.005 -10.077 1.00 58.75 ? 111 GLN A CD  1 
ATOM   468  O OE1 . GLN A 1 74  ? 3.395   -17.958 -11.102 1.00 61.21 ? 111 GLN A OE1 1 
ATOM   469  N NE2 . GLN A 1 74  ? 2.985   -18.827 -9.064  1.00 65.46 ? 111 GLN A NE2 1 
ATOM   470  N N   . PRO A 1 75  ? 4.056   -13.386 -9.822  1.00 33.55 ? 112 PRO A N   1 
ATOM   471  C CA  . PRO A 1 75  ? 4.458   -12.001 -10.079 1.00 35.74 ? 112 PRO A CA  1 
ATOM   472  C C   . PRO A 1 75  ? 3.223   -11.170 -10.407 1.00 38.37 ? 112 PRO A C   1 
ATOM   473  O O   . PRO A 1 75  ? 2.241   -11.688 -10.943 1.00 41.46 ? 112 PRO A O   1 
ATOM   474  C CB  . PRO A 1 75  ? 5.377   -12.128 -11.289 1.00 38.10 ? 112 PRO A CB  1 
ATOM   475  C CG  . PRO A 1 75  ? 5.954   -13.516 -11.127 1.00 40.27 ? 112 PRO A CG  1 
ATOM   476  C CD  . PRO A 1 75  ? 4.755   -14.314 -10.728 1.00 36.12 ? 112 PRO A CD  1 
ATOM   477  N N   . CYS A 1 76  ? 3.266   -9.884  -10.099 1.00 36.84 ? 113 CYS A N   1 
ATOM   478  C CA  . CYS A 1 76  ? 2.118   -9.037  -10.384 1.00 38.02 ? 113 CYS A CA  1 
ATOM   479  C C   . CYS A 1 76  ? 1.887   -8.851  -11.884 1.00 35.05 ? 113 CYS A C   1 
ATOM   480  O O   . CYS A 1 76  ? 2.835   -8.692  -12.649 1.00 35.20 ? 113 CYS A O   1 
ATOM   481  C CB  . CYS A 1 76  ? 2.307   -7.670  -9.736  1.00 37.21 ? 113 CYS A CB  1 
ATOM   482  S SG  . CYS A 1 76  ? 2.562   -7.733  -7.938  1.00 35.23 ? 113 CYS A SG  1 
ATOM   483  N N   . PRO A 1 77  ? 0.617   -8.871  -12.317 1.00 35.08 ? 114 PRO A N   1 
ATOM   484  C CA  . PRO A 1 77  ? 0.300   -8.687  -13.736 1.00 40.24 ? 114 PRO A CA  1 
ATOM   485  C C   . PRO A 1 77  ? 0.367   -7.199  -14.084 1.00 39.03 ? 114 PRO A C   1 
ATOM   486  O O   . PRO A 1 77  ? -0.307  -6.377  -13.463 1.00 35.38 ? 114 PRO A O   1 
ATOM   487  C CB  . PRO A 1 77  ? -1.121  -9.241  -13.845 1.00 35.23 ? 114 PRO A CB  1 
ATOM   488  C CG  . PRO A 1 77  ? -1.711  -8.878  -12.523 1.00 40.09 ? 114 PRO A CG  1 
ATOM   489  C CD  . PRO A 1 77  ? -0.593  -9.224  -11.551 1.00 37.23 ? 114 PRO A CD  1 
ATOM   490  N N   . TRP A 1 78  ? 1.209   -6.857  -15.050 1.00 42.70 ? 115 TRP A N   1 
ATOM   491  C CA  . TRP A 1 78  ? 1.355   -5.471  -15.497 1.00 46.81 ? 115 TRP A CA  1 
ATOM   492  C C   . TRP A 1 78  ? -0.036  -4.968  -15.881 1.00 42.54 ? 115 TRP A C   1 
ATOM   493  O O   . TRP A 1 78  ? -0.846  -5.729  -16.415 1.00 45.62 ? 115 TRP A O   1 
ATOM   494  C CB  . TRP A 1 78  ? 2.279   -5.410  -16.717 1.00 50.75 ? 115 TRP A CB  1 
ATOM   495  C CG  . TRP A 1 78  ? 2.408   -4.041  -17.313 1.00 57.72 ? 115 TRP A CG  1 
ATOM   496  C CD1 . TRP A 1 78  ? 3.362   -3.102  -17.029 1.00 60.81 ? 115 TRP A CD1 1 
ATOM   497  C CD2 . TRP A 1 78  ? 1.517   -3.436  -18.257 1.00 57.40 ? 115 TRP A CD2 1 
ATOM   498  N NE1 . TRP A 1 78  ? 3.117   -1.950  -17.738 1.00 60.46 ? 115 TRP A NE1 1 
ATOM   499  C CE2 . TRP A 1 78  ? 1.990   -2.127  -18.497 1.00 59.31 ? 115 TRP A CE2 1 
ATOM   500  C CE3 . TRP A 1 78  ? 0.361   -3.873  -18.920 1.00 56.92 ? 115 TRP A CE3 1 
ATOM   501  C CZ2 . TRP A 1 78  ? 1.345   -1.249  -19.375 1.00 60.32 ? 115 TRP A CZ2 1 
ATOM   502  C CZ3 . TRP A 1 78  ? -0.278  -3.003  -19.789 1.00 58.30 ? 115 TRP A CZ3 1 
ATOM   503  C CH2 . TRP A 1 78  ? 0.216   -1.703  -20.008 1.00 60.07 ? 115 TRP A CH2 1 
ATOM   504  N N   . PRO A 1 79  ? -0.326  -3.678  -15.646 1.00 38.79 ? 116 PRO A N   1 
ATOM   505  C CA  . PRO A 1 79  ? 0.512   -2.627  -15.057 1.00 37.38 ? 116 PRO A CA  1 
ATOM   506  C C   . PRO A 1 79  ? 0.660   -2.660  -13.537 1.00 36.86 ? 116 PRO A C   1 
ATOM   507  O O   . PRO A 1 79  ? 1.267   -1.757  -12.959 1.00 30.13 ? 116 PRO A O   1 
ATOM   508  C CB  . PRO A 1 79  ? -0.196  -1.359  -15.502 1.00 42.36 ? 116 PRO A CB  1 
ATOM   509  C CG  . PRO A 1 79  ? -1.640  -1.756  -15.341 1.00 34.82 ? 116 PRO A CG  1 
ATOM   510  C CD  . PRO A 1 79  ? -1.656  -3.139  -15.992 1.00 39.15 ? 116 PRO A CD  1 
ATOM   511  N N   . MET A 1 80  ? 0.094   -3.665  -12.876 1.00 35.82 ? 117 MET A N   1 
ATOM   512  C CA  . MET A 1 80  ? 0.214   -3.711  -11.428 1.00 33.45 ? 117 MET A CA  1 
ATOM   513  C C   . MET A 1 80  ? 1.647   -3.901  -11.002 1.00 34.78 ? 117 MET A C   1 
ATOM   514  O O   . MET A 1 80  ? 2.441   -4.521  -11.712 1.00 34.27 ? 117 MET A O   1 
ATOM   515  C CB  . MET A 1 80  ? -0.652  -4.811  -10.847 1.00 36.37 ? 117 MET A CB  1 
ATOM   516  C CG  . MET A 1 80  ? -2.111  -4.524  -11.050 1.00 40.15 ? 117 MET A CG  1 
ATOM   517  S SD  . MET A 1 80  ? -3.122  -5.551  -10.058 1.00 53.64 ? 117 MET A SD  1 
ATOM   518  C CE  . MET A 1 80  ? -2.960  -4.775  -8.495  1.00 48.50 ? 117 MET A CE  1 
ATOM   519  N N   . ILE A 1 81  ? 1.982   -3.324  -9.854  1.00 32.25 ? 118 ILE A N   1 
ATOM   520  C CA  . ILE A 1 81  ? 3.320   -3.448  -9.308  1.00 31.09 ? 118 ILE A CA  1 
ATOM   521  C C   . ILE A 1 81  ? 3.235   -3.906  -7.862  1.00 28.10 ? 118 ILE A C   1 
ATOM   522  O O   . ILE A 1 81  ? 2.152   -3.965  -7.261  1.00 28.33 ? 118 ILE A O   1 
ATOM   523  C CB  . ILE A 1 81  ? 4.071   -2.103  -9.330  1.00 34.77 ? 118 ILE A CB  1 
ATOM   524  C CG1 . ILE A 1 81  ? 3.241   -1.049  -8.591  1.00 32.76 ? 118 ILE A CG1 1 
ATOM   525  C CG2 . ILE A 1 81  ? 4.366   -1.695  -10.771 1.00 34.15 ? 118 ILE A CG2 1 
ATOM   526  C CD1 . ILE A 1 81  ? 4.000   0.216   -8.276  1.00 32.17 ? 118 ILE A CD1 1 
ATOM   527  N N   . GLU A 1 82  ? 4.394   -4.196  -7.290  1.00 25.54 ? 119 GLU A N   1 
ATOM   528  C CA  . GLU A 1 82  ? 4.454   -4.653  -5.913  1.00 28.85 ? 119 GLU A CA  1 
ATOM   529  C C   . GLU A 1 82  ? 4.486   -3.507  -4.910  1.00 28.22 ? 119 GLU A C   1 
ATOM   530  O O   . GLU A 1 82  ? 5.254   -2.556  -5.086  1.00 31.74 ? 119 GLU A O   1 
ATOM   531  C CB  . GLU A 1 82  ? 5.711   -5.518  -5.715  1.00 26.40 ? 119 GLU A CB  1 
ATOM   532  C CG  . GLU A 1 82  ? 5.713   -6.835  -6.489  1.00 26.74 ? 119 GLU A CG  1 
ATOM   533  C CD  . GLU A 1 82  ? 6.993   -7.660  -6.286  1.00 34.16 ? 119 GLU A CD  1 
ATOM   534  O OE1 . GLU A 1 82  ? 7.815   -7.302  -5.416  1.00 29.06 ? 119 GLU A OE1 1 
ATOM   535  O OE2 . GLU A 1 82  ? 7.182   -8.673  -6.999  1.00 32.84 ? 119 GLU A OE2 1 
ATOM   536  N N   . LYS A 1 83  ? 3.644   -3.572  -3.880  1.00 25.77 ? 120 LYS A N   1 
ATOM   537  C CA  . LYS A 1 83  ? 3.706   -2.574  -2.823  1.00 22.23 ? 120 LYS A CA  1 
ATOM   538  C C   . LYS A 1 83  ? 4.416   -3.232  -1.628  1.00 26.01 ? 120 LYS A C   1 
ATOM   539  O O   . LYS A 1 83  ? 4.791   -2.568  -0.668  1.00 21.28 ? 120 LYS A O   1 
ATOM   540  C CB  . LYS A 1 83  ? 2.328   -2.046  -2.432  1.00 26.26 ? 120 LYS A CB  1 
ATOM   541  C CG  . LYS A 1 83  ? 1.302   -3.054  -1.990  1.00 37.25 ? 120 LYS A CG  1 
ATOM   542  C CD  . LYS A 1 83  ? 0.061   -2.306  -1.481  1.00 43.03 ? 120 LYS A CD  1 
ATOM   543  C CE  . LYS A 1 83  ? -1.095  -3.260  -1.191  1.00 53.10 ? 120 LYS A CE  1 
ATOM   544  N NZ  . LYS A 1 83  ? -2.283  -2.554  -0.628  1.00 56.99 ? 120 LYS A NZ  1 
ATOM   545  N N   . LEU A 1 84  ? 4.586   -4.555  -1.714  1.00 29.98 ? 121 LEU A N   1 
ATOM   546  C CA  . LEU A 1 84  ? 5.304   -5.373  -0.729  1.00 27.05 ? 121 LEU A CA  1 
ATOM   547  C C   . LEU A 1 84  ? 5.937   -6.479  -1.559  1.00 26.10 ? 121 LEU A C   1 
ATOM   548  O O   . LEU A 1 84  ? 5.285   -7.062  -2.420  1.00 28.37 ? 121 LEU A O   1 
ATOM   549  C CB  . LEU A 1 84  ? 4.379   -6.000  0.307   1.00 27.92 ? 121 LEU A CB  1 
ATOM   550  C CG  . LEU A 1 84  ? 4.010   -5.238  1.575   1.00 30.82 ? 121 LEU A CG  1 
ATOM   551  C CD1 . LEU A 1 84  ? 3.215   -6.192  2.462   1.00 28.83 ? 121 LEU A CD1 1 
ATOM   552  C CD2 . LEU A 1 84  ? 5.260   -4.742  2.323   1.00 27.90 ? 121 LEU A CD2 1 
ATOM   553  N N   . PRO A 1 85  ? 7.216   -6.777  -1.322  1.00 21.92 ? 122 PRO A N   1 
ATOM   554  C CA  . PRO A 1 85  ? 7.896   -7.823  -2.081  1.00 27.74 ? 122 PRO A CA  1 
ATOM   555  C C   . PRO A 1 85  ? 7.644   -9.226  -1.530  1.00 28.10 ? 122 PRO A C   1 
ATOM   556  O O   . PRO A 1 85  ? 7.016   -9.407  -0.485  1.00 24.49 ? 122 PRO A O   1 
ATOM   557  C CB  . PRO A 1 85  ? 9.352   -7.450  -1.906  1.00 23.35 ? 122 PRO A CB  1 
ATOM   558  C CG  . PRO A 1 85  ? 9.363   -7.105  -0.441  1.00 23.70 ? 122 PRO A CG  1 
ATOM   559  C CD  . PRO A 1 85  ? 8.121   -6.223  -0.293  1.00 27.06 ? 122 PRO A CD  1 
ATOM   560  N N   . CYS A 1 86  ? 8.133   -10.212 -2.266  1.00 30.76 ? 123 CYS A N   1 
ATOM   561  C CA  . CYS A 1 86  ? 8.072   -11.585 -1.802  1.00 33.61 ? 123 CYS A CA  1 
ATOM   562  C C   . CYS A 1 86  ? 9.345   -11.652 -0.965  1.00 27.78 ? 123 CYS A C   1 
ATOM   563  O O   . CYS A 1 86  ? 10.447  -11.619 -1.515  1.00 28.39 ? 123 CYS A O   1 
ATOM   564  C CB  . CYS A 1 86  ? 8.187   -12.561 -2.973  1.00 36.91 ? 123 CYS A CB  1 
ATOM   565  S SG  . CYS A 1 86  ? 8.587   -14.279 -2.491  1.00 37.86 ? 123 CYS A SG  1 
ATOM   566  N N   . ALA A 1 87  ? 9.206   -11.695 0.353   1.00 23.59 ? 124 ALA A N   1 
ATOM   567  C CA  . ALA A 1 87  ? 10.381  -11.762 1.216   1.00 30.45 ? 124 ALA A CA  1 
ATOM   568  C C   . ALA A 1 87  ? 10.126  -12.786 2.317   1.00 32.35 ? 124 ALA A C   1 
ATOM   569  O O   . ALA A 1 87  ? 8.993   -13.239 2.505   1.00 32.60 ? 124 ALA A O   1 
ATOM   570  C CB  . ALA A 1 87  ? 10.701  -10.366 1.814   1.00 24.01 ? 124 ALA A CB  1 
ATOM   571  N N   . ALA A 1 88  ? 11.172  -13.130 3.057   1.00 32.72 ? 125 ALA A N   1 
ATOM   572  C CA  . ALA A 1 88  ? 11.058  -14.149 4.092   1.00 31.40 ? 125 ALA A CA  1 
ATOM   573  C C   . ALA A 1 88  ? 9.820   -14.066 4.973   1.00 28.35 ? 125 ALA A C   1 
ATOM   574  O O   . ALA A 1 88  ? 9.276   -15.087 5.370   1.00 32.31 ? 125 ALA A O   1 
ATOM   575  C CB  . ALA A 1 88  ? 12.329  -14.167 4.950   1.00 31.52 ? 125 ALA A CB  1 
ATOM   576  N N   . LEU A 1 89  ? 9.342   -12.863 5.253   1.00 29.11 ? 126 LEU A N   1 
ATOM   577  C CA  . LEU A 1 89  ? 8.191   -12.698 6.142   1.00 25.98 ? 126 LEU A CA  1 
ATOM   578  C C   . LEU A 1 89  ? 6.906   -12.258 5.452   1.00 29.30 ? 126 LEU A C   1 
ATOM   579  O O   . LEU A 1 89  ? 5.851   -12.140 6.085   1.00 29.38 ? 126 LEU A O   1 
ATOM   580  C CB  . LEU A 1 89  ? 8.543   -11.678 7.236   1.00 31.92 ? 126 LEU A CB  1 
ATOM   581  C CG  . LEU A 1 89  ? 7.452   -11.221 8.211   0.00 30.05 ? 126 LEU A CG  1 
ATOM   582  C CD1 . LEU A 1 89  ? 6.842   -12.421 8.912   0.00 30.71 ? 126 LEU A CD1 1 
ATOM   583  C CD2 . LEU A 1 89  ? 8.049   -10.255 9.222   0.00 30.71 ? 126 LEU A CD2 1 
ATOM   584  N N   . THR A 1 90  ? 6.969   -12.033 4.150   1.00 27.64 ? 127 THR A N   1 
ATOM   585  C CA  . THR A 1 90  ? 5.784   -11.543 3.465   1.00 30.54 ? 127 THR A CA  1 
ATOM   586  C C   . THR A 1 90  ? 5.613   -12.061 2.059   1.00 24.82 ? 127 THR A C   1 
ATOM   587  O O   . THR A 1 90  ? 6.574   -12.226 1.320   1.00 23.89 ? 127 THR A O   1 
ATOM   588  C CB  . THR A 1 90  ? 5.813   -9.997  3.339   1.00 34.68 ? 127 THR A CB  1 
ATOM   589  O OG1 . THR A 1 90  ? 6.953   -9.610  2.551   1.00 32.06 ? 127 THR A OG1 1 
ATOM   590  C CG2 . THR A 1 90  ? 5.923   -9.335  4.700   1.00 34.49 ? 127 THR A CG2 1 
ATOM   591  N N   . ASP A 1 91  ? 4.366   -12.325 1.709   1.00 28.98 ? 128 ASP A N   1 
ATOM   592  C CA  . ASP A 1 91  ? 4.032   -12.722 0.356   1.00 33.20 ? 128 ASP A CA  1 
ATOM   593  C C   . ASP A 1 91  ? 4.008   -11.364 -0.379  1.00 28.07 ? 128 ASP A C   1 
ATOM   594  O O   . ASP A 1 91  ? 3.685   -10.329 0.221   1.00 30.01 ? 128 ASP A O   1 
ATOM   595  C CB  . ASP A 1 91  ? 2.634   -13.353 0.338   1.00 34.70 ? 128 ASP A CB  1 
ATOM   596  C CG  . ASP A 1 91  ? 2.246   -13.896 -1.023  1.00 33.18 ? 128 ASP A CG  1 
ATOM   597  O OD1 . ASP A 1 91  ? 3.117   -14.038 -1.913  1.00 32.12 ? 128 ASP A OD1 1 
ATOM   598  O OD2 . ASP A 1 91  ? 1.049   -14.198 -1.193  1.00 43.32 ? 128 ASP A OD2 1 
ATOM   599  N N   . ARG A 1 92  ? 4.352   -11.348 -1.654  1.00 27.41 ? 129 ARG A N   1 
ATOM   600  C CA  . ARG A 1 92  ? 4.314   -10.090 -2.378  1.00 34.23 ? 129 ARG A CA  1 
ATOM   601  C C   . ARG A 1 92  ? 2.871   -9.594  -2.412  1.00 34.77 ? 129 ARG A C   1 
ATOM   602  O O   . ARG A 1 92  ? 1.933   -10.382 -2.305  1.00 36.89 ? 129 ARG A O   1 
ATOM   603  C CB  . ARG A 1 92  ? 4.836   -10.278 -3.799  1.00 36.61 ? 129 ARG A CB  1 
ATOM   604  C CG  . ARG A 1 92  ? 3.814   -10.764 -4.791  1.00 41.66 ? 129 ARG A CG  1 
ATOM   605  C CD  . ARG A 1 92  ? 4.466   -10.955 -6.143  1.00 38.78 ? 129 ARG A CD  1 
ATOM   606  N NE  . ARG A 1 92  ? 5.035   -12.288 -6.255  1.00 43.01 ? 129 ARG A NE  1 
ATOM   607  C CZ  . ARG A 1 92  ? 6.316   -12.549 -6.498  1.00 47.76 ? 129 ARG A CZ  1 
ATOM   608  N NH1 . ARG A 1 92  ? 7.190   -11.563 -6.658  1.00 34.18 ? 129 ARG A NH1 1 
ATOM   609  N NH2 . ARG A 1 92  ? 6.723   -13.809 -6.576  1.00 43.24 ? 129 ARG A NH2 1 
ATOM   610  N N   . GLU A 1 93  ? 2.699   -8.282  -2.518  1.00 35.38 ? 130 GLU A N   1 
ATOM   611  C CA  . GLU A 1 93  ? 1.371   -7.676  -2.587  1.00 32.10 ? 130 GLU A CA  1 
ATOM   612  C C   . GLU A 1 93  ? 1.376   -6.751  -3.798  1.00 33.30 ? 130 GLU A C   1 
ATOM   613  O O   . GLU A 1 93  ? 2.277   -5.930  -3.948  1.00 30.69 ? 130 GLU A O   1 
ATOM   614  C CB  . GLU A 1 93  ? 1.072   -6.868  -1.337  1.00 33.76 ? 130 GLU A CB  1 
ATOM   615  C CG  . GLU A 1 93  ? 0.241   -7.580  -0.306  1.00 50.61 ? 130 GLU A CG  1 
ATOM   616  C CD  . GLU A 1 93  ? -0.011  -6.711  0.921   1.00 61.79 ? 130 GLU A CD  1 
ATOM   617  O OE1 . GLU A 1 93  ? -0.258  -5.491  0.755   1.00 59.15 ? 130 GLU A OE1 1 
ATOM   618  O OE2 . GLU A 1 93  ? 0.030   -7.253  2.049   1.00 64.91 ? 130 GLU A OE2 1 
ATOM   619  N N   . CYS A 1 94  ? 0.367   -6.885  -4.648  1.00 33.54 ? 131 CYS A N   1 
ATOM   620  C CA  . CYS A 1 94  ? 0.267   -6.090  -5.869  1.00 36.07 ? 131 CYS A CA  1 
ATOM   621  C C   . CYS A 1 94  ? -0.680  -4.923  -5.755  1.00 32.68 ? 131 CYS A C   1 
ATOM   622  O O   . CYS A 1 94  ? -1.594  -4.925  -4.935  1.00 36.05 ? 131 CYS A O   1 
ATOM   623  C CB  . CYS A 1 94  ? -0.209  -6.957  -7.025  1.00 35.56 ? 131 CYS A CB  1 
ATOM   624  S SG  . CYS A 1 94  ? 0.795   -8.436  -7.258  1.00 35.46 ? 131 CYS A SG  1 
ATOM   625  N N   . THR A 1 95  ? -0.475  -3.931  -6.611  1.00 30.76 ? 132 THR A N   1 
ATOM   626  C CA  . THR A 1 95  ? -1.336  -2.758  -6.607  1.00 31.74 ? 132 THR A CA  1 
ATOM   627  C C   . THR A 1 95  ? -1.212  -1.993  -7.911  1.00 27.85 ? 132 THR A C   1 
ATOM   628  O O   . THR A 1 95  ? -0.222  -2.128  -8.632  1.00 27.63 ? 132 THR A O   1 
ATOM   629  C CB  . THR A 1 95  ? -0.959  -1.786  -5.464  1.00 32.23 ? 132 THR A CB  1 
ATOM   630  O OG1 . THR A 1 95  ? -1.846  -0.666  -5.482  1.00 32.18 ? 132 THR A OG1 1 
ATOM   631  C CG2 . THR A 1 95  ? 0.463   -1.279  -5.648  1.00 28.22 ? 132 THR A CG2 1 
ATOM   632  N N   . CYS A 1 96  ? -2.237  -1.218  -8.242  1.00 30.06 ? 133 CYS A N   1 
ATOM   633  C CA  . CYS A 1 96  ? -2.134  -0.394  -9.435  1.00 29.74 ? 133 CYS A CA  1 
ATOM   634  C C   . CYS A 1 96  ? -1.096  0.657   -9.020  1.00 29.09 ? 133 CYS A C   1 
ATOM   635  O O   . CYS A 1 96  ? -1.051  1.070   -7.856  1.00 27.17 ? 133 CYS A O   1 
ATOM   636  C CB  . CYS A 1 96  ? -3.473  0.256   -9.751  1.00 33.03 ? 133 CYS A CB  1 
ATOM   637  S SG  . CYS A 1 96  ? -4.648  -0.931  -10.450 1.00 33.21 ? 133 CYS A SG  1 
ATOM   638  N N   . PRO A 1 97  ? -0.235  1.076   -9.950  1.00 26.50 ? 134 PRO A N   1 
ATOM   639  C CA  . PRO A 1 97  ? 0.785   2.075   -9.606  1.00 31.27 ? 134 PRO A CA  1 
ATOM   640  C C   . PRO A 1 97  ? 0.183   3.436   -9.253  1.00 31.54 ? 134 PRO A C   1 
ATOM   641  O O   . PRO A 1 97  ? -0.992  3.691   -9.509  1.00 30.79 ? 134 PRO A O   1 
ATOM   642  C CB  . PRO A 1 97  ? 1.647   2.121   -10.860 1.00 29.59 ? 134 PRO A CB  1 
ATOM   643  C CG  . PRO A 1 97  ? 0.630   1.887   -11.957 1.00 31.64 ? 134 PRO A CG  1 
ATOM   644  C CD  . PRO A 1 97  ? -0.232  0.774   -11.394 1.00 29.96 ? 134 PRO A CD  1 
ATOM   645  N N   . PRO A 1 98  ? 0.978   4.328   -8.641  1.00 32.55 ? 135 PRO A N   1 
ATOM   646  C CA  . PRO A 1 98  ? 0.418   5.646   -8.295  1.00 30.49 ? 135 PRO A CA  1 
ATOM   647  C C   . PRO A 1 98  ? -0.113  6.337   -9.566  1.00 27.39 ? 135 PRO A C   1 
ATOM   648  O O   . PRO A 1 98  ? 0.440   6.166   -10.662 1.00 25.20 ? 135 PRO A O   1 
ATOM   649  C CB  . PRO A 1 98  ? 1.612   6.371   -7.674  1.00 36.00 ? 135 PRO A CB  1 
ATOM   650  C CG  . PRO A 1 98  ? 2.406   5.216   -7.031  1.00 33.86 ? 135 PRO A CG  1 
ATOM   651  C CD  . PRO A 1 98  ? 2.357   4.179   -8.140  1.00 33.21 ? 135 PRO A CD  1 
ATOM   652  N N   . GLY A 1 99  ? -1.197  7.090   -9.425  1.00 28.22 ? 136 GLY A N   1 
ATOM   653  C CA  . GLY A 1 99  ? -1.774  7.750   -10.586 1.00 27.97 ? 136 GLY A CA  1 
ATOM   654  C C   . GLY A 1 99  ? -2.836  6.867   -11.233 1.00 32.27 ? 136 GLY A C   1 
ATOM   655  O O   . GLY A 1 99  ? -3.533  7.287   -12.168 1.00 29.12 ? 136 GLY A O   1 
ATOM   656  N N   . MET A 1 100 ? -2.968  5.633   -10.750 1.00 28.46 ? 137 MET A N   1 
ATOM   657  C CA  . MET A 1 100 ? -3.986  4.720   -11.305 1.00 26.07 ? 137 MET A CA  1 
ATOM   658  C C   . MET A 1 100 ? -4.808  4.048   -10.216 1.00 26.97 ? 137 MET A C   1 
ATOM   659  O O   . MET A 1 100 ? -4.388  3.998   -9.069  1.00 23.89 ? 137 MET A O   1 
ATOM   660  C CB  . MET A 1 100 ? -3.325  3.642   -12.164 1.00 27.42 ? 137 MET A CB  1 
ATOM   661  C CG  . MET A 1 100 ? -2.516  4.182   -13.325 1.00 28.78 ? 137 MET A CG  1 
ATOM   662  S SD  . MET A 1 100 ? -1.871  2.863   -14.390 1.00 34.13 ? 137 MET A SD  1 
ATOM   663  C CE  . MET A 1 100 ? -3.227  2.618   -15.546 1.00 26.52 ? 137 MET A CE  1 
ATOM   664  N N   . PHE A 1 101 ? -5.977  3.520   -10.578 1.00 28.41 ? 138 PHE A N   1 
ATOM   665  C CA  . PHE A 1 101 ? -6.827  2.843   -9.604  1.00 30.66 ? 138 PHE A CA  1 
ATOM   666  C C   . PHE A 1 101 ? -7.369  1.538   -10.188 1.00 35.00 ? 138 PHE A C   1 
ATOM   667  O O   . PHE A 1 101 ? -7.533  1.410   -11.413 1.00 28.95 ? 138 PHE A O   1 
ATOM   668  C CB  . PHE A 1 101 ? -7.969  3.766   -9.151  1.00 26.40 ? 138 PHE A CB  1 
ATOM   669  C CG  . PHE A 1 101 ? -9.062  3.937   -10.166 1.00 28.58 ? 138 PHE A CG  1 
ATOM   670  C CD1 . PHE A 1 101 ? -10.238 3.193   -10.070 1.00 24.00 ? 138 PHE A CD1 1 
ATOM   671  C CD2 . PHE A 1 101 ? -8.925  4.851   -11.213 1.00 21.49 ? 138 PHE A CD2 1 
ATOM   672  C CE1 . PHE A 1 101 ? -11.271 3.352   -10.998 1.00 26.88 ? 138 PHE A CE1 1 
ATOM   673  C CE2 . PHE A 1 101 ? -9.951  5.020   -12.148 1.00 30.79 ? 138 PHE A CE2 1 
ATOM   674  C CZ  . PHE A 1 101 ? -11.130 4.266   -12.041 1.00 28.50 ? 138 PHE A CZ  1 
ATOM   675  N N   . GLN A 1 102 ? -7.612  0.570   -9.305  1.00 32.38 ? 139 GLN A N   1 
ATOM   676  C CA  . GLN A 1 102 ? -8.103  -0.748  -9.700  1.00 39.28 ? 139 GLN A CA  1 
ATOM   677  C C   . GLN A 1 102 ? -9.474  -0.583  -10.320 1.00 40.35 ? 139 GLN A C   1 
ATOM   678  O O   . GLN A 1 102 ? -10.411 -0.117  -9.666  1.00 37.68 ? 139 GLN A O   1 
ATOM   679  C CB  . GLN A 1 102 ? -8.205  -1.673  -8.485  1.00 42.02 ? 139 GLN A CB  1 
ATOM   680  C CG  . GLN A 1 102 ? -8.683  -3.074  -8.834  1.00 59.77 ? 139 GLN A CG  1 
ATOM   681  C CD  . GLN A 1 102 ? -9.671  -3.633  -7.817  1.00 70.09 ? 139 GLN A CD  1 
ATOM   682  O OE1 . GLN A 1 102 ? -9.353  -3.784  -6.630  1.00 71.59 ? 139 GLN A OE1 1 
ATOM   683  N NE2 . GLN A 1 102 ? -10.881 -3.942  -8.280  1.00 74.02 ? 139 GLN A NE2 1 
ATOM   684  N N   . SER A 1 103 ? -9.585  -0.975  -11.583 1.00 42.53 ? 140 SER A N   1 
ATOM   685  C CA  . SER A 1 103 ? -10.832 -0.835  -12.314 1.00 55.22 ? 140 SER A CA  1 
ATOM   686  C C   . SER A 1 103 ? -11.103 -2.029  -13.233 1.00 60.12 ? 140 SER A C   1 
ATOM   687  O O   . SER A 1 103 ? -10.280 -2.375  -14.089 1.00 60.12 ? 140 SER A O   1 
ATOM   688  C CB  . SER A 1 103 ? -10.786 0.459   -13.134 1.00 52.56 ? 140 SER A CB  1 
ATOM   689  O OG  . SER A 1 103 ? -11.992 0.662   -13.846 1.00 60.55 ? 140 SER A OG  1 
ATOM   690  N N   . ASN A 1 104 ? -12.262 -2.653  -13.042 1.00 66.07 ? 141 ASN A N   1 
ATOM   691  C CA  . ASN A 1 104 ? -12.669 -3.801  -13.846 1.00 69.69 ? 141 ASN A CA  1 
ATOM   692  C C   . ASN A 1 104 ? -11.521 -4.772  -14.110 1.00 68.80 ? 141 ASN A C   1 
ATOM   693  O O   . ASN A 1 104 ? -11.049 -4.896  -15.242 1.00 69.17 ? 141 ASN A O   1 
ATOM   694  C CB  . ASN A 1 104 ? -13.257 -3.327  -15.178 0.00 68.64 ? 141 ASN A CB  1 
ATOM   695  C CG  . ASN A 1 104 ? -14.505 -2.483  -15.000 0.00 68.95 ? 141 ASN A CG  1 
ATOM   696  O OD1 . ASN A 1 104 ? -15.087 -2.004  -15.973 0.00 68.81 ? 141 ASN A OD1 1 
ATOM   697  N ND2 . ASN A 1 104 ? -14.922 -2.297  -13.753 0.00 68.81 ? 141 ASN A ND2 1 
ATOM   698  N N   . ALA A 1 105 ? -11.074 -5.449  -13.055 1.00 68.30 ? 142 ALA A N   1 
ATOM   699  C CA  . ALA A 1 105 ? -9.993  -6.427  -13.153 1.00 65.76 ? 142 ALA A CA  1 
ATOM   700  C C   . ALA A 1 105 ? -8.659  -5.856  -13.619 1.00 63.96 ? 142 ALA A C   1 
ATOM   701  O O   . ALA A 1 105 ? -7.722  -6.614  -13.873 1.00 65.85 ? 142 ALA A O   1 
ATOM   702  C CB  . ALA A 1 105 ? -10.411 -7.569  -14.079 1.00 65.07 ? 142 ALA A CB  1 
ATOM   703  N N   . THR A 1 106 ? -8.561  -4.535  -13.741 1.00 59.89 ? 143 THR A N   1 
ATOM   704  C CA  . THR A 1 106 ? -7.306  -3.936  -14.177 1.00 52.82 ? 143 THR A CA  1 
ATOM   705  C C   . THR A 1 106 ? -7.074  -2.529  -13.605 1.00 46.32 ? 143 THR A C   1 
ATOM   706  O O   . THR A 1 106 ? -7.762  -2.105  -12.683 1.00 48.42 ? 143 THR A O   1 
ATOM   707  C CB  . THR A 1 106 ? -7.240  -3.912  -15.718 1.00 57.04 ? 143 THR A CB  1 
ATOM   708  O OG1 . THR A 1 106 ? -5.921  -3.527  -16.136 1.00 61.59 ? 143 THR A OG1 1 
ATOM   709  C CG2 . THR A 1 106 ? -8.272  -2.949  -16.281 1.00 51.49 ? 143 THR A CG2 1 
ATOM   710  N N   . CYS A 1 107 ? -6.105  -1.806  -14.154 1.00 39.41 ? 144 CYS A N   1 
ATOM   711  C CA  . CYS A 1 107 ? -5.783  -0.461  -13.674 1.00 37.68 ? 144 CYS A CA  1 
ATOM   712  C C   . CYS A 1 107 ? -6.160  0.631   -14.684 1.00 35.08 ? 144 CYS A C   1 
ATOM   713  O O   . CYS A 1 107 ? -5.960  0.454   -15.875 1.00 33.61 ? 144 CYS A O   1 
ATOM   714  C CB  . CYS A 1 107 ? -4.285  -0.380  -13.384 1.00 36.46 ? 144 CYS A CB  1 
ATOM   715  S SG  . CYS A 1 107 ? -3.706  -1.568  -12.126 1.00 29.42 ? 144 CYS A SG  1 
ATOM   716  N N   . ALA A 1 108 ? -6.695  1.755   -14.208 1.00 31.21 ? 145 ALA A N   1 
ATOM   717  C CA  . ALA A 1 108 ? -7.070  2.867   -15.099 1.00 33.05 ? 145 ALA A CA  1 
ATOM   718  C C   . ALA A 1 108 ? -6.521  4.183   -14.553 1.00 30.07 ? 145 ALA A C   1 
ATOM   719  O O   . ALA A 1 108 ? -6.463  4.377   -13.337 1.00 27.47 ? 145 ALA A O   1 
ATOM   720  C CB  . ALA A 1 108 ? -8.598  2.951   -15.230 1.00 23.81 ? 145 ALA A CB  1 
ATOM   721  N N   . PRO A 1 109 ? -6.092  5.100   -15.439 1.00 28.70 ? 146 PRO A N   1 
ATOM   722  C CA  . PRO A 1 109 ? -5.566  6.366   -14.906 1.00 25.29 ? 146 PRO A CA  1 
ATOM   723  C C   . PRO A 1 109 ? -6.658  7.117   -14.136 1.00 26.94 ? 146 PRO A C   1 
ATOM   724  O O   . PRO A 1 109 ? -7.829  7.038   -14.473 1.00 26.41 ? 146 PRO A O   1 
ATOM   725  C CB  . PRO A 1 109 ? -5.119  7.131   -16.160 1.00 28.18 ? 146 PRO A CB  1 
ATOM   726  C CG  . PRO A 1 109 ? -4.822  6.034   -17.164 1.00 30.91 ? 146 PRO A CG  1 
ATOM   727  C CD  . PRO A 1 109 ? -5.909  5.005   -16.902 1.00 26.41 ? 146 PRO A CD  1 
ATOM   728  N N   . HIS A 1 110 ? -6.273  7.843   -13.097 1.00 23.15 ? 147 HIS A N   1 
ATOM   729  C CA  . HIS A 1 110 ? -7.246  8.606   -12.318 1.00 25.24 ? 147 HIS A CA  1 
ATOM   730  C C   . HIS A 1 110 ? -7.883  9.676   -13.208 1.00 27.12 ? 147 HIS A C   1 
ATOM   731  O O   . HIS A 1 110 ? -7.286  10.114  -14.196 1.00 20.17 ? 147 HIS A O   1 
ATOM   732  C CB  . HIS A 1 110 ? -6.545  9.327   -11.159 1.00 24.05 ? 147 HIS A CB  1 
ATOM   733  C CG  . HIS A 1 110 ? -6.185  8.437   -10.014 1.00 27.00 ? 147 HIS A CG  1 
ATOM   734  N ND1 . HIS A 1 110 ? -5.095  8.677   -9.200  1.00 25.59 ? 147 HIS A ND1 1 
ATOM   735  C CD2 . HIS A 1 110 ? -6.817  7.359   -9.493  1.00 23.74 ? 147 HIS A CD2 1 
ATOM   736  C CE1 . HIS A 1 110 ? -5.079  7.790   -8.222  1.00 28.27 ? 147 HIS A CE1 1 
ATOM   737  N NE2 . HIS A 1 110 ? -6.113  6.979   -8.375  1.00 26.55 ? 147 HIS A NE2 1 
ATOM   738  N N   . THR A 1 111 ? -9.087  10.096  -12.840 1.00 19.59 ? 148 THR A N   1 
ATOM   739  C CA  . THR A 1 111 ? -9.759  11.159  -13.547 1.00 20.47 ? 148 THR A CA  1 
ATOM   740  C C   . THR A 1 111 ? -8.919  12.431  -13.414 1.00 21.11 ? 148 THR A C   1 
ATOM   741  O O   . THR A 1 111 ? -8.334  12.711  -12.356 1.00 19.67 ? 148 THR A O   1 
ATOM   742  C CB  . THR A 1 111 ? -11.156 11.442  -12.941 1.00 16.76 ? 148 THR A CB  1 
ATOM   743  O OG1 . THR A 1 111 ? -12.066 10.387  -13.302 1.00 19.77 ? 148 THR A OG1 1 
ATOM   744  C CG2 . THR A 1 111 ? -11.707 12.753  -13.458 1.00 16.43 ? 148 THR A CG2 1 
ATOM   745  N N   . VAL A 1 112 ? -8.849  13.200  -14.497 1.00 22.80 ? 149 VAL A N   1 
ATOM   746  C CA  . VAL A 1 112 ? -8.139  14.479  -14.488 1.00 16.19 ? 149 VAL A CA  1 
ATOM   747  C C   . VAL A 1 112 ? -9.227  15.553  -14.360 1.00 20.28 ? 149 VAL A C   1 
ATOM   748  O O   . VAL A 1 112 ? -10.036 15.724  -15.277 1.00 20.51 ? 149 VAL A O   1 
ATOM   749  C CB  . VAL A 1 112 ? -7.361  14.700  -15.810 1.00 22.14 ? 149 VAL A CB  1 
ATOM   750  C CG1 . VAL A 1 112 ? -6.800  16.135  -15.864 1.00 22.56 ? 149 VAL A CG1 1 
ATOM   751  C CG2 . VAL A 1 112 ? -6.226  13.663  -15.933 1.00 17.23 ? 149 VAL A CG2 1 
ATOM   752  N N   . CYS A 1 113 ? -9.274  16.258  -13.228 1.00 13.20 ? 150 CYS A N   1 
ATOM   753  C CA  . CYS A 1 113 ? -10.273 17.313  -13.035 1.00 18.18 ? 150 CYS A CA  1 
ATOM   754  C C   . CYS A 1 113 ? -9.827  18.484  -13.919 1.00 20.43 ? 150 CYS A C   1 
ATOM   755  O O   . CYS A 1 113 ? -8.698  18.945  -13.811 1.00 20.06 ? 150 CYS A O   1 
ATOM   756  C CB  . CYS A 1 113 ? -10.321 17.749  -11.558 1.00 18.73 ? 150 CYS A CB  1 
ATOM   757  S SG  . CYS A 1 113 ? -10.570 16.371  -10.366 1.00 21.50 ? 150 CYS A SG  1 
ATOM   758  N N   . PRO A 1 114 ? -10.716 18.987  -14.784 1.00 19.47 ? 151 PRO A N   1 
ATOM   759  C CA  . PRO A 1 114 ? -10.354 20.101  -15.677 1.00 16.21 ? 151 PRO A CA  1 
ATOM   760  C C   . PRO A 1 114 ? -10.280 21.443  -14.995 1.00 21.41 ? 151 PRO A C   1 
ATOM   761  O O   . PRO A 1 114 ? -10.614 21.560  -13.800 1.00 19.37 ? 151 PRO A O   1 
ATOM   762  C CB  . PRO A 1 114 ? -11.460 20.071  -16.733 1.00 14.51 ? 151 PRO A CB  1 
ATOM   763  C CG  . PRO A 1 114 ? -12.690 19.649  -15.899 1.00 17.62 ? 151 PRO A CG  1 
ATOM   764  C CD  . PRO A 1 114 ? -12.117 18.554  -14.988 1.00 16.06 ? 151 PRO A CD  1 
ATOM   765  N N   . VAL A 1 115 ? -9.834  22.447  -15.756 1.00 17.74 ? 152 VAL A N   1 
ATOM   766  C CA  . VAL A 1 115 ? -9.776  23.809  -15.244 1.00 16.18 ? 152 VAL A CA  1 
ATOM   767  C C   . VAL A 1 115 ? -11.205 24.150  -14.813 1.00 17.70 ? 152 VAL A C   1 
ATOM   768  O O   . VAL A 1 115 ? -12.191 23.727  -15.455 1.00 15.94 ? 152 VAL A O   1 
ATOM   769  C CB  . VAL A 1 115 ? -9.272  24.835  -16.328 1.00 18.04 ? 152 VAL A CB  1 
ATOM   770  C CG1 . VAL A 1 115 ? -7.866  24.469  -16.747 1.00 11.96 ? 152 VAL A CG1 1 
ATOM   771  C CG2 . VAL A 1 115 ? -10.199 24.864  -17.581 1.00 11.83 ? 152 VAL A CG2 1 
ATOM   772  N N   . GLY A 1 116 ? -11.332 24.893  -13.720 1.00 14.68 ? 153 GLY A N   1 
ATOM   773  C CA  . GLY A 1 116 ? -12.657 25.224  -13.231 1.00 15.19 ? 153 GLY A CA  1 
ATOM   774  C C   . GLY A 1 116 ? -13.165 24.163  -12.260 1.00 19.82 ? 153 GLY A C   1 
ATOM   775  O O   . GLY A 1 116 ? -14.222 24.344  -11.657 1.00 20.56 ? 153 GLY A O   1 
ATOM   776  N N   . TRP A 1 117 ? -12.437 23.049  -12.132 1.00 19.76 ? 154 TRP A N   1 
ATOM   777  C CA  . TRP A 1 117 ? -12.803 21.968  -11.199 1.00 24.18 ? 154 TRP A CA  1 
ATOM   778  C C   . TRP A 1 117 ? -11.583 21.587  -10.388 1.00 24.73 ? 154 TRP A C   1 
ATOM   779  O O   . TRP A 1 117 ? -10.443 21.881  -10.785 1.00 18.89 ? 154 TRP A O   1 
ATOM   780  C CB  . TRP A 1 117 ? -13.259 20.704  -11.924 1.00 17.12 ? 154 TRP A CB  1 
ATOM   781  C CG  . TRP A 1 117 ? -14.557 20.821  -12.649 1.00 21.35 ? 154 TRP A CG  1 
ATOM   782  C CD1 . TRP A 1 117 ? -14.842 21.640  -13.704 1.00 18.26 ? 154 TRP A CD1 1 
ATOM   783  C CD2 . TRP A 1 117 ? -15.745 20.068  -12.387 1.00 18.71 ? 154 TRP A CD2 1 
ATOM   784  N NE1 . TRP A 1 117 ? -16.140 21.440  -14.115 1.00 23.15 ? 154 TRP A NE1 1 
ATOM   785  C CE2 . TRP A 1 117 ? -16.717 20.483  -13.323 1.00 21.46 ? 154 TRP A CE2 1 
ATOM   786  C CE3 . TRP A 1 117 ? -16.083 19.083  -11.446 1.00 19.62 ? 154 TRP A CE3 1 
ATOM   787  C CZ2 . TRP A 1 117 ? -18.018 19.944  -13.349 1.00 25.18 ? 154 TRP A CZ2 1 
ATOM   788  C CZ3 . TRP A 1 117 ? -17.384 18.547  -11.465 1.00 24.87 ? 154 TRP A CZ3 1 
ATOM   789  C CH2 . TRP A 1 117 ? -18.331 18.984  -12.412 1.00 28.25 ? 154 TRP A CH2 1 
ATOM   790  N N   . GLY A 1 118 ? -11.823 20.906  -9.271  1.00 23.02 ? 155 GLY A N   1 
ATOM   791  C CA  . GLY A 1 118 ? -10.725 20.491  -8.420  1.00 21.71 ? 155 GLY A CA  1 
ATOM   792  C C   . GLY A 1 118 ? -10.985 19.178  -7.705  1.00 22.96 ? 155 GLY A C   1 
ATOM   793  O O   . GLY A 1 118 ? -12.111 18.686  -7.660  1.00 26.60 ? 155 GLY A O   1 
ATOM   794  N N   . VAL A 1 119 ? -9.929  18.597  -7.151  1.00 22.39 ? 156 VAL A N   1 
ATOM   795  C CA  . VAL A 1 119 ? -10.052 17.340  -6.442  1.00 26.86 ? 156 VAL A CA  1 
ATOM   796  C C   . VAL A 1 119 ? -10.820 17.538  -5.137  1.00 29.07 ? 156 VAL A C   1 
ATOM   797  O O   . VAL A 1 119 ? -10.467 18.392  -4.314  1.00 26.28 ? 156 VAL A O   1 
ATOM   798  C CB  . VAL A 1 119 ? -8.654  16.741  -6.130  1.00 24.95 ? 156 VAL A CB  1 
ATOM   799  C CG1 . VAL A 1 119 ? -8.803  15.476  -5.258  1.00 17.74 ? 156 VAL A CG1 1 
ATOM   800  C CG2 . VAL A 1 119 ? -7.928  16.408  -7.458  1.00 21.22 ? 156 VAL A CG2 1 
ATOM   801  N N   . ARG A 1 120 ? -11.885 16.760  -4.984  1.00 28.21 ? 157 ARG A N   1 
ATOM   802  C CA  . ARG A 1 120 ? -12.731 16.783  -3.795  1.00 35.93 ? 157 ARG A CA  1 
ATOM   803  C C   . ARG A 1 120 ? -12.277 15.619  -2.922  1.00 35.63 ? 157 ARG A C   1 
ATOM   804  O O   . ARG A 1 120 ? -12.185 15.735  -1.708  1.00 39.08 ? 157 ARG A O   1 
ATOM   805  C CB  . ARG A 1 120 ? -14.204 16.574  -4.165  1.00 39.03 ? 157 ARG A CB  1 
ATOM   806  C CG  . ARG A 1 120 ? -15.120 16.567  -2.955  1.00 45.87 ? 157 ARG A CG  1 
ATOM   807  C CD  . ARG A 1 120 ? -16.557 16.212  -3.306  1.00 52.34 ? 157 ARG A CD  1 
ATOM   808  N NE  . ARG A 1 120 ? -16.727 14.805  -3.669  1.00 57.43 ? 157 ARG A NE  1 
ATOM   809  C CZ  . ARG A 1 120 ? -16.587 13.785  -2.824  1.00 59.34 ? 157 ARG A CZ  1 
ATOM   810  N NH1 . ARG A 1 120 ? -16.762 12.541  -3.254  1.00 54.69 ? 157 ARG A NH1 1 
ATOM   811  N NH2 . ARG A 1 120 ? -16.275 14.007  -1.551  1.00 60.40 ? 157 ARG A NH2 1 
ATOM   812  N N   . LYS A 1 121 ? -12.011 14.483  -3.554  1.00 28.93 ? 158 LYS A N   1 
ATOM   813  C CA  . LYS A 1 121 ? -11.549 13.328  -2.819  1.00 33.10 ? 158 LYS A CA  1 
ATOM   814  C C   . LYS A 1 121 ? -10.366 12.751  -3.577  1.00 28.98 ? 158 LYS A C   1 
ATOM   815  O O   . LYS A 1 121 ? -10.454 12.411  -4.751  1.00 25.33 ? 158 LYS A O   1 
ATOM   816  C CB  . LYS A 1 121 ? -12.671 12.287  -2.660  1.00 28.50 ? 158 LYS A CB  1 
ATOM   817  C CG  . LYS A 1 121 ? -12.225 11.014  -1.940  1.00 36.84 ? 158 LYS A CG  1 
ATOM   818  C CD  . LYS A 1 121 ? -13.370 9.993   -1.824  1.00 43.31 ? 158 LYS A CD  1 
ATOM   819  C CE  . LYS A 1 121 ? -12.946 8.775   -1.020  0.00 41.38 ? 158 LYS A CE  1 
ATOM   820  N NZ  . LYS A 1 121 ? -11.774 8.084   -1.626  0.00 42.27 ? 158 LYS A NZ  1 
ATOM   821  N N   . LYS A 1 122 ? -9.245  12.663  -2.886  1.00 25.88 ? 159 LYS A N   1 
ATOM   822  C CA  . LYS A 1 122 ? -8.023  12.152  -3.467  1.00 28.26 ? 159 LYS A CA  1 
ATOM   823  C C   . LYS A 1 122 ? -8.181  10.754  -4.034  1.00 29.58 ? 159 LYS A C   1 
ATOM   824  O O   . LYS A 1 122 ? -8.851  9.905   -3.441  1.00 32.40 ? 159 LYS A O   1 
ATOM   825  C CB  . LYS A 1 122 ? -6.927  12.168  -2.402  1.00 30.15 ? 159 LYS A CB  1 
ATOM   826  C CG  . LYS A 1 122 ? -5.604  11.583  -2.847  1.00 44.42 ? 159 LYS A CG  1 
ATOM   827  C CD  . LYS A 1 122 ? -4.534  11.783  -1.765  1.00 45.99 ? 159 LYS A CD  1 
ATOM   828  C CE  . LYS A 1 122 ? -3.161  11.283  -2.227  1.00 44.07 ? 159 LYS A CE  1 
ATOM   829  N NZ  . LYS A 1 122 ? -2.056  11.740  -1.320  1.00 51.63 ? 159 LYS A NZ  1 
ATOM   830  N N   . GLY A 1 123 ? -7.562  10.513  -5.186  1.00 29.57 ? 160 GLY A N   1 
ATOM   831  C CA  . GLY A 1 123 ? -7.638  9.198   -5.787  1.00 30.10 ? 160 GLY A CA  1 
ATOM   832  C C   . GLY A 1 123 ? -6.719  8.236   -5.047  1.00 30.78 ? 160 GLY A C   1 
ATOM   833  O O   . GLY A 1 123 ? -5.709  8.654   -4.473  1.00 32.72 ? 160 GLY A O   1 
ATOM   834  N N   . THR A 1 124 ? -7.066  6.952   -5.060  1.00 28.41 ? 161 THR A N   1 
ATOM   835  C CA  . THR A 1 124 ? -6.270  5.912   -4.403  1.00 31.89 ? 161 THR A CA  1 
ATOM   836  C C   . THR A 1 124 ? -6.019  4.788   -5.396  1.00 30.84 ? 161 THR A C   1 
ATOM   837  O O   . THR A 1 124 ? -6.346  4.910   -6.574  1.00 29.20 ? 161 THR A O   1 
ATOM   838  C CB  . THR A 1 124 ? -7.021  5.295   -3.185  1.00 28.80 ? 161 THR A CB  1 
ATOM   839  O OG1 . THR A 1 124 ? -8.140  4.530   -3.651  1.00 34.92 ? 161 THR A OG1 1 
ATOM   840  C CG2 . THR A 1 124 ? -7.529  6.391   -2.254  1.00 31.23 ? 161 THR A CG2 1 
ATOM   841  N N   . GLU A 1 125 ? -5.472  3.675   -4.915  1.00 33.87 ? 162 GLU A N   1 
ATOM   842  C CA  . GLU A 1 125 ? -5.208  2.530   -5.783  1.00 32.48 ? 162 GLU A CA  1 
ATOM   843  C C   . GLU A 1 125 ? -6.482  1.718   -6.031  1.00 30.66 ? 162 GLU A C   1 
ATOM   844  O O   . GLU A 1 125 ? -6.493  0.814   -6.865  1.00 28.03 ? 162 GLU A O   1 
ATOM   845  C CB  . GLU A 1 125 ? -4.133  1.633   -5.159  1.00 46.18 ? 162 GLU A CB  1 
ATOM   846  C CG  . GLU A 1 125 ? -4.401  1.285   -3.710  1.00 55.03 ? 162 GLU A CG  1 
ATOM   847  C CD  . GLU A 1 125 ? -3.285  0.465   -3.095  1.00 65.75 ? 162 GLU A CD  1 
ATOM   848  O OE1 . GLU A 1 125 ? -3.264  -0.772  -3.307  1.00 64.97 ? 162 GLU A OE1 1 
ATOM   849  O OE2 . GLU A 1 125 ? -2.423  1.065   -2.409  1.00 65.12 ? 162 GLU A OE2 1 
ATOM   850  N N   . THR A 1 126 ? -7.564  2.049   -5.330  1.00 23.22 ? 163 THR A N   1 
ATOM   851  C CA  . THR A 1 126 ? -8.813  1.305   -5.509  1.00 28.57 ? 163 THR A CA  1 
ATOM   852  C C   . THR A 1 126 ? -9.987  2.192   -5.866  1.00 27.57 ? 163 THR A C   1 
ATOM   853  O O   . THR A 1 126 ? -11.007 1.703   -6.344  1.00 31.80 ? 163 THR A O   1 
ATOM   854  C CB  . THR A 1 126 ? -9.192  0.503   -4.228  1.00 30.66 ? 163 THR A CB  1 
ATOM   855  O OG1 . THR A 1 126 ? -9.235  1.392   -3.102  1.00 38.03 ? 163 THR A OG1 1 
ATOM   856  C CG2 . THR A 1 126 ? -8.164  -0.602  -3.957  1.00 33.45 ? 163 THR A CG2 1 
ATOM   857  N N   . GLU A 1 127 ? -9.861  3.489   -5.601  1.00 24.79 ? 164 GLU A N   1 
ATOM   858  C CA  . GLU A 1 127 ? -10.924 4.436   -5.919  1.00 25.80 ? 164 GLU A CA  1 
ATOM   859  C C   . GLU A 1 127 ? -10.393 5.619   -6.743  1.00 26.69 ? 164 GLU A C   1 
ATOM   860  O O   . GLU A 1 127 ? -9.334  6.184   -6.463  1.00 24.92 ? 164 GLU A O   1 
ATOM   861  C CB  . GLU A 1 127 ? -11.587 4.973   -4.643  1.00 28.87 ? 164 GLU A CB  1 
ATOM   862  C CG  . GLU A 1 127 ? -12.402 3.934   -3.852  1.00 41.24 ? 164 GLU A CG  1 
ATOM   863  C CD  . GLU A 1 127 ? -13.245 4.559   -2.757  0.00 38.81 ? 164 GLU A CD  1 
ATOM   864  O OE1 . GLU A 1 127 ? -14.126 5.383   -3.083  0.00 40.51 ? 164 GLU A OE1 1 
ATOM   865  O OE2 . GLU A 1 127 ? -13.028 4.227   -1.573  0.00 40.44 ? 164 GLU A OE2 1 
ATOM   866  N N   . ASP A 1 128 ? -11.162 5.999   -7.745  1.00 26.94 ? 165 ASP A N   1 
ATOM   867  C CA  . ASP A 1 128 ? -10.808 7.090   -8.623  1.00 24.60 ? 165 ASP A CA  1 
ATOM   868  C C   . ASP A 1 128 ? -10.952 8.427   -7.899  1.00 32.02 ? 165 ASP A C   1 
ATOM   869  O O   . ASP A 1 128 ? -11.655 8.553   -6.879  1.00 23.76 ? 165 ASP A O   1 
ATOM   870  C CB  . ASP A 1 128 ? -11.732 7.059   -9.852  1.00 26.70 ? 165 ASP A CB  1 
ATOM   871  C CG  . ASP A 1 128 ? -11.296 8.032   -10.964 1.00 24.45 ? 165 ASP A CG  1 
ATOM   872  O OD1 . ASP A 1 128 ? -10.152 8.510   -10.963 1.00 17.44 ? 165 ASP A OD1 1 
ATOM   873  O OD2 . ASP A 1 128 ? -12.105 8.303   -11.866 1.00 22.38 ? 165 ASP A OD2 1 
ATOM   874  N N   . VAL A 1 129 ? -10.250 9.415   -8.433  1.00 24.09 ? 166 VAL A N   1 
ATOM   875  C CA  . VAL A 1 129 ? -10.321 10.777  -7.944  1.00 24.00 ? 166 VAL A CA  1 
ATOM   876  C C   . VAL A 1 129 ? -11.774 11.228  -8.020  1.00 24.93 ? 166 VAL A C   1 
ATOM   877  O O   . VAL A 1 129 ? -12.504 10.790  -8.908  1.00 22.97 ? 166 VAL A O   1 
ATOM   878  C CB  . VAL A 1 129 ? -9.512  11.718  -8.885  1.00 23.30 ? 166 VAL A CB  1 
ATOM   879  C CG1 . VAL A 1 129 ? -9.932  13.169  -8.680  1.00 28.28 ? 166 VAL A CG1 1 
ATOM   880  C CG2 . VAL A 1 129 ? -8.032  11.553  -8.633  1.00 20.13 ? 166 VAL A CG2 1 
ATOM   881  N N   . ARG A 1 130 ? -12.193 12.091  -7.100  1.00 25.81 ? 167 ARG A N   1 
ATOM   882  C CA  . ARG A 1 130 ? -13.529 12.668  -7.169  1.00 25.91 ? 167 ARG A CA  1 
ATOM   883  C C   . ARG A 1 130 ? -13.317 14.163  -7.370  1.00 32.43 ? 167 ARG A C   1 
ATOM   884  O O   . ARG A 1 130 ? -12.663 14.814  -6.548  1.00 28.30 ? 167 ARG A O   1 
ATOM   885  C CB  . ARG A 1 130 ? -14.326 12.452  -5.884  1.00 33.95 ? 167 ARG A CB  1 
ATOM   886  C CG  . ARG A 1 130 ? -15.214 11.245  -5.936  1.00 39.78 ? 167 ARG A CG  1 
ATOM   887  C CD  . ARG A 1 130 ? -14.476 9.981   -5.619  1.00 50.93 ? 167 ARG A CD  1 
ATOM   888  N NE  . ARG A 1 130 ? -15.106 8.850   -6.293  1.00 63.88 ? 167 ARG A NE  1 
ATOM   889  C CZ  . ARG A 1 130 ? -14.804 7.574   -6.080  1.00 64.51 ? 167 ARG A CZ  1 
ATOM   890  N NH1 . ARG A 1 130 ? -13.873 7.243   -5.191  1.00 68.26 ? 167 ARG A NH1 1 
ATOM   891  N NH2 . ARG A 1 130 ? -15.422 6.626   -6.774  1.00 67.29 ? 167 ARG A NH2 1 
ATOM   892  N N   . CYS A 1 131 ? -13.870 14.696  -8.461  1.00 20.51 ? 168 CYS A N   1 
ATOM   893  C CA  . CYS A 1 131 ? -13.751 16.100  -8.796  1.00 22.35 ? 168 CYS A CA  1 
ATOM   894  C C   . CYS A 1 131 ? -14.995 16.850  -8.371  1.00 23.41 ? 168 CYS A C   1 
ATOM   895  O O   . CYS A 1 131 ? -16.061 16.277  -8.266  1.00 27.27 ? 168 CYS A O   1 
ATOM   896  C CB  . CYS A 1 131 ? -13.581 16.289  -10.322 1.00 16.00 ? 168 CYS A CB  1 
ATOM   897  S SG  . CYS A 1 131 ? -12.194 15.392  -11.088 1.00 21.68 ? 168 CYS A SG  1 
ATOM   898  N N   . LYS A 1 132 ? -14.845 18.142  -8.121  1.00 23.01 ? 169 LYS A N   1 
ATOM   899  C CA  . LYS A 1 132 ? -15.981 18.980  -7.784  1.00 23.84 ? 169 LYS A CA  1 
ATOM   900  C C   . LYS A 1 132 ? -15.737 20.330  -8.462  1.00 24.39 ? 169 LYS A C   1 
ATOM   901  O O   . LYS A 1 132 ? -14.586 20.757  -8.597  1.00 22.69 ? 169 LYS A O   1 
ATOM   902  C CB  . LYS A 1 132 ? -16.082 19.166  -6.264  1.00 25.85 ? 169 LYS A CB  1 
ATOM   903  C CG  . LYS A 1 132 ? -14.875 19.842  -5.635  0.00 25.16 ? 169 LYS A CG  1 
ATOM   904  C CD  . LYS A 1 132 ? -15.064 20.024  -4.136  0.00 25.35 ? 169 LYS A CD  1 
ATOM   905  C CE  . LYS A 1 132 ? -13.867 20.717  -3.508  0.00 25.26 ? 169 LYS A CE  1 
ATOM   906  N NZ  . LYS A 1 132 ? -14.044 20.908  -2.042  0.00 25.29 ? 169 LYS A NZ  1 
ATOM   907  N N   . GLN A 1 133 ? -16.802 20.990  -8.903  1.00 24.42 ? 170 GLN A N   1 
ATOM   908  C CA  . GLN A 1 133 ? -16.673 22.301  -9.515  1.00 26.97 ? 170 GLN A CA  1 
ATOM   909  C C   . GLN A 1 133 ? -16.149 23.272  -8.457  1.00 27.32 ? 170 GLN A C   1 
ATOM   910  O O   . GLN A 1 133 ? -16.616 23.260  -7.322  1.00 32.91 ? 170 GLN A O   1 
ATOM   911  C CB  . GLN A 1 133 ? -18.038 22.785  -9.994  1.00 33.69 ? 170 GLN A CB  1 
ATOM   912  C CG  . GLN A 1 133 ? -18.060 23.204  -11.444 1.00 40.87 ? 170 GLN A CG  1 
ATOM   913  C CD  . GLN A 1 133 ? -19.437 23.661  -11.892 1.00 43.69 ? 170 GLN A CD  1 
ATOM   914  O OE1 . GLN A 1 133 ? -20.444 23.033  -11.560 1.00 29.22 ? 170 GLN A OE1 1 
ATOM   915  N NE2 . GLN A 1 133 ? -19.484 24.750  -12.664 1.00 42.90 ? 170 GLN A NE2 1 
ATOM   916  N N   . CYS A 1 134 ? -15.210 24.139  -8.808  1.00 23.96 ? 171 CYS A N   1 
ATOM   917  C CA  . CYS A 1 134 ? -14.697 25.071  -7.800  1.00 29.55 ? 171 CYS A CA  1 
ATOM   918  C C   . CYS A 1 134 ? -15.779 25.981  -7.212  1.00 29.37 ? 171 CYS A C   1 
ATOM   919  O O   . CYS A 1 134 ? -16.536 26.624  -7.948  1.00 28.90 ? 171 CYS A O   1 
ATOM   920  C CB  . CYS A 1 134 ? -13.578 25.933  -8.381  1.00 29.40 ? 171 CYS A CB  1 
ATOM   921  S SG  . CYS A 1 134 ? -12.087 24.984  -8.805  1.00 23.11 ? 171 CYS A SG  1 
ATOM   922  N N   . ALA A 1 135 ? -15.844 26.040  -5.882  1.00 30.87 ? 172 ALA A N   1 
ATOM   923  C CA  . ALA A 1 135 ? -16.841 26.873  -5.209  1.00 36.63 ? 172 ALA A CA  1 
ATOM   924  C C   . ALA A 1 135 ? -16.475 28.317  -5.453  1.00 33.92 ? 172 ALA A C   1 
ATOM   925  O O   . ALA A 1 135 ? -15.325 28.620  -5.762  1.00 35.23 ? 172 ALA A O   1 
ATOM   926  C CB  . ALA A 1 135 ? -16.867 26.591  -3.698  1.00 33.90 ? 172 ALA A CB  1 
ATOM   927  N N   . ARG A 1 136 ? -17.461 29.194  -5.333  1.00 36.94 ? 173 ARG A N   1 
ATOM   928  C CA  . ARG A 1 136 ? -17.254 30.622  -5.524  1.00 41.38 ? 173 ARG A CA  1 
ATOM   929  C C   . ARG A 1 136 ? -16.131 31.053  -4.598  1.00 37.94 ? 173 ARG A C   1 
ATOM   930  O O   . ARG A 1 136 ? -16.041 30.577  -3.477  1.00 40.14 ? 173 ARG A O   1 
ATOM   931  C CB  . ARG A 1 136 ? -18.546 31.387  -5.199  1.00 45.09 ? 173 ARG A CB  1 
ATOM   932  C CG  . ARG A 1 136 ? -19.666 31.141  -6.200  0.00 43.82 ? 173 ARG A CG  1 
ATOM   933  C CD  . ARG A 1 136 ? -20.917 31.966  -5.907  0.00 44.25 ? 173 ARG A CD  1 
ATOM   934  N NE  . ARG A 1 136 ? -21.642 31.509  -4.723  0.00 44.17 ? 173 ARG A NE  1 
ATOM   935  C CZ  . ARG A 1 136 ? -21.303 31.796  -3.470  0.00 44.22 ? 173 ARG A CZ  1 
ATOM   936  N NH1 . ARG A 1 136 ? -20.242 32.550  -3.217  0.00 44.23 ? 173 ARG A NH1 1 
ATOM   937  N NH2 . ARG A 1 136 ? -22.030 31.328  -2.465  0.00 44.23 ? 173 ARG A NH2 1 
ATOM   938  N N   . GLY A 1 137 ? -15.267 31.944  -5.065  1.00 36.82 ? 174 GLY A N   1 
ATOM   939  C CA  . GLY A 1 137 ? -14.165 32.369  -4.222  1.00 34.17 ? 174 GLY A CA  1 
ATOM   940  C C   . GLY A 1 137 ? -12.922 31.511  -4.414  1.00 33.13 ? 174 GLY A C   1 
ATOM   941  O O   . GLY A 1 137 ? -11.858 31.847  -3.900  1.00 35.68 ? 174 GLY A O   1 
ATOM   942  N N   . THR A 1 138 ? -13.047 30.404  -5.151  1.00 32.99 ? 175 THR A N   1 
ATOM   943  C CA  . THR A 1 138 ? -11.894 29.531  -5.418  1.00 26.12 ? 175 THR A CA  1 
ATOM   944  C C   . THR A 1 138 ? -11.767 29.245  -6.913  1.00 28.31 ? 175 THR A C   1 
ATOM   945  O O   . THR A 1 138 ? -12.730 29.407  -7.669  1.00 25.77 ? 175 THR A O   1 
ATOM   946  C CB  . THR A 1 138 ? -12.004 28.186  -4.669  1.00 25.91 ? 175 THR A CB  1 
ATOM   947  O OG1 . THR A 1 138 ? -13.004 27.372  -5.283  1.00 24.89 ? 175 THR A OG1 1 
ATOM   948  C CG2 . THR A 1 138 ? -12.371 28.418  -3.204  1.00 26.08 ? 175 THR A CG2 1 
ATOM   949  N N   . PHE A 1 139 ? -10.589 28.801  -7.345  1.00 26.77 ? 176 PHE A N   1 
ATOM   950  C CA  . PHE A 1 139 ? -10.378 28.531  -8.758  1.00 26.18 ? 176 PHE A CA  1 
ATOM   951  C C   . PHE A 1 139 ? -9.350  27.454  -8.973  1.00 26.09 ? 176 PHE A C   1 
ATOM   952  O O   . PHE A 1 139 ? -8.554  27.167  -8.075  1.00 21.79 ? 176 PHE A O   1 
ATOM   953  C CB  . PHE A 1 139 ? -9.887  29.804  -9.453  1.00 27.07 ? 176 PHE A CB  1 
ATOM   954  C CG  . PHE A 1 139 ? -8.459  30.173  -9.104  1.00 28.10 ? 176 PHE A CG  1 
ATOM   955  C CD1 . PHE A 1 139 ? -7.417  29.894  -9.993  1.00 17.16 ? 176 PHE A CD1 1 
ATOM   956  C CD2 . PHE A 1 139 ? -8.156  30.780  -7.881  1.00 25.67 ? 176 PHE A CD2 1 
ATOM   957  C CE1 . PHE A 1 139 ? -6.094  30.213  -9.674  1.00 24.62 ? 176 PHE A CE1 1 
ATOM   958  C CE2 . PHE A 1 139 ? -6.832  31.107  -7.544  1.00 22.94 ? 176 PHE A CE2 1 
ATOM   959  C CZ  . PHE A 1 139 ? -5.796  30.825  -8.439  1.00 25.25 ? 176 PHE A CZ  1 
ATOM   960  N N   . SER A 1 140 ? -9.378  26.845  -10.162 1.00 19.85 ? 177 SER A N   1 
ATOM   961  C CA  . SER A 1 140 ? -8.359  25.856  -10.535 1.00 17.83 ? 177 SER A CA  1 
ATOM   962  C C   . SER A 1 140 ? -8.024  26.177  -11.984 1.00 22.91 ? 177 SER A C   1 
ATOM   963  O O   . SER A 1 140 ? -8.876  26.035  -12.861 1.00 15.44 ? 177 SER A O   1 
ATOM   964  C CB  . SER A 1 140 ? -8.867  24.423  -10.431 1.00 24.25 ? 177 SER A CB  1 
ATOM   965  O OG  . SER A 1 140 ? -7.787  23.556  -10.730 1.00 22.30 ? 177 SER A OG  1 
ATOM   966  N N   . ASP A 1 141 ? -6.785  26.598  -12.241 1.00 14.89 ? 178 ASP A N   1 
ATOM   967  C CA  . ASP A 1 141 ? -6.401  27.002  -13.591 1.00 23.49 ? 178 ASP A CA  1 
ATOM   968  C C   . ASP A 1 141 ? -5.686  25.941  -14.410 1.00 23.04 ? 178 ASP A C   1 
ATOM   969  O O   . ASP A 1 141 ? -5.298  26.194  -15.552 1.00 24.02 ? 178 ASP A O   1 
ATOM   970  C CB  . ASP A 1 141 ? -5.547  28.280  -13.521 1.00 17.63 ? 178 ASP A CB  1 
ATOM   971  C CG  . ASP A 1 141 ? -4.207  28.061  -12.801 1.00 24.30 ? 178 ASP A CG  1 
ATOM   972  O OD1 . ASP A 1 141 ? -4.057  27.037  -12.112 1.00 29.69 ? 178 ASP A OD1 1 
ATOM   973  O OD2 . ASP A 1 141 ? -3.304  28.917  -12.919 1.00 24.97 ? 178 ASP A OD2 1 
ATOM   974  N N   . VAL A 1 142 ? -5.531  24.744  -13.849 1.00 17.49 ? 179 VAL A N   1 
ATOM   975  C CA  . VAL A 1 142 ? -4.850  23.684  -14.570 1.00 18.07 ? 179 VAL A CA  1 
ATOM   976  C C   . VAL A 1 142 ? -5.578  22.362  -14.489 1.00 24.10 ? 179 VAL A C   1 
ATOM   977  O O   . VAL A 1 142 ? -6.271  22.075  -13.505 1.00 22.59 ? 179 VAL A O   1 
ATOM   978  C CB  . VAL A 1 142 ? -3.406  23.404  -14.028 1.00 23.16 ? 179 VAL A CB  1 
ATOM   979  C CG1 . VAL A 1 142 ? -2.496  24.569  -14.302 1.00 28.24 ? 179 VAL A CG1 1 
ATOM   980  C CG2 . VAL A 1 142 ? -3.459  23.105  -12.527 1.00 26.97 ? 179 VAL A CG2 1 
ATOM   981  N N   . PRO A 1 143 ? -5.448  21.544  -15.543 1.00 18.11 ? 180 PRO A N   1 
ATOM   982  C CA  . PRO A 1 143 ? -6.087  20.225  -15.566 1.00 20.78 ? 180 PRO A CA  1 
ATOM   983  C C   . PRO A 1 143 ? -5.248  19.434  -14.557 1.00 25.29 ? 180 PRO A C   1 
ATOM   984  O O   . PRO A 1 143 ? -4.016  19.589  -14.519 1.00 22.59 ? 180 PRO A O   1 
ATOM   985  C CB  . PRO A 1 143 ? -5.826  19.733  -16.996 1.00 21.80 ? 180 PRO A CB  1 
ATOM   986  C CG  . PRO A 1 143 ? -5.675  21.008  -17.775 1.00 24.82 ? 180 PRO A CG  1 
ATOM   987  C CD  . PRO A 1 143 ? -4.851  21.860  -16.850 1.00 15.83 ? 180 PRO A CD  1 
ATOM   988  N N   . SER A 1 144 ? -5.876  18.609  -13.727 1.00 24.38 ? 181 SER A N   1 
ATOM   989  C CA  . SER A 1 144 ? -5.087  17.862  -12.750 1.00 21.25 ? 181 SER A CA  1 
ATOM   990  C C   . SER A 1 144 ? -5.869  16.834  -11.964 1.00 18.43 ? 181 SER A C   1 
ATOM   991  O O   . SER A 1 144 ? -7.016  17.068  -11.563 1.00 20.20 ? 181 SER A O   1 
ATOM   992  C CB  . SER A 1 144 ? -4.441  18.825  -11.746 1.00 23.56 ? 181 SER A CB  1 
ATOM   993  O OG  . SER A 1 144 ? -3.765  18.091  -10.734 1.00 23.61 ? 181 SER A OG  1 
ATOM   994  N N   . SER A 1 145 ? -5.221  15.711  -11.699 1.00 17.79 ? 182 SER A N   1 
ATOM   995  C CA  . SER A 1 145 ? -5.857  14.667  -10.926 1.00 23.91 ? 182 SER A CA  1 
ATOM   996  C C   . SER A 1 145 ? -5.452  14.747  -9.452  1.00 26.54 ? 182 SER A C   1 
ATOM   997  O O   . SER A 1 145 ? -5.793  13.863  -8.681  1.00 23.31 ? 182 SER A O   1 
ATOM   998  C CB  . SER A 1 145 ? -5.501  13.292  -11.495 1.00 21.26 ? 182 SER A CB  1 
ATOM   999  O OG  . SER A 1 145 ? -4.116  13.055  -11.424 1.00 29.13 ? 182 SER A OG  1 
ATOM   1000 N N   . VAL A 1 146 ? -4.729  15.796  -9.055  1.00 25.56 ? 183 VAL A N   1 
ATOM   1001 C CA  . VAL A 1 146 ? -4.345  15.900  -7.653  1.00 25.08 ? 183 VAL A CA  1 
ATOM   1002 C C   . VAL A 1 146 ? -4.647  17.221  -6.975  1.00 26.20 ? 183 VAL A C   1 
ATOM   1003 O O   . VAL A 1 146 ? -4.984  17.238  -5.793  1.00 28.51 ? 183 VAL A O   1 
ATOM   1004 C CB  . VAL A 1 146 ? -2.844  15.551  -7.416  1.00 30.96 ? 183 VAL A CB  1 
ATOM   1005 C CG1 . VAL A 1 146 ? -2.536  14.207  -8.029  1.00 26.41 ? 183 VAL A CG1 1 
ATOM   1006 C CG2 . VAL A 1 146 ? -1.929  16.619  -7.980  1.00 34.81 ? 183 VAL A CG2 1 
ATOM   1007 N N   . MET A 1 147 ? -4.572  18.322  -7.712  1.00 25.90 ? 184 MET A N   1 
ATOM   1008 C CA  . MET A 1 147 ? -4.811  19.638  -7.125  1.00 26.47 ? 184 MET A CA  1 
ATOM   1009 C C   . MET A 1 147 ? -6.250  19.995  -6.780  1.00 29.13 ? 184 MET A C   1 
ATOM   1010 O O   . MET A 1 147 ? -7.188  19.653  -7.497  1.00 24.87 ? 184 MET A O   1 
ATOM   1011 C CB  . MET A 1 147 ? -4.260  20.727  -8.051  1.00 32.17 ? 184 MET A CB  1 
ATOM   1012 C CG  . MET A 1 147 ? -2.735  20.800  -8.135  1.00 37.08 ? 184 MET A CG  1 
ATOM   1013 S SD  . MET A 1 147 ? -2.225  21.769  -9.578  1.00 42.32 ? 184 MET A SD  1 
ATOM   1014 C CE  . MET A 1 147 ? -2.539  23.493  -8.989  1.00 42.12 ? 184 MET A CE  1 
ATOM   1015 N N   . LYS A 1 148 ? -6.397  20.721  -5.677  1.00 27.62 ? 185 LYS A N   1 
ATOM   1016 C CA  . LYS A 1 148 ? -7.684  21.203  -5.209  1.00 27.70 ? 185 LYS A CA  1 
ATOM   1017 C C   . LYS A 1 148 ? -7.843  22.632  -5.728  1.00 27.83 ? 185 LYS A C   1 
ATOM   1018 O O   . LYS A 1 148 ? -6.870  23.263  -6.132  1.00 27.80 ? 185 LYS A O   1 
ATOM   1019 C CB  . LYS A 1 148 ? -7.701  21.259  -3.678  1.00 31.34 ? 185 LYS A CB  1 
ATOM   1020 C CG  . LYS A 1 148 ? -7.317  19.962  -2.986  1.00 36.01 ? 185 LYS A CG  1 
ATOM   1021 C CD  . LYS A 1 148 ? -7.526  20.088  -1.475  1.00 37.17 ? 185 LYS A CD  1 
ATOM   1022 C CE  . LYS A 1 148 ? -7.081  18.846  -0.734  0.00 36.79 ? 185 LYS A CE  1 
ATOM   1023 N NZ  . LYS A 1 148 ? -7.235  19.048  0.729   0.00 36.91 ? 185 LYS A NZ  1 
ATOM   1024 N N   . CYS A 1 149 ? -9.067  23.138  -5.719  1.00 23.60 ? 186 CYS A N   1 
ATOM   1025 C CA  . CYS A 1 149 ? -9.308  24.510  -6.123  1.00 26.42 ? 186 CYS A CA  1 
ATOM   1026 C C   . CYS A 1 149 ? -8.590  25.390  -5.099  1.00 32.53 ? 186 CYS A C   1 
ATOM   1027 O O   . CYS A 1 149 ? -8.485  25.010  -3.936  1.00 30.66 ? 186 CYS A O   1 
ATOM   1028 C CB  . CYS A 1 149 ? -10.794 24.804  -6.072  1.00 25.34 ? 186 CYS A CB  1 
ATOM   1029 S SG  . CYS A 1 149 ? -11.793 23.773  -7.198  1.00 26.82 ? 186 CYS A SG  1 
ATOM   1030 N N   . LYS A 1 150 ? -8.114  26.562  -5.523  1.00 30.44 ? 187 LYS A N   1 
ATOM   1031 C CA  . LYS A 1 150 ? -7.402  27.475  -4.640  1.00 33.80 ? 187 LYS A CA  1 
ATOM   1032 C C   . LYS A 1 150 ? -8.198  28.752  -4.369  1.00 33.89 ? 187 LYS A C   1 
ATOM   1033 O O   . LYS A 1 150 ? -8.896  29.261  -5.240  1.00 31.93 ? 187 LYS A O   1 
ATOM   1034 C CB  . LYS A 1 150 ? -6.053  27.860  -5.247  1.00 33.02 ? 187 LYS A CB  1 
ATOM   1035 C CG  . LYS A 1 150 ? -5.131  26.705  -5.582  1.00 43.86 ? 187 LYS A CG  1 
ATOM   1036 C CD  . LYS A 1 150 ? -4.737  25.909  -4.351  1.00 54.53 ? 187 LYS A CD  1 
ATOM   1037 C CE  . LYS A 1 150 ? -3.346  25.277  -4.514  1.00 64.58 ? 187 LYS A CE  1 
ATOM   1038 N NZ  . LYS A 1 150 ? -3.220  24.365  -5.694  1.00 62.33 ? 187 LYS A NZ  1 
ATOM   1039 N N   . ALA A 1 151 ? -8.078  29.279  -3.158  1.00 29.50 ? 188 ALA A N   1 
ATOM   1040 C CA  . ALA A 1 151 ? -8.791  30.492  -2.797  1.00 33.68 ? 188 ALA A CA  1 
ATOM   1041 C C   . ALA A 1 151 ? -8.204  31.694  -3.532  1.00 29.43 ? 188 ALA A C   1 
ATOM   1042 O O   . ALA A 1 151 ? -6.996  31.772  -3.758  1.00 27.64 ? 188 ALA A O   1 
ATOM   1043 C CB  . ALA A 1 151 ? -8.705  30.712  -1.274  1.00 34.49 ? 188 ALA A CB  1 
ATOM   1044 N N   . TYR A 1 152 ? -9.062  32.633  -3.905  1.00 27.35 ? 189 TYR A N   1 
ATOM   1045 C CA  . TYR A 1 152 ? -8.596  33.836  -4.583  1.00 30.31 ? 189 TYR A CA  1 
ATOM   1046 C C   . TYR A 1 152 ? -7.581  34.554  -3.704  1.00 34.06 ? 189 TYR A C   1 
ATOM   1047 O O   . TYR A 1 152 ? -7.597  34.415  -2.486  1.00 36.39 ? 189 TYR A O   1 
ATOM   1048 C CB  . TYR A 1 152 ? -9.745  34.817  -4.788  1.00 34.06 ? 189 TYR A CB  1 
ATOM   1049 C CG  . TYR A 1 152 ? -10.785 34.450  -5.816  1.00 37.15 ? 189 TYR A CG  1 
ATOM   1050 C CD1 . TYR A 1 152 ? -12.001 35.141  -5.859  1.00 34.04 ? 189 TYR A CD1 1 
ATOM   1051 C CD2 . TYR A 1 152 ? -10.548 33.457  -6.768  1.00 28.26 ? 189 TYR A CD2 1 
ATOM   1052 C CE1 . TYR A 1 152 ? -12.962 34.854  -6.827  1.00 35.60 ? 189 TYR A CE1 1 
ATOM   1053 C CE2 . TYR A 1 152 ? -11.500 33.163  -7.739  1.00 32.72 ? 189 TYR A CE2 1 
ATOM   1054 C CZ  . TYR A 1 152 ? -12.703 33.862  -7.762  1.00 34.49 ? 189 TYR A CZ  1 
ATOM   1055 O OH  . TYR A 1 152 ? -13.656 33.561  -8.706  1.00 37.01 ? 189 TYR A OH  1 
ATOM   1056 N N   . THR A 1 153 ? -6.711  35.333  -4.335  1.00 38.62 ? 190 THR A N   1 
ATOM   1057 C CA  . THR A 1 153 ? -5.754  36.155  -3.621  1.00 39.61 ? 190 THR A CA  1 
ATOM   1058 C C   . THR A 1 153 ? -6.659  37.207  -2.978  1.00 43.59 ? 190 THR A C   1 
ATOM   1059 O O   . THR A 1 153 ? -7.454  37.857  -3.665  1.00 45.61 ? 190 THR A O   1 
ATOM   1060 C CB  . THR A 1 153 ? -4.790  36.828  -4.601  1.00 38.85 ? 190 THR A CB  1 
ATOM   1061 O OG1 . THR A 1 153 ? -3.962  35.825  -5.197  1.00 40.56 ? 190 THR A OG1 1 
ATOM   1062 C CG2 . THR A 1 153 ? -3.903  37.846  -3.893  1.00 35.73 ? 190 THR A CG2 1 
ATOM   1063 N N   . ASP A 1 154 ? -6.572  37.351  -1.660  1.00 49.28 ? 191 ASP A N   1 
ATOM   1064 C CA  . ASP A 1 154 ? -7.416  38.310  -0.945  1.00 51.69 ? 191 ASP A CA  1 
ATOM   1065 C C   . ASP A 1 154 ? -6.948  39.743  -1.157  1.00 52.78 ? 191 ASP A C   1 
ATOM   1066 O O   . ASP A 1 154 ? -6.049  40.218  -0.471  1.00 53.12 ? 191 ASP A O   1 
ATOM   1067 C CB  . ASP A 1 154 ? -7.434  37.977  0.549   1.00 55.30 ? 191 ASP A CB  1 
ATOM   1068 C CG  . ASP A 1 154 ? -8.482  38.774  1.320   1.00 61.97 ? 191 ASP A CG  1 
ATOM   1069 O OD1 . ASP A 1 154 ? -9.041  38.219  2.290   1.00 63.68 ? 191 ASP A OD1 1 
ATOM   1070 O OD2 . ASP A 1 154 ? -8.745  39.946  0.970   1.00 54.46 ? 191 ASP A OD2 1 
ATOM   1071 N N   . CYS A 1 155 ? -7.578  40.428  -2.105  1.00 53.97 ? 192 CYS A N   1 
ATOM   1072 C CA  . CYS A 1 155 ? -7.220  41.802  -2.428  1.00 58.44 ? 192 CYS A CA  1 
ATOM   1073 C C   . CYS A 1 155 ? -7.286  42.719  -1.205  1.00 61.64 ? 192 CYS A C   1 
ATOM   1074 O O   . CYS A 1 155 ? -6.285  43.336  -0.819  1.00 60.09 ? 192 CYS A O   1 
ATOM   1075 C CB  . CYS A 1 155 ? -8.142  42.341  -3.527  1.00 56.81 ? 192 CYS A CB  1 
ATOM   1076 S SG  . CYS A 1 155 ? -8.063  41.462  -5.129  1.00 56.47 ? 192 CYS A SG  1 
ATOM   1077 N N   . LEU A 1 156 ? -8.469  42.807  -0.604  1.00 62.40 ? 193 LEU A N   1 
ATOM   1078 C CA  . LEU A 1 156 ? -8.671  43.647  0.570   1.00 66.36 ? 193 LEU A CA  1 
ATOM   1079 C C   . LEU A 1 156 ? -7.558  43.455  1.605   1.00 68.63 ? 193 LEU A C   1 
ATOM   1080 O O   . LEU A 1 156 ? -6.968  44.425  2.079   1.00 69.67 ? 193 LEU A O   1 
ATOM   1081 C CB  . LEU A 1 156 ? -10.034 43.348  1.206   1.00 62.09 ? 193 LEU A CB  1 
ATOM   1082 C CG  . LEU A 1 156 ? -11.271 43.860  0.457   1.00 60.33 ? 193 LEU A CG  1 
ATOM   1083 C CD1 . LEU A 1 156 ? -11.348 43.234  -0.927  0.00 60.94 ? 193 LEU A CD1 1 
ATOM   1084 C CD2 . LEU A 1 156 ? -12.518 43.526  1.260   0.00 60.94 ? 193 LEU A CD2 1 
ATOM   1085 N N   . SER A 1 157 ? -7.261  42.204  1.937   1.00 69.98 ? 194 SER A N   1 
ATOM   1086 C CA  . SER A 1 157 ? -6.220  41.902  2.916   1.00 69.88 ? 194 SER A CA  1 
ATOM   1087 C C   . SER A 1 157 ? -4.856  42.415  2.465   1.00 68.72 ? 194 SER A C   1 
ATOM   1088 O O   . SER A 1 157 ? -3.858  42.233  3.153   1.00 69.55 ? 194 SER A O   1 
ATOM   1089 C CB  . SER A 1 157 ? -6.141  40.393  3.159   1.00 69.03 ? 194 SER A CB  1 
ATOM   1090 O OG  . SER A 1 157 ? -5.742  39.714  1.982   1.00 69.25 ? 194 SER A OG  1 
ATOM   1091 N N   . GLN A 1 158 ? -4.807  43.050  1.306   1.00 68.94 ? 195 GLN A N   1 
ATOM   1092 C CA  . GLN A 1 158 ? -3.547  43.576  0.808   1.00 72.40 ? 195 GLN A CA  1 
ATOM   1093 C C   . GLN A 1 158 ? -3.718  45.062  0.562   1.00 73.78 ? 195 GLN A C   1 
ATOM   1094 O O   . GLN A 1 158 ? -2.863  45.714  -0.043  1.00 74.04 ? 195 GLN A O   1 
ATOM   1095 C CB  . GLN A 1 158 ? -3.164  42.870  -0.486  1.00 72.83 ? 195 GLN A CB  1 
ATOM   1096 C CG  . GLN A 1 158 ? -3.127  41.370  -0.353  1.00 77.09 ? 195 GLN A CG  1 
ATOM   1097 C CD  . GLN A 1 158 ? -2.825  40.694  -1.666  1.00 79.36 ? 195 GLN A CD  1 
ATOM   1098 O OE1 . GLN A 1 158 ? -3.438  41.006  -2.688  1.00 81.59 ? 195 GLN A OE1 1 
ATOM   1099 N NE2 . GLN A 1 158 ? -1.882  39.757  -1.648  1.00 80.34 ? 195 GLN A NE2 1 
ATOM   1100 N N   . ASN A 1 159 ? -4.839  45.590  1.045   1.00 75.12 ? 196 ASN A N   1 
ATOM   1101 C CA  . ASN A 1 159 ? -5.157  46.997  0.882   1.00 77.94 ? 196 ASN A CA  1 
ATOM   1102 C C   . ASN A 1 159 ? -5.201  47.343  -0.595  1.00 77.85 ? 196 ASN A C   1 
ATOM   1103 O O   . ASN A 1 159 ? -4.720  48.392  -1.030  1.00 79.52 ? 196 ASN A O   1 
ATOM   1104 C CB  . ASN A 1 159 ? -4.130  47.859  1.614   1.00 80.89 ? 196 ASN A CB  1 
ATOM   1105 C CG  . ASN A 1 159 ? -4.155  47.624  3.106   1.00 85.16 ? 196 ASN A CG  1 
ATOM   1106 O OD1 . ASN A 1 159 ? -5.207  47.727  3.740   1.00 85.57 ? 196 ASN A OD1 1 
ATOM   1107 N ND2 . ASN A 1 159 ? -2.998  47.303  3.678   1.00 89.63 ? 196 ASN A ND2 1 
ATOM   1108 N N   . LEU A 1 160 ? -5.781  46.425  -1.360  1.00 75.74 ? 197 LEU A N   1 
ATOM   1109 C CA  . LEU A 1 160 ? -5.940  46.591  -2.793  1.00 69.86 ? 197 LEU A CA  1 
ATOM   1110 C C   . LEU A 1 160 ? -7.400  46.315  -3.096  1.00 67.31 ? 197 LEU A C   1 
ATOM   1111 O O   . LEU A 1 160 ? -8.150  45.854  -2.235  1.00 64.32 ? 197 LEU A O   1 
ATOM   1112 C CB  . LEU A 1 160 ? -5.065  45.596  -3.556  1.00 65.09 ? 197 LEU A CB  1 
ATOM   1113 C CG  . LEU A 1 160 ? -3.553  45.748  -3.406  1.00 64.96 ? 197 LEU A CG  1 
ATOM   1114 C CD1 . LEU A 1 160 ? -2.848  44.662  -4.205  1.00 64.57 ? 197 LEU A CD1 1 
ATOM   1115 C CD2 . LEU A 1 160 ? -3.130  47.124  -3.897  1.00 67.26 ? 197 LEU A CD2 1 
ATOM   1116 N N   . VAL A 1 161 ? -7.802  46.611  -4.320  1.00 65.14 ? 198 VAL A N   1 
ATOM   1117 C CA  . VAL A 1 161 ? -9.166  46.360  -4.736  1.00 65.43 ? 198 VAL A CA  1 
ATOM   1118 C C   . VAL A 1 161 ? -9.085  45.293  -5.823  1.00 62.93 ? 198 VAL A C   1 
ATOM   1119 O O   . VAL A 1 161 ? -8.013  45.030  -6.371  1.00 59.60 ? 198 VAL A O   1 
ATOM   1120 C CB  . VAL A 1 161 ? -9.826  47.642  -5.310  1.00 67.24 ? 198 VAL A CB  1 
ATOM   1121 C CG1 . VAL A 1 161 ? -11.286 47.377  -5.641  0.00 66.71 ? 198 VAL A CG1 1 
ATOM   1122 C CG2 . VAL A 1 161 ? -9.704  48.780  -4.309  0.00 66.71 ? 198 VAL A CG2 1 
ATOM   1123 N N   . VAL A 1 162 ? -10.209 44.656  -6.112  1.00 60.85 ? 199 VAL A N   1 
ATOM   1124 C CA  . VAL A 1 162 ? -10.228 43.655  -7.157  1.00 56.17 ? 199 VAL A CA  1 
ATOM   1125 C C   . VAL A 1 162 ? -10.420 44.433  -8.448  1.00 56.90 ? 199 VAL A C   1 
ATOM   1126 O O   . VAL A 1 162 ? -11.508 44.942  -8.712  1.00 57.16 ? 199 VAL A O   1 
ATOM   1127 C CB  . VAL A 1 162 ? -11.404 42.668  -6.981  1.00 58.49 ? 199 VAL A CB  1 
ATOM   1128 C CG1 . VAL A 1 162 ? -11.398 41.650  -8.115  1.00 51.97 ? 199 VAL A CG1 1 
ATOM   1129 C CG2 . VAL A 1 162 ? -11.304 41.966  -5.627  1.00 54.02 ? 199 VAL A CG2 1 
ATOM   1130 N N   . ILE A 1 163 ? -9.362  44.555  -9.242  1.00 55.20 ? 200 ILE A N   1 
ATOM   1131 C CA  . ILE A 1 163 ? -9.482  45.272  -10.503 1.00 52.92 ? 200 ILE A CA  1 
ATOM   1132 C C   . ILE A 1 163 ? -10.087 44.376  -11.577 1.00 49.15 ? 200 ILE A C   1 
ATOM   1133 O O   . ILE A 1 163 ? -10.616 44.862  -12.578 1.00 46.79 ? 200 ILE A O   1 
ATOM   1134 C CB  . ILE A 1 163 ? -8.126  45.821  -10.972 1.00 53.05 ? 200 ILE A CB  1 
ATOM   1135 C CG1 . ILE A 1 163 ? -7.092  44.707  -11.028 1.00 51.12 ? 200 ILE A CG1 1 
ATOM   1136 C CG2 . ILE A 1 163 ? -7.670  46.914  -10.021 1.00 56.40 ? 200 ILE A CG2 1 
ATOM   1137 C CD1 . ILE A 1 163 ? -5.734  45.179  -11.479 1.00 51.79 ? 200 ILE A CD1 1 
ATOM   1138 N N   . LYS A 1 164 ? -10.019 43.065  -11.366 1.00 44.59 ? 201 LYS A N   1 
ATOM   1139 C CA  . LYS A 1 164 ? -10.598 42.123  -12.317 1.00 41.36 ? 201 LYS A CA  1 
ATOM   1140 C C   . LYS A 1 164 ? -11.084 40.898  -11.544 1.00 37.47 ? 201 LYS A C   1 
ATOM   1141 O O   . LYS A 1 164 ? -10.312 40.224  -10.847 1.00 37.98 ? 201 LYS A O   1 
ATOM   1142 C CB  . LYS A 1 164 ? -9.562  41.728  -13.391 1.00 42.37 ? 201 LYS A CB  1 
ATOM   1143 C CG  . LYS A 1 164 ? -10.150 41.109  -14.681 1.00 43.31 ? 201 LYS A CG  1 
ATOM   1144 C CD  . LYS A 1 164 ? -9.022  40.628  -15.623 1.00 45.79 ? 201 LYS A CD  1 
ATOM   1145 C CE  . LYS A 1 164 ? -9.526  39.836  -16.849 1.00 43.56 ? 201 LYS A CE  1 
ATOM   1146 N NZ  . LYS A 1 164 ? -8.454  38.961  -17.509 1.00 22.20 ? 201 LYS A NZ  1 
ATOM   1147 N N   . PRO A 1 165 ? -12.386 40.607  -11.634 1.00 36.22 ? 202 PRO A N   1 
ATOM   1148 C CA  . PRO A 1 165 ? -12.920 39.447  -10.919 1.00 38.52 ? 202 PRO A CA  1 
ATOM   1149 C C   . PRO A 1 165 ? -12.278 38.143  -11.386 1.00 41.25 ? 202 PRO A C   1 
ATOM   1150 O O   . PRO A 1 165 ? -11.762 38.044  -12.510 1.00 38.44 ? 202 PRO A O   1 
ATOM   1151 C CB  . PRO A 1 165 ? -14.407 39.494  -11.242 1.00 38.08 ? 202 PRO A CB  1 
ATOM   1152 C CG  . PRO A 1 165 ? -14.427 40.098  -12.610 1.00 43.61 ? 202 PRO A CG  1 
ATOM   1153 C CD  . PRO A 1 165 ? -13.420 41.220  -12.484 1.00 38.30 ? 202 PRO A CD  1 
ATOM   1154 N N   . GLY A 1 166 ? -12.291 37.151  -10.505 1.00 35.62 ? 203 GLY A N   1 
ATOM   1155 C CA  . GLY A 1 166 ? -11.743 35.869  -10.874 1.00 37.92 ? 203 GLY A CA  1 
ATOM   1156 C C   . GLY A 1 166 ? -12.891 35.059  -11.433 1.00 37.91 ? 203 GLY A C   1 
ATOM   1157 O O   . GLY A 1 166 ? -14.014 35.561  -11.568 1.00 38.44 ? 203 GLY A O   1 
ATOM   1158 N N   . THR A 1 167 ? -12.602 33.814  -11.784 1.00 32.03 ? 204 THR A N   1 
ATOM   1159 C CA  . THR A 1 167 ? -13.613 32.903  -12.296 1.00 30.60 ? 204 THR A CA  1 
ATOM   1160 C C   . THR A 1 167 ? -13.251 31.597  -11.615 1.00 29.49 ? 204 THR A C   1 
ATOM   1161 O O   . THR A 1 167 ? -12.367 31.587  -10.746 1.00 26.79 ? 204 THR A O   1 
ATOM   1162 C CB  . THR A 1 167 ? -13.513 32.758  -13.832 1.00 34.04 ? 204 THR A CB  1 
ATOM   1163 O OG1 . THR A 1 167 ? -12.248 32.181  -14.187 1.00 32.72 ? 204 THR A OG1 1 
ATOM   1164 C CG2 . THR A 1 167 ? -13.629 34.136  -14.493 1.00 33.47 ? 204 THR A CG2 1 
ATOM   1165 N N   . LYS A 1 168 ? -13.920 30.509  -11.978 1.00 24.77 ? 205 LYS A N   1 
ATOM   1166 C CA  . LYS A 1 168 ? -13.608 29.213  -11.381 1.00 26.68 ? 205 LYS A CA  1 
ATOM   1167 C C   . LYS A 1 168 ? -12.318 28.688  -11.989 1.00 24.86 ? 205 LYS A C   1 
ATOM   1168 O O   . LYS A 1 168 ? -11.773 27.676  -11.537 1.00 28.78 ? 205 LYS A O   1 
ATOM   1169 C CB  . LYS A 1 168 ? -14.734 28.203  -11.629 1.00 29.46 ? 205 LYS A CB  1 
ATOM   1170 C CG  . LYS A 1 168 ? -16.050 28.533  -10.911 1.00 28.81 ? 205 LYS A CG  1 
ATOM   1171 C CD  . LYS A 1 168 ? -17.122 27.509  -11.248 1.00 30.74 ? 205 LYS A CD  1 
ATOM   1172 C CE  . LYS A 1 168 ? -18.485 27.907  -10.689 1.00 36.79 ? 205 LYS A CE  1 
ATOM   1173 N NZ  . LYS A 1 168 ? -18.435 28.166  -9.213  1.00 40.87 ? 205 LYS A NZ  1 
ATOM   1174 N N   . GLU A 1 169 ? -11.825 29.386  -13.009 1.00 23.15 ? 206 GLU A N   1 
ATOM   1175 C CA  . GLU A 1 169 ? -10.594 28.979  -13.686 1.00 22.84 ? 206 GLU A CA  1 
ATOM   1176 C C   . GLU A 1 169 ? -9.411  29.906  -13.406 1.00 24.51 ? 206 GLU A C   1 
ATOM   1177 O O   . GLU A 1 169 ? -8.259  29.515  -13.609 1.00 24.90 ? 206 GLU A O   1 
ATOM   1178 C CB  . GLU A 1 169 ? -10.807 28.938  -15.208 1.00 18.74 ? 206 GLU A CB  1 
ATOM   1179 C CG  . GLU A 1 169 ? -11.974 28.044  -15.696 1.00 24.42 ? 206 GLU A CG  1 
ATOM   1180 C CD  . GLU A 1 169 ? -12.352 28.334  -17.159 1.00 28.25 ? 206 GLU A CD  1 
ATOM   1181 O OE1 . GLU A 1 169 ? -13.275 27.680  -17.704 1.00 26.07 ? 206 GLU A OE1 1 
ATOM   1182 O OE2 . GLU A 1 169 ? -11.731 29.236  -17.760 1.00 21.09 ? 206 GLU A OE2 1 
ATOM   1183 N N   . THR A 1 170 ? -9.697  31.123  -12.947 1.00 22.16 ? 207 THR A N   1 
ATOM   1184 C CA  . THR A 1 170 ? -8.662  32.127  -12.705 1.00 22.26 ? 207 THR A CA  1 
ATOM   1185 C C   . THR A 1 170 ? -8.828  32.953  -11.420 1.00 21.97 ? 207 THR A C   1 
ATOM   1186 O O   . THR A 1 170 ? -9.944  33.260  -10.993 1.00 24.75 ? 207 THR A O   1 
ATOM   1187 C CB  . THR A 1 170 ? -8.592  33.137  -13.884 1.00 22.09 ? 207 THR A CB  1 
ATOM   1188 O OG1 . THR A 1 170 ? -9.875  33.748  -14.042 1.00 21.64 ? 207 THR A OG1 1 
ATOM   1189 C CG2 . THR A 1 170 ? -8.198  32.440  -15.203 1.00 21.75 ? 207 THR A CG2 1 
ATOM   1190 N N   . ASP A 1 171 ? -7.692  33.327  -10.834 1.00 26.44 ? 208 ASP A N   1 
ATOM   1191 C CA  . ASP A 1 171 ? -7.651  34.126  -9.610  1.00 27.64 ? 208 ASP A CA  1 
ATOM   1192 C C   . ASP A 1 171 ? -8.120  35.529  -9.934  1.00 33.86 ? 208 ASP A C   1 
ATOM   1193 O O   . ASP A 1 171 ? -7.994  35.980  -11.078 1.00 32.09 ? 208 ASP A O   1 
ATOM   1194 C CB  . ASP A 1 171 ? -6.216  34.205  -9.107  1.00 32.35 ? 208 ASP A CB  1 
ATOM   1195 C CG  . ASP A 1 171 ? -6.099  34.853  -7.731  1.00 35.16 ? 208 ASP A CG  1 
ATOM   1196 O OD1 . ASP A 1 171 ? -4.951  35.070  -7.301  1.00 33.74 ? 208 ASP A OD1 1 
ATOM   1197 O OD2 . ASP A 1 171 ? -7.129  35.132  -7.084  1.00 28.66 ? 208 ASP A OD2 1 
ATOM   1198 N N   . ASN A 1 172 ? -8.661  36.234  -8.946  1.00 36.06 ? 209 ASN A N   1 
ATOM   1199 C CA  . ASN A 1 172 ? -9.064  37.603  -9.218  1.00 36.25 ? 209 ASN A CA  1 
ATOM   1200 C C   . ASN A 1 172 ? -7.774  38.414  -9.328  1.00 37.07 ? 209 ASN A C   1 
ATOM   1201 O O   . ASN A 1 172 ? -6.736  38.012  -8.793  1.00 36.68 ? 209 ASN A O   1 
ATOM   1202 C CB  . ASN A 1 172 ? -10.008 38.153  -8.120  1.00 37.59 ? 209 ASN A CB  1 
ATOM   1203 C CG  . ASN A 1 172 ? -9.405  38.135  -6.703  1.00 38.66 ? 209 ASN A CG  1 
ATOM   1204 O OD1 . ASN A 1 172 ? -10.143 38.258  -5.727  1.00 32.43 ? 209 ASN A OD1 1 
ATOM   1205 N ND2 . ASN A 1 172 ? -8.087  37.996  -6.587  1.00 31.06 ? 209 ASN A ND2 1 
ATOM   1206 N N   . VAL A 1 173 ? -7.815  39.510  -10.078 1.00 37.22 ? 210 VAL A N   1 
ATOM   1207 C CA  . VAL A 1 173 ? -6.645  40.368  -10.223 1.00 38.87 ? 210 VAL A CA  1 
ATOM   1208 C C   . VAL A 1 173 ? -6.812  41.515  -9.212  1.00 43.82 ? 210 VAL A C   1 
ATOM   1209 O O   . VAL A 1 173 ? -7.841  42.186  -9.187  1.00 46.91 ? 210 VAL A O   1 
ATOM   1210 C CB  . VAL A 1 173 ? -6.552  40.943  -11.657 1.00 40.24 ? 210 VAL A CB  1 
ATOM   1211 C CG1 . VAL A 1 173 ? -5.251  41.732  -11.829 1.00 37.11 ? 210 VAL A CG1 1 
ATOM   1212 C CG2 . VAL A 1 173 ? -6.613  39.806  -12.683 1.00 33.10 ? 210 VAL A CG2 1 
ATOM   1213 N N   . CYS A 1 174 ? -5.812  41.727  -8.364  1.00 47.97 ? 211 CYS A N   1 
ATOM   1214 C CA  . CYS A 1 174 ? -5.889  42.788  -7.359  1.00 48.70 ? 211 CYS A CA  1 
ATOM   1215 C C   . CYS A 1 174 ? -5.132  44.030  -7.796  1.00 49.24 ? 211 CYS A C   1 
ATOM   1216 O O   . CYS A 1 174 ? -4.101  43.932  -8.466  1.00 47.03 ? 211 CYS A O   1 
ATOM   1217 C CB  . CYS A 1 174 ? -5.305  42.318  -6.028  1.00 51.37 ? 211 CYS A CB  1 
ATOM   1218 S SG  . CYS A 1 174 ? -6.126  40.894  -5.263  1.00 42.89 ? 211 CYS A SG  1 
ATOM   1219 N N   . GLY A 1 175 ? -5.635  45.193  -7.389  1.00 52.20 ? 212 GLY A N   1 
ATOM   1220 C CA  . GLY A 1 175 ? -4.990  46.448  -7.750  1.00 63.88 ? 212 GLY A CA  1 
ATOM   1221 C C   . GLY A 1 175 ? -5.592  47.693  -7.110  1.00 68.04 ? 212 GLY A C   1 
ATOM   1222 O O   . GLY A 1 175 ? -6.373  47.558  -6.138  1.00 67.57 ? 212 GLY A O   1 
HETATM 1223 C C   . ACT B 2 .   ? -11.065 38.078  -20.615 1.00 32.74 ? 1   ACT A C   1 
HETATM 1224 O O   . ACT B 2 .   ? -10.518 37.330  -21.461 1.00 32.53 ? 1   ACT A O   1 
HETATM 1225 O OXT . ACT B 2 .   ? -10.448 38.607  -19.663 1.00 39.40 ? 1   ACT A OXT 1 
HETATM 1226 C CH3 . ACT B 2 .   ? -12.542 38.373  -20.742 1.00 47.49 ? 1   ACT A CH3 1 
HETATM 1227 S S   . SO4 C 3 .   ? 2.452   -18.648 8.563   1.00 53.56 ? 2   SO4 A S   1 
HETATM 1228 O O1  . SO4 C 3 .   ? 3.414   -18.480 9.682   1.00 45.48 ? 2   SO4 A O1  1 
HETATM 1229 O O2  . SO4 C 3 .   ? 2.315   -20.081 8.245   1.00 55.85 ? 2   SO4 A O2  1 
HETATM 1230 O O3  . SO4 C 3 .   ? 1.146   -18.103 8.982   1.00 50.67 ? 2   SO4 A O3  1 
HETATM 1231 O O4  . SO4 C 3 .   ? 2.918   -17.955 7.346   1.00 49.08 ? 2   SO4 A O4  1 
HETATM 1232 O O   . HOH D 4 .   ? 4.531   -42.827 20.545  1.00 17.67 ? 219 HOH A O   1 
HETATM 1233 O O   . HOH D 4 .   ? -15.096 28.652  -19.125 1.00 21.66 ? 220 HOH A O   1 
HETATM 1234 O O   . HOH D 4 .   ? -1.536  -8.982  -4.125  1.00 38.24 ? 221 HOH A O   1 
HETATM 1235 O O   . HOH D 4 .   ? 15.192  -15.529 6.859   1.00 24.18 ? 222 HOH A O   1 
HETATM 1236 O O   . HOH D 4 .   ? 5.702   -9.008  -9.159  1.00 37.03 ? 223 HOH A O   1 
HETATM 1237 O O   . HOH D 4 .   ? 20.148  -22.847 10.860  1.00 25.26 ? 224 HOH A O   1 
HETATM 1238 O O   . HOH D 4 .   ? -13.627 4.570   -8.177  1.00 30.18 ? 225 HOH A O   1 
HETATM 1239 O O   . HOH D 4 .   ? 13.487  -26.741 20.941  1.00 26.15 ? 226 HOH A O   1 
HETATM 1240 O O   . HOH D 4 .   ? 18.186  -22.268 14.724  1.00 20.70 ? 227 HOH A O   1 
HETATM 1241 O O   . HOH D 4 .   ? 3.311   -23.267 -0.382  1.00 41.37 ? 228 HOH A O   1 
HETATM 1242 O O   . HOH D 4 .   ? 9.916   -21.445 23.861  1.00 37.89 ? 229 HOH A O   1 
HETATM 1243 O O   . HOH D 4 .   ? -9.490  36.884  -13.232 1.00 40.77 ? 230 HOH A O   1 
HETATM 1244 O O   . HOH D 4 .   ? 18.926  -19.020 8.401   1.00 38.53 ? 231 HOH A O   1 
HETATM 1245 O O   . HOH D 4 .   ? -4.715  -1.350  -6.823  1.00 35.85 ? 232 HOH A O   1 
HETATM 1246 O O   . HOH D 4 .   ? -2.339  15.559  -12.435 1.00 43.89 ? 233 HOH A O   1 
HETATM 1247 O O   . HOH D 4 .   ? 11.398  -14.852 0.127   1.00 40.96 ? 234 HOH A O   1 
HETATM 1248 O O   . HOH D 4 .   ? -14.072 24.755  -4.234  1.00 38.56 ? 235 HOH A O   1 
HETATM 1249 O O   . HOH D 4 .   ? -6.297  27.723  -1.010  1.00 36.44 ? 236 HOH A O   1 
HETATM 1250 O O   . HOH D 4 .   ? 8.384   -14.680 14.598  1.00 37.19 ? 237 HOH A O   1 
HETATM 1251 O O   . HOH D 4 .   ? 19.997  -17.017 5.420   1.00 41.84 ? 238 HOH A O   1 
HETATM 1252 O O   . HOH D 4 .   ? -17.338 31.410  -9.110  1.00 40.29 ? 239 HOH A O   1 
HETATM 1253 O O   . HOH D 4 .   ? 3.015   -21.385 21.963  1.00 42.40 ? 240 HOH A O   1 
HETATM 1254 O O   . HOH D 4 .   ? 6.724   -4.064  -8.534  1.00 36.61 ? 241 HOH A O   1 
HETATM 1255 O O   . HOH D 4 .   ? -18.860 23.529  -5.709  1.00 40.46 ? 242 HOH A O   1 
HETATM 1256 O O   . HOH D 4 .   ? 5.328   -29.393 12.998  1.00 33.79 ? 243 HOH A O   1 
HETATM 1257 O O   . HOH D 4 .   ? -5.187  14.802  -4.425  1.00 37.99 ? 244 HOH A O   1 
HETATM 1258 O O   . HOH D 4 .   ? -1.861  26.235  -10.819 1.00 43.25 ? 245 HOH A O   1 
HETATM 1259 O O   . HOH D 4 .   ? 13.561  -15.665 1.400   1.00 44.96 ? 246 HOH A O   1 
HETATM 1260 O O   . HOH D 4 .   ? 5.007   -22.243 25.109  1.00 46.83 ? 247 HOH A O   1 
HETATM 1261 O O   . HOH D 4 .   ? 13.456  -37.322 21.622  1.00 39.91 ? 248 HOH A O   1 
HETATM 1262 O O   . HOH D 4 .   ? 13.971  -38.185 11.136  1.00 43.01 ? 249 HOH A O   1 
HETATM 1263 O O   . HOH D 4 .   ? 9.487   -32.132 25.699  1.00 27.40 ? 250 HOH A O   1 
HETATM 1264 O O   . HOH D 4 .   ? -14.933 10.123  -9.824  1.00 45.92 ? 251 HOH A O   1 
HETATM 1265 O O   . HOH D 4 .   ? -4.934  36.269  -0.053  1.00 39.73 ? 252 HOH A O   1 
HETATM 1266 O O   . HOH D 4 .   ? 22.209  -28.582 12.997  1.00 42.92 ? 253 HOH A O   1 
HETATM 1267 O O   . HOH D 4 .   ? 9.839   -8.686  -8.341  1.00 53.82 ? 254 HOH A O   1 
HETATM 1268 O O   . HOH D 4 .   ? 13.766  -33.240 12.258  1.00 43.82 ? 255 HOH A O   1 
HETATM 1269 O O   . HOH D 4 .   ? 19.513  -20.703 6.554   1.00 41.31 ? 256 HOH A O   1 
HETATM 1270 O O   . HOH D 4 .   ? -2.822  33.564  -7.868  1.00 37.31 ? 257 HOH A O   1 
HETATM 1271 O O   . HOH D 4 .   ? 7.241   -1.460  -6.859  1.00 36.98 ? 258 HOH A O   1 
HETATM 1272 O O   . HOH D 4 .   ? 12.120  -13.594 -2.189  1.00 43.70 ? 259 HOH A O   1 
HETATM 1273 O O   . HOH D 4 .   ? 10.913  -23.969 2.769   1.00 41.02 ? 260 HOH A O   1 
HETATM 1274 O O   . HOH D 4 .   ? -8.605  18.467  -18.498 1.00 23.12 ? 261 HOH A O   1 
HETATM 1275 O O   . HOH D 4 .   ? 12.053  -8.640  -4.117  1.00 32.89 ? 262 HOH A O   1 
HETATM 1276 O O   . HOH D 4 .   ? 7.259   -45.246 17.433  1.00 32.18 ? 263 HOH A O   1 
HETATM 1277 O O   . HOH D 4 .   ? 8.899   -3.543  -7.006  1.00 26.11 ? 264 HOH A O   1 
HETATM 1278 O O   . HOH D 4 .   ? 13.668  -37.384 13.505  1.00 35.04 ? 265 HOH A O   1 
HETATM 1279 O O   . HOH D 4 .   ? -5.271  10.722  -18.057 1.00 48.95 ? 266 HOH A O   1 
HETATM 1280 O O   . HOH D 4 .   ? 16.561  -39.325 16.299  1.00 45.69 ? 267 HOH A O   1 
HETATM 1281 O O   . HOH D 4 .   ? 23.415  -30.466 21.444  1.00 45.59 ? 268 HOH A O   1 
HETATM 1282 O O   . HOH D 4 .   ? -4.224  8.225   -2.068  1.00 44.71 ? 269 HOH A O   1 
HETATM 1283 O O   . HOH D 4 .   ? -16.537 27.203  -17.441 1.00 26.81 ? 270 HOH A O   1 
HETATM 1284 O O   . HOH D 4 .   ? -2.890  32.655  -10.530 1.00 34.10 ? 271 HOH A O   1 
HETATM 1285 O O   . HOH D 4 .   ? 13.726  -14.321 10.386  1.00 40.03 ? 272 HOH A O   1 
HETATM 1286 O O   . HOH D 4 .   ? 3.021   -0.436  -14.027 1.00 41.54 ? 273 HOH A O   1 
HETATM 1287 O O   . HOH D 4 .   ? 2.605   -19.734 11.877  1.00 49.02 ? 274 HOH A O   1 
HETATM 1288 O O   . HOH D 4 .   ? 7.700   -23.836 -0.498  1.00 39.62 ? 275 HOH A O   1 
HETATM 1289 O O   . HOH D 4 .   ? 14.109  -34.985 14.545  1.00 40.32 ? 276 HOH A O   1 
HETATM 1290 O O   . HOH D 4 .   ? 0.565   -12.219 -7.154  1.00 34.60 ? 277 HOH A O   1 
HETATM 1291 O O   . HOH D 4 .   ? -11.858 32.966  -1.372  1.00 42.96 ? 278 HOH A O   1 
HETATM 1292 O O   . HOH D 4 .   ? -11.443 8.859   -4.167  1.00 41.84 ? 279 HOH A O   1 
HETATM 1293 O O   . HOH D 4 .   ? 0.200   -11.637 -4.369  1.00 47.83 ? 280 HOH A O   1 
HETATM 1294 O O   . HOH D 4 .   ? 17.193  -38.997 25.871  1.00 39.66 ? 281 HOH A O   1 
HETATM 1295 O O   . HOH D 4 .   ? -10.037 34.847  -1.089  1.00 40.53 ? 282 HOH A O   1 
HETATM 1296 O O   . HOH D 4 .   ? -0.509  13.876  -11.363 1.00 43.46 ? 283 HOH A O   1 
HETATM 1297 O O   . HOH D 4 .   ? 14.995  -19.986 20.388  1.00 40.35 ? 284 HOH A O   1 
HETATM 1298 O O   . HOH D 4 .   ? -9.634  12.899  0.183   1.00 45.18 ? 285 HOH A O   1 
HETATM 1299 O O   . HOH D 4 .   ? 2.217   -30.153 16.353  1.00 38.30 ? 286 HOH A O   1 
HETATM 1300 O O   . HOH D 4 .   ? 16.925  -41.921 19.511  1.00 39.89 ? 287 HOH A O   1 
HETATM 1301 O O   . HOH D 4 .   ? -0.644  34.873  -7.374  1.00 54.56 ? 288 HOH A O   1 
HETATM 1302 O O   . HOH D 4 .   ? -10.285 39.236  -3.011  1.00 50.34 ? 289 HOH A O   1 
HETATM 1303 O O   . HOH D 4 .   ? 5.316   -47.831 20.627  1.00 34.95 ? 290 HOH A O   1 
HETATM 1304 O O   . HOH D 4 .   ? 5.398   -51.098 20.944  1.00 41.76 ? 291 HOH A O   1 
HETATM 1305 O O   . HOH D 4 .   ? -19.039 10.752  -2.567  1.00 67.50 ? 292 HOH A O   1 
HETATM 1306 O O   . HOH D 4 .   ? -13.945 24.890  -17.356 0.50 18.14 ? 293 HOH A O   1 
HETATM 1307 O O   . HOH D 4 .   ? 12.209  -32.751 9.280   1.00 53.93 ? 294 HOH A O   1 
HETATM 1308 O O   . HOH D 4 .   ? 15.567  -37.269 9.237   1.00 53.87 ? 295 HOH A O   1 
HETATM 1309 O O   . HOH D 4 .   ? -3.445  21.281  -4.041  1.00 37.45 ? 296 HOH A O   1 
HETATM 1310 O O   . HOH D 4 .   ? 13.452  -4.765  -6.505  1.00 44.09 ? 297 HOH A O   1 
HETATM 1311 O O   . HOH D 4 .   ? 11.351  -3.368  -7.941  1.00 49.22 ? 298 HOH A O   1 
HETATM 1312 O O   . HOH D 4 .   ? 6.344   -6.331  -10.280 1.00 53.85 ? 299 HOH A O   1 
HETATM 1313 O O   . HOH D 4 .   ? -8.779  7.043   -17.031 1.00 52.05 ? 300 HOH A O   1 
HETATM 1314 O O   . HOH D 4 .   ? -1.127  19.338  -13.654 1.00 55.67 ? 301 HOH A O   1 
HETATM 1315 O O   . HOH D 4 .   ? 0.323   22.006  -12.982 1.00 37.99 ? 302 HOH A O   1 
HETATM 1316 O O   . HOH D 4 .   ? 0.007   23.701  -11.295 1.00 52.77 ? 303 HOH A O   1 
HETATM 1317 O O   . HOH D 4 .   ? 10.731  -44.739 23.526  1.00 50.12 ? 304 HOH A O   1 
HETATM 1318 O O   . HOH D 4 .   ? 13.304  -40.287 24.640  1.00 39.75 ? 305 HOH A O   1 
HETATM 1319 O O   . HOH D 4 .   ? -1.289  11.096  -10.829 1.00 54.85 ? 306 HOH A O   1 
HETATM 1320 O O   . HOH D 4 .   ? -3.072  12.828  -13.923 1.00 41.91 ? 307 HOH A O   1 
HETATM 1321 O O   . HOH D 4 .   ? 20.620  -28.160 17.704  1.00 42.82 ? 308 HOH A O   1 
HETATM 1322 O O   . HOH D 4 .   ? 25.872  -29.583 20.788  1.00 46.07 ? 309 HOH A O   1 
HETATM 1323 O O   . HOH D 4 .   ? 5.125   -1.850  -14.967 1.00 54.52 ? 310 HOH A O   1 
HETATM 1324 O O   . HOH D 4 .   ? -17.436 12.348  -8.260  1.00 45.62 ? 311 HOH A O   1 
HETATM 1325 O O   . HOH D 4 .   ? -1.897  35.151  -12.736 1.00 43.18 ? 312 HOH A O   1 
HETATM 1326 O O   . HOH D 4 .   ? -3.743  37.063  -11.753 1.00 43.26 ? 313 HOH A O   1 
HETATM 1327 O O   . HOH D 4 .   ? -3.705  37.414  -9.122  1.00 45.16 ? 314 HOH A O   1 
HETATM 1328 O O   . HOH D 4 .   ? 2.160   -23.550 1.646   1.00 48.56 ? 315 HOH A O   1 
HETATM 1329 O O   . HOH D 4 .   ? -5.683  33.622  -0.974  1.00 54.24 ? 316 HOH A O   1 
HETATM 1330 O O   . HOH D 4 .   ? 17.054  -19.180 -0.802  1.00 51.13 ? 317 HOH A O   1 
HETATM 1331 O O   . HOH D 4 .   ? 2.967   -23.817 13.120  1.00 43.83 ? 318 HOH A O   1 
HETATM 1332 O O   . HOH D 4 .   ? -11.014 37.233  -1.566  1.00 46.20 ? 319 HOH A O   1 
HETATM 1333 O O   . HOH D 4 .   ? 6.090   -15.915 21.480  1.00 55.98 ? 320 HOH A O   1 
HETATM 1334 O O   . HOH D 4 .   ? 3.781   -17.678 22.116  1.00 65.22 ? 321 HOH A O   1 
HETATM 1335 O O   . HOH D 4 .   ? 12.908  -42.730 24.705  1.00 41.61 ? 322 HOH A O   1 
HETATM 1336 O O   . HOH D 4 .   ? 10.093  -46.449 21.852  1.00 56.46 ? 323 HOH A O   1 
HETATM 1337 O O   . HOH D 4 .   ? 15.200  -44.184 24.434  1.00 54.60 ? 324 HOH A O   1 
HETATM 1338 O O   . HOH D 4 .   ? 13.062  -45.996 21.713  1.00 48.03 ? 325 HOH A O   1 
HETATM 1339 O O   . HOH D 4 .   ? 13.008  -40.267 27.550  1.00 57.37 ? 326 HOH A O   1 
HETATM 1340 O O   . HOH D 4 .   ? 15.827  -41.128 27.465  1.00 53.02 ? 327 HOH A O   1 
HETATM 1341 O O   . HOH D 4 .   ? 15.245  -17.102 21.693  1.00 60.88 ? 328 HOH A O   1 
HETATM 1342 O O   . HOH D 4 .   ? 13.804  -28.424 22.729  1.00 43.76 ? 329 HOH A O   1 
HETATM 1343 O O   . HOH D 4 .   ? 5.056   -13.666 15.048  1.00 51.58 ? 330 HOH A O   1 
HETATM 1344 O O   . HOH D 4 .   ? 3.257   -14.880 15.960  1.00 48.30 ? 331 HOH A O   1 
HETATM 1345 O O   . HOH D 4 .   ? 15.559  -29.841 7.079   1.00 51.09 ? 332 HOH A O   1 
HETATM 1346 O O   . HOH D 4 .   ? 19.181  -29.106 7.980   1.00 52.60 ? 333 HOH A O   1 
HETATM 1347 O O   . HOH D 4 .   ? 22.964  -32.605 20.294  1.00 52.40 ? 334 HOH A O   1 
HETATM 1348 O O   . HOH D 4 .   ? 24.084  -31.217 24.182  1.00 41.30 ? 335 HOH A O   1 
HETATM 1349 O O   . HOH D 4 .   ? 18.215  -15.732 3.499   1.00 47.23 ? 336 HOH A O   1 
HETATM 1350 O O   . HOH D 4 .   ? 2.867   -28.081 14.473  1.00 51.02 ? 337 HOH A O   1 
HETATM 1351 O O   . HOH D 4 .   ? -0.274  -16.058 -7.768  1.00 55.20 ? 338 HOH A O   1 
HETATM 1352 O O   . HOH D 4 .   ? -3.886  10.778  -5.623  1.00 46.70 ? 339 HOH A O   1 
HETATM 1353 O O   . HOH D 4 .   ? -6.730  1.978   -1.642  1.00 46.63 ? 340 HOH A O   1 
HETATM 1354 O O   . HOH D 4 .   ? -20.433 27.974  -5.401  1.00 50.52 ? 341 HOH A O   1 
HETATM 1355 O O   . HOH D 4 .   ? -21.283 28.973  -7.960  1.00 54.06 ? 342 HOH A O   1 
HETATM 1356 O O   . HOH D 4 .   ? -15.301 29.629  -1.425  1.00 63.73 ? 343 HOH A O   1 
HETATM 1357 O O   . HOH D 4 .   ? -12.089 30.851  0.159   1.00 65.90 ? 344 HOH A O   1 
HETATM 1358 O O   . HOH D 4 .   ? -2.996  33.781  -3.685  1.00 49.98 ? 345 HOH A O   1 
HETATM 1359 O O   . HOH D 4 .   ? -4.308  48.524  -9.929  1.00 59.27 ? 346 HOH A O   1 
HETATM 1360 O O   . HOH D 4 .   ? 16.999  -42.443 22.916  1.00 65.02 ? 347 HOH A O   1 
HETATM 1361 O O   . HOH D 4 .   ? 15.849  -39.939 23.545  1.00 51.77 ? 348 HOH A O   1 
HETATM 1362 O O   . HOH D 4 .   ? 17.630  -37.574 22.613  1.00 63.73 ? 349 HOH A O   1 
HETATM 1363 O O   . HOH D 4 .   ? -3.315  27.834  -8.372  1.00 47.20 ? 350 HOH A O   1 
HETATM 1364 O O   . HOH D 4 .   ? 10.090  -11.755 -6.462  1.00 41.59 ? 351 HOH A O   1 
HETATM 1365 O O   . HOH D 4 .   ? 11.545  -13.899 -5.235  1.00 44.83 ? 352 HOH A O   1 
HETATM 1366 O O   . HOH D 4 .   ? -2.752  15.580  -14.713 1.00 44.39 ? 353 HOH A O   1 
HETATM 1367 O O   . HOH D 4 .   ? 1.526   14.586  -9.289  1.00 51.66 ? 354 HOH A O   1 
HETATM 1368 O O   . HOH D 4 .   ? -21.199 21.332  -10.052 1.00 38.58 ? 355 HOH A O   1 
HETATM 1369 O O   . HOH D 4 .   ? 1.051   9.840   -9.730  1.00 47.89 ? 356 HOH A O   1 
HETATM 1370 O O   . HOH D 4 .   ? -16.127 35.521  -8.834  1.00 48.97 ? 357 HOH A O   1 
HETATM 1371 O O   . HOH D 4 .   ? -14.102 37.783  -8.297  1.00 56.50 ? 358 HOH A O   1 
HETATM 1372 O O   . HOH D 4 .   ? -13.042 38.398  -5.684  1.00 51.72 ? 359 HOH A O   1 
HETATM 1373 O O   . HOH D 4 .   ? -16.140 36.155  -12.884 1.00 57.03 ? 360 HOH A O   1 
HETATM 1374 O O   . HOH D 4 .   ? 15.762  -15.692 4.286   1.00 46.76 ? 361 HOH A O   1 
HETATM 1375 O O   . HOH D 4 .   ? 0.369   -24.283 3.342   1.00 56.87 ? 362 HOH A O   1 
HETATM 1376 O O   . HOH D 4 .   ? -6.575  25.156  -1.708  1.00 52.15 ? 363 HOH A O   1 
HETATM 1377 O O   . HOH D 4 .   ? -4.626  29.527  -1.918  1.00 61.96 ? 364 HOH A O   1 
HETATM 1378 O O   . HOH D 4 .   ? 2.958   -20.821 24.553  1.00 57.72 ? 365 HOH A O   1 
HETATM 1379 O O   . HOH D 4 .   ? -2.723  35.512  -0.763  1.00 55.58 ? 366 HOH A O   1 
HETATM 1380 O O   . HOH D 4 .   ? 10.188  -24.481 -0.435  1.00 49.42 ? 367 HOH A O   1 
HETATM 1381 O O   . HOH D 4 .   ? 8.616   -45.897 19.269  1.00 59.13 ? 368 HOH A O   1 
HETATM 1382 O O   . HOH D 4 .   ? -9.168  9.457   -0.830  1.00 46.74 ? 369 HOH A O   1 
HETATM 1383 O O   . HOH D 4 .   ? -0.054  2.661   -5.950  1.00 41.69 ? 370 HOH A O   1 
HETATM 1384 O O   . HOH D 4 .   ? -1.745  -16.983 -6.130  1.00 61.80 ? 371 HOH A O   1 
HETATM 1385 O O   . HOH D 4 .   ? 1.254   -16.446 -13.108 1.00 66.44 ? 372 HOH A O   1 
HETATM 1386 O O   . HOH D 4 .   ? -10.986 27.886  0.137   1.00 59.86 ? 373 HOH A O   1 
HETATM 1387 O O   . HOH D 4 .   ? 12.950  -15.388 21.120  1.00 52.27 ? 374 HOH A O   1 
HETATM 1388 O O   . HOH D 4 .   ? -1.029  -20.691 16.833  1.00 53.11 ? 375 HOH A O   1 
HETATM 1389 O O   . HOH D 4 .   ? -3.660  40.069  -8.380  1.00 46.34 ? 376 HOH A O   1 
HETATM 1390 O O   . HOH D 4 .   ? 17.421  -18.491 2.191   1.00 69.56 ? 377 HOH A O   1 
HETATM 1391 O O   . HOH D 4 .   ? -0.227  -21.950 19.157  1.00 67.95 ? 378 HOH A O   1 
HETATM 1392 O O   . HOH D 4 .   ? 16.180  -39.077 11.033  1.00 70.20 ? 379 HOH A O   1 
HETATM 1393 O O   . HOH D 4 .   ? -16.386 9.159   -2.819  1.00 59.66 ? 380 HOH A O   1 
HETATM 1394 O O   . HOH D 4 .   ? -19.051 27.444  -16.257 1.00 40.75 ? 381 HOH A O   1 
HETATM 1395 O O   . HOH D 4 .   ? -19.995 27.686  -13.827 1.00 47.30 ? 382 HOH A O   1 
HETATM 1396 O O   . HOH D 4 .   ? 7.543   -48.880 21.344  1.00 63.00 ? 383 HOH A O   1 
HETATM 1397 O O   . HOH D 4 .   ? -0.161  17.135  -14.964 1.00 55.86 ? 384 HOH A O   1 
HETATM 1398 O O   . HOH D 4 .   ? 1.593   15.583  -6.893  1.00 52.96 ? 385 HOH A O   1 
HETATM 1399 O O   . HOH D 4 .   ? 4.707   -6.065  -12.237 1.00 70.46 ? 386 HOH A O   1 
HETATM 1400 O O   . HOH D 4 .   ? -4.376  23.913  -1.968  1.00 65.40 ? 387 HOH A O   1 
HETATM 1401 O O   . HOH D 4 .   ? -16.736 16.427  0.103   1.00 63.48 ? 388 HOH A O   1 
HETATM 1402 O O   . HOH D 4 .   ? -18.742 18.160  -0.819  1.00 60.80 ? 389 HOH A O   1 
HETATM 1403 O O   . HOH D 4 .   ? 11.728  -23.117 -2.069  1.00 51.24 ? 390 HOH A O   1 
HETATM 1404 O O   . HOH D 4 .   ? 7.844   -3.056  -11.262 1.00 57.38 ? 391 HOH A O   1 
HETATM 1405 O O   . HOH D 4 .   ? 17.120  -21.581 3.764   1.00 57.02 ? 392 HOH A O   1 
HETATM 1406 O O   . HOH D 4 .   ? 4.008   -16.467 -13.444 1.00 70.05 ? 393 HOH A O   1 
HETATM 1407 O O   . HOH D 4 .   ? -11.522 -4.116  -10.877 1.00 62.81 ? 394 HOH A O   1 
HETATM 1408 O O   . HOH D 4 .   ? -8.298  21.306  -12.096 1.00 19.19 ? 395 HOH A O   1 
HETATM 1409 O O   . HOH D 4 .   ? 7.725   -34.197 26.459  1.00 24.12 ? 396 HOH A O   1 
HETATM 1410 O O   . HOH D 4 .   ? -9.180  21.185  -18.531 1.00 18.36 ? 397 HOH A O   1 
HETATM 1411 O O   . HOH D 4 .   ? -7.683  19.270  -10.179 1.00 20.70 ? 398 HOH A O   1 
HETATM 1412 O O   . HOH D 4 .   ? 7.953   -43.582 15.093  1.00 17.74 ? 399 HOH A O   1 
HETATM 1413 O O   . HOH D 4 .   ? 4.725   -34.871 15.076  1.00 19.33 ? 400 HOH A O   1 
HETATM 1414 O O   . HOH D 4 .   ? -14.748 10.901  -12.995 1.00 29.61 ? 401 HOH A O   1 
HETATM 1415 O O   . HOH D 4 .   ? 11.187  -36.764 14.175  1.00 17.97 ? 402 HOH A O   1 
HETATM 1416 O O   . HOH D 4 .   ? 14.054  -39.291 15.777  1.00 22.28 ? 403 HOH A O   1 
HETATM 1417 O O   . HOH D 4 .   ? -10.346 16.482  -17.955 1.00 16.93 ? 404 HOH A O   1 
HETATM 1418 O O   . HOH D 4 .   ? -6.046  23.978  -8.795  1.00 26.26 ? 405 HOH A O   1 
HETATM 1419 O O   . HOH D 4 .   ? 9.268   -5.071  -4.658  1.00 25.96 ? 406 HOH A O   1 
HETATM 1420 O O   . HOH D 4 .   ? 12.493  -35.412 16.733  1.00 27.10 ? 407 HOH A O   1 
HETATM 1421 O O   . HOH D 4 .   ? -7.711  10.309  -16.792 1.00 25.42 ? 408 HOH A O   1 
HETATM 1422 O O   . HOH D 4 .   ? 3.455   -28.666 24.742  1.00 21.91 ? 409 HOH A O   1 
HETATM 1423 O O   . HOH D 4 .   ? 9.271   -9.506  -4.682  1.00 27.83 ? 410 HOH A O   1 
HETATM 1424 O O   . HOH D 4 .   ? -1.337  18.346  -11.150 1.00 27.31 ? 411 HOH A O   1 
HETATM 1425 O O   . HOH D 4 .   ? 5.884   -31.804 14.365  1.00 26.79 ? 412 HOH A O   1 
HETATM 1426 O O   . HOH D 4 .   ? 6.037   -29.914 27.721  1.00 23.71 ? 413 HOH A O   1 
HETATM 1427 O O   . HOH D 4 .   ? 19.033  -27.533 9.963   1.00 34.22 ? 414 HOH A O   1 
HETATM 1428 O O   . HOH D 4 .   ? -4.569  10.668  -14.569 1.00 30.16 ? 415 HOH A O   1 
HETATM 1429 O O   . HOH D 4 .   ? -5.860  12.670  -6.233  1.00 22.44 ? 416 HOH A O   1 
HETATM 1430 O O   . HOH D 4 .   ? 20.968  -28.990 20.532  1.00 31.68 ? 417 HOH A O   1 
HETATM 1431 O O   . HOH D 4 .   ? -15.347 12.978  -10.174 1.00 33.32 ? 418 HOH A O   1 
HETATM 1432 O O   . HOH D 4 .   ? -2.113  29.938  -10.812 1.00 35.10 ? 419 HOH A O   1 
HETATM 1433 O O   . HOH D 4 .   ? 15.428  -39.547 19.029  1.00 30.88 ? 420 HOH A O   1 
HETATM 1434 O O   . HOH D 4 .   ? -5.134  32.933  -12.335 1.00 27.47 ? 421 HOH A O   1 
HETATM 1435 O O   . HOH D 4 .   ? -11.036 21.089  -4.735  1.00 26.82 ? 422 HOH A O   1 
HETATM 1436 O O   . HOH D 4 .   ? -19.391 19.985  -8.621  1.00 25.13 ? 423 HOH A O   1 
HETATM 1437 O O   . HOH D 4 .   ? -14.761 31.154  -8.088  1.00 32.46 ? 424 HOH A O   1 
HETATM 1438 O O   . HOH D 4 .   ? 7.080   -1.415  -3.295  1.00 38.65 ? 425 HOH A O   1 
HETATM 1439 O O   . HOH D 4 .   ? -3.549  11.014  -9.429  1.00 28.70 ? 426 HOH A O   1 
HETATM 1440 O O   . HOH D 4 .   ? -14.491 7.140   -12.087 1.00 32.50 ? 427 HOH A O   1 
HETATM 1441 O O   . HOH D 4 .   ? 17.323  -31.181 16.858  1.00 28.78 ? 428 HOH A O   1 
HETATM 1442 O O   . HOH D 4 .   ? -12.062 31.781  -16.947 1.00 28.59 ? 429 HOH A O   1 
# 
